data_8GQG
#
_entry.id   8GQG
#
_cell.length_a   118.223
_cell.length_b   204.782
_cell.length_c   262.127
_cell.angle_alpha   90.000
_cell.angle_beta   90.000
_cell.angle_gamma   90.000
#
_symmetry.space_group_name_H-M   'C 2 2 21'
#
loop_
_entity.id
_entity.type
_entity.pdbx_description
1 polymer Thiolase
2 water water
#
_entity_poly.entity_id   1
_entity_poly.type   'polypeptide(L)'
_entity_poly.pdbx_seq_one_letter_code
;MREVVIVDSVRTGLAKSFRGKFNLTRPDDMAAHCVDALLARNDLDPLLVDDCIVGAGSNEGAQGHNIGRNVAVLSGLGIQ
VPGMTLNRYCSSGLQAIAIAANQIASGCSEVIVAGGVESITLTLKSVNTDHLVNPLLQREVPGIYYPMGQTAEIVARRYG
ITREAQDAYALQSQQRMARAQADGLFADEIVPMTTRYAVEDKASGEKQVLDGVVDRDDCNRPDTTLEGLASLKPAFAEDG
SVTAGNASQLSDGASMTLLMSLEKALALGLEPKAFFRGFTVAGCEPDEMGIGPVFSVPKLLKAKGLKIADVDLWELNEAF
ASQCLYCRDRLEIDNEKYNVNGGSIAIGHPFGMTGSRQVGHLVRELHRRNLRYGVVTMCVGGGMGASGLFEAVRLEHHHH
HH
;
_entity_poly.pdbx_strand_id   A,B,C,D,E,F
#
# COMPACT_ATOMS: atom_id res chain seq x y z
N ARG A 2 -6.79 13.93 -19.28
CA ARG A 2 -6.57 14.25 -20.72
C ARG A 2 -7.91 14.65 -21.35
N GLU A 3 -8.00 15.92 -21.75
CA GLU A 3 -9.24 16.56 -22.23
C GLU A 3 -9.49 16.04 -23.64
N VAL A 4 -10.72 15.60 -23.89
CA VAL A 4 -11.10 15.12 -25.24
C VAL A 4 -12.23 15.98 -25.79
N VAL A 5 -12.13 16.36 -27.05
CA VAL A 5 -13.12 17.30 -27.62
C VAL A 5 -13.81 16.66 -28.83
N ILE A 6 -15.07 17.03 -29.01
CA ILE A 6 -15.80 16.91 -30.30
C ILE A 6 -15.35 18.08 -31.16
N VAL A 7 -14.69 17.82 -32.28
CA VAL A 7 -14.31 18.85 -33.29
C VAL A 7 -15.44 19.01 -34.32
N ASP A 8 -16.12 17.93 -34.76
CA ASP A 8 -17.15 18.04 -35.79
C ASP A 8 -18.03 16.79 -35.68
N SER A 9 -19.19 16.87 -36.29
CA SER A 9 -20.13 15.72 -36.35
C SER A 9 -21.03 16.00 -37.53
N VAL A 10 -21.17 15.05 -38.44
CA VAL A 10 -22.03 15.23 -39.62
C VAL A 10 -22.80 13.94 -39.85
N ARG A 11 -23.85 14.07 -40.64
CA ARG A 11 -24.80 12.96 -40.80
C ARG A 11 -25.45 13.09 -42.16
N THR A 12 -26.07 12.01 -42.59
CA THR A 12 -27.02 12.07 -43.69
C THR A 12 -28.28 12.74 -43.19
N GLY A 13 -29.09 13.21 -44.12
CA GLY A 13 -30.53 13.32 -43.86
C GLY A 13 -31.12 11.97 -43.45
N LEU A 14 -32.23 12.01 -42.73
CA LEU A 14 -33.01 10.79 -42.44
C LEU A 14 -34.10 10.65 -43.50
N ALA A 15 -34.00 9.60 -44.29
CA ALA A 15 -34.96 9.29 -45.36
C ALA A 15 -35.90 8.15 -44.91
N LYS A 16 -37.18 8.27 -45.24
CA LYS A 16 -38.23 7.25 -44.90
C LYS A 16 -37.73 5.89 -45.35
N SER A 17 -37.73 4.89 -44.47
CA SER A 17 -37.35 3.51 -44.81
C SER A 17 -38.35 2.94 -45.83
N PHE A 18 -37.86 2.05 -46.67
CA PHE A 18 -38.63 1.24 -47.68
C PHE A 18 -39.03 2.11 -48.88
N ARG A 19 -39.66 3.25 -48.68
CA ARG A 19 -40.17 4.03 -49.84
C ARG A 19 -39.29 5.28 -50.10
N GLY A 20 -38.40 5.67 -49.18
CA GLY A 20 -37.59 6.89 -49.33
C GLY A 20 -36.32 6.72 -50.16
N LYS A 21 -35.52 7.77 -50.26
CA LYS A 21 -34.45 7.90 -51.27
C LYS A 21 -33.17 7.19 -50.81
N PHE A 22 -33.16 6.55 -49.64
CA PHE A 22 -32.07 5.63 -49.25
C PHE A 22 -32.47 4.15 -49.42
N ASN A 23 -33.56 3.83 -50.12
CA ASN A 23 -34.08 2.44 -50.09
C ASN A 23 -33.17 1.46 -50.88
N LEU A 24 -32.18 1.92 -51.65
CA LEU A 24 -31.17 1.02 -52.27
C LEU A 24 -29.77 1.36 -51.77
N THR A 25 -29.64 2.21 -50.76
CA THR A 25 -28.31 2.74 -50.40
C THR A 25 -27.76 1.90 -49.24
N ARG A 26 -26.52 1.43 -49.38
CA ARG A 26 -25.88 0.55 -48.38
C ARG A 26 -25.47 1.38 -47.16
N PRO A 27 -25.63 0.82 -45.94
CA PRO A 27 -25.25 1.53 -44.71
C PRO A 27 -23.75 1.76 -44.58
N ASP A 28 -22.91 0.85 -45.10
CA ASP A 28 -21.44 1.11 -45.07
C ASP A 28 -21.13 2.39 -45.89
N ASP A 29 -21.71 2.51 -47.08
CA ASP A 29 -21.50 3.67 -47.99
C ASP A 29 -22.01 4.94 -47.32
N MET A 30 -23.14 4.87 -46.61
CA MET A 30 -23.71 6.04 -45.92
C MET A 30 -22.74 6.50 -44.82
N ALA A 31 -22.20 5.60 -43.99
CA ALA A 31 -21.27 5.99 -42.89
C ALA A 31 -19.96 6.49 -43.52
N ALA A 32 -19.50 5.85 -44.58
CA ALA A 32 -18.26 6.24 -45.28
C ALA A 32 -18.41 7.66 -45.83
N HIS A 33 -19.58 8.01 -46.32
CA HIS A 33 -19.91 9.37 -46.82
C HIS A 33 -19.70 10.39 -45.70
N CYS A 34 -20.16 10.05 -44.50
CA CYS A 34 -20.03 10.92 -43.33
C CYS A 34 -18.53 11.07 -42.98
N VAL A 35 -17.76 9.98 -42.99
CA VAL A 35 -16.30 10.04 -42.71
C VAL A 35 -15.66 10.97 -43.72
N ASP A 36 -15.99 10.81 -45.02
CA ASP A 36 -15.37 11.62 -46.09
C ASP A 36 -15.67 13.10 -45.85
N ALA A 37 -16.88 13.44 -45.37
CA ALA A 37 -17.24 14.84 -45.07
C ALA A 37 -16.38 15.34 -43.91
N LEU A 38 -16.21 14.52 -42.88
CA LEU A 38 -15.34 14.91 -41.73
C LEU A 38 -13.92 15.22 -42.23
N LEU A 39 -13.39 14.42 -43.15
CA LEU A 39 -12.02 14.66 -43.65
C LEU A 39 -11.99 15.99 -44.41
N ALA A 40 -12.96 16.24 -45.30
CA ALA A 40 -12.99 17.44 -46.19
C ALA A 40 -13.20 18.69 -45.34
N ARG A 41 -14.13 18.65 -44.38
CA ARG A 41 -14.53 19.83 -43.59
C ARG A 41 -13.42 20.24 -42.62
N ASN A 42 -12.52 19.35 -42.26
CA ASN A 42 -11.52 19.61 -41.19
C ASN A 42 -10.11 19.59 -41.77
N ASP A 43 -10.01 19.54 -43.09
CA ASP A 43 -8.73 19.52 -43.84
C ASP A 43 -7.81 18.45 -43.20
N LEU A 44 -8.35 17.26 -42.94
CA LEU A 44 -7.75 16.31 -42.00
C LEU A 44 -6.99 15.26 -42.80
N ASP A 45 -5.70 15.14 -42.55
CA ASP A 45 -4.91 14.04 -43.15
C ASP A 45 -5.52 12.71 -42.68
N PRO A 46 -5.99 11.80 -43.58
CA PRO A 46 -6.57 10.52 -43.15
C PRO A 46 -5.63 9.67 -42.28
N LEU A 47 -4.31 9.82 -42.46
CA LEU A 47 -3.29 9.02 -41.74
C LEU A 47 -3.18 9.46 -40.28
N LEU A 48 -3.80 10.56 -39.87
CA LEU A 48 -3.83 10.95 -38.44
C LEU A 48 -4.96 10.22 -37.71
N VAL A 49 -5.88 9.61 -38.44
CA VAL A 49 -7.07 8.99 -37.79
C VAL A 49 -6.65 7.61 -37.27
N ASP A 50 -6.84 7.37 -35.97
CA ASP A 50 -6.35 6.17 -35.25
C ASP A 50 -7.38 5.04 -35.31
N ASP A 51 -8.67 5.30 -35.48
CA ASP A 51 -9.73 4.26 -35.38
C ASP A 51 -11.01 4.79 -35.98
N CYS A 52 -11.88 3.86 -36.37
CA CYS A 52 -13.20 4.17 -36.92
C CYS A 52 -14.19 3.24 -36.21
N ILE A 53 -15.11 3.77 -35.43
CA ILE A 53 -16.03 3.01 -34.53
C ILE A 53 -17.45 3.23 -35.01
N VAL A 54 -18.07 2.14 -35.48
CA VAL A 54 -19.46 2.21 -35.99
C VAL A 54 -20.41 1.38 -35.13
N GLY A 55 -21.41 2.05 -34.56
CA GLY A 55 -22.53 1.43 -33.86
C GLY A 55 -23.65 1.09 -34.84
N ALA A 56 -24.28 -0.04 -34.63
CA ALA A 56 -25.41 -0.48 -35.45
C ALA A 56 -26.20 -1.53 -34.65
N GLY A 57 -27.53 -1.47 -34.75
CA GLY A 57 -28.46 -2.43 -34.10
C GLY A 57 -28.35 -3.80 -34.77
N SER A 58 -28.65 -3.89 -36.06
CA SER A 58 -28.34 -5.09 -36.86
C SER A 58 -26.84 -5.14 -37.11
N ASN A 59 -26.20 -6.30 -36.91
CA ASN A 59 -24.77 -6.49 -37.20
C ASN A 59 -24.62 -7.66 -38.18
N GLU A 60 -25.49 -7.74 -39.20
CA GLU A 60 -25.51 -8.90 -40.14
C GLU A 60 -25.98 -8.40 -41.50
N GLY A 61 -25.77 -9.23 -42.49
CA GLY A 61 -26.18 -8.97 -43.88
C GLY A 61 -25.60 -7.63 -44.33
N ALA A 62 -26.45 -6.67 -44.69
CA ALA A 62 -26.02 -5.31 -45.09
C ALA A 62 -25.17 -4.64 -44.00
N GLN A 63 -25.28 -5.07 -42.74
CA GLN A 63 -24.50 -4.52 -41.60
C GLN A 63 -23.60 -5.60 -40.99
N GLY A 64 -23.22 -6.61 -41.77
CA GLY A 64 -22.32 -7.68 -41.32
C GLY A 64 -20.86 -7.41 -41.68
N HIS A 65 -20.00 -8.38 -41.38
CA HIS A 65 -18.59 -8.42 -41.86
C HIS A 65 -17.70 -7.34 -41.19
N ASN A 66 -18.04 -6.86 -39.99
CA ASN A 66 -17.38 -5.74 -39.25
C ASN A 66 -17.53 -4.46 -40.05
N ILE A 67 -18.77 -3.94 -40.12
CA ILE A 67 -19.09 -2.68 -40.86
C ILE A 67 -18.12 -1.54 -40.45
N GLY A 68 -17.70 -1.43 -39.19
CA GLY A 68 -16.78 -0.35 -38.78
C GLY A 68 -15.48 -0.36 -39.59
N ARG A 69 -14.81 -1.52 -39.71
CA ARG A 69 -13.56 -1.66 -40.51
C ARG A 69 -13.84 -1.32 -41.99
N ASN A 70 -14.96 -1.80 -42.53
CA ASN A 70 -15.27 -1.66 -43.97
C ASN A 70 -15.59 -0.20 -44.28
N VAL A 71 -16.23 0.52 -43.36
CA VAL A 71 -16.50 1.98 -43.49
C VAL A 71 -15.15 2.70 -43.63
N ALA A 72 -14.19 2.36 -42.78
CA ALA A 72 -12.84 2.96 -42.84
C ALA A 72 -12.22 2.72 -44.25
N VAL A 73 -12.23 1.48 -44.72
CA VAL A 73 -11.57 1.07 -46.00
C VAL A 73 -12.27 1.74 -47.18
N LEU A 74 -13.59 1.83 -47.16
CA LEU A 74 -14.41 2.50 -48.19
C LEU A 74 -14.10 4.00 -48.23
N SER A 75 -14.05 4.63 -47.06
CA SER A 75 -13.75 6.07 -46.91
C SER A 75 -12.32 6.39 -47.39
N GLY A 76 -11.99 7.68 -47.38
CA GLY A 76 -10.63 8.20 -47.63
C GLY A 76 -9.64 7.72 -46.57
N LEU A 77 -10.11 7.14 -45.45
CA LEU A 77 -9.19 6.54 -44.44
C LEU A 77 -8.41 5.38 -45.07
N GLY A 78 -9.09 4.46 -45.76
CA GLY A 78 -8.40 3.33 -46.42
C GLY A 78 -7.88 2.29 -45.43
N ILE A 79 -7.06 1.35 -45.90
CA ILE A 79 -6.67 0.14 -45.14
C ILE A 79 -5.82 0.53 -43.93
N GLN A 80 -5.19 1.71 -43.90
CA GLN A 80 -4.27 2.04 -42.79
C GLN A 80 -5.06 2.23 -41.50
N VAL A 81 -6.33 2.56 -41.58
CA VAL A 81 -7.13 2.89 -40.38
C VAL A 81 -8.00 1.70 -39.99
N PRO A 82 -7.86 1.19 -38.77
CA PRO A 82 -8.68 0.08 -38.26
C PRO A 82 -10.12 0.56 -37.99
N GLY A 83 -11.04 -0.41 -37.88
CA GLY A 83 -12.41 -0.13 -37.44
C GLY A 83 -13.03 -1.29 -36.70
N MET A 84 -14.08 -0.98 -35.95
CA MET A 84 -14.82 -2.00 -35.18
C MET A 84 -16.28 -1.62 -35.24
N THR A 85 -17.09 -2.60 -34.87
CA THR A 85 -18.56 -2.53 -34.82
C THR A 85 -18.99 -2.77 -33.37
N LEU A 86 -20.09 -2.16 -32.99
CA LEU A 86 -20.67 -2.49 -31.66
C LEU A 86 -22.18 -2.39 -31.71
N ASN A 87 -22.81 -3.01 -30.72
CA ASN A 87 -24.28 -3.00 -30.59
C ASN A 87 -24.62 -2.82 -29.11
N ARG A 88 -25.15 -1.66 -28.76
CA ARG A 88 -26.01 -1.45 -27.59
C ARG A 88 -27.29 -0.79 -28.14
N TYR A 89 -27.89 -1.44 -29.17
N TYR A 89 -27.85 -1.43 -29.19
CA TYR A 89 -29.05 -1.04 -30.04
CA TYR A 89 -29.04 -1.05 -30.01
C TYR A 89 -29.15 0.50 -30.13
C TYR A 89 -29.16 0.48 -30.14
N CYS A 90 -30.18 1.09 -29.51
CA CYS A 90 -30.57 2.52 -29.63
C CYS A 90 -29.45 3.47 -29.19
N SER A 91 -28.55 3.04 -28.33
CA SER A 91 -27.50 3.92 -27.74
C SER A 91 -26.19 3.77 -28.53
N SER A 92 -26.17 2.96 -29.57
CA SER A 92 -24.90 2.51 -30.19
C SER A 92 -24.08 3.70 -30.67
N GLY A 93 -24.70 4.70 -31.29
CA GLY A 93 -23.99 5.87 -31.84
C GLY A 93 -23.32 6.66 -30.73
N LEU A 94 -23.99 6.80 -29.58
CA LEU A 94 -23.42 7.49 -28.41
C LEU A 94 -22.33 6.61 -27.76
N GLN A 95 -22.58 5.30 -27.64
CA GLN A 95 -21.62 4.31 -27.08
C GLN A 95 -20.31 4.37 -27.86
N ALA A 96 -20.40 4.48 -29.17
CA ALA A 96 -19.18 4.57 -30.01
C ALA A 96 -18.34 5.82 -29.66
N ILE A 97 -19.01 6.96 -29.52
CA ILE A 97 -18.39 8.27 -29.18
C ILE A 97 -17.73 8.15 -27.82
N ALA A 98 -18.43 7.62 -26.81
CA ALA A 98 -17.87 7.35 -25.46
C ALA A 98 -16.60 6.50 -25.53
N ILE A 99 -16.63 5.40 -26.28
CA ILE A 99 -15.43 4.53 -26.41
C ILE A 99 -14.30 5.36 -27.02
N ALA A 100 -14.56 6.09 -28.10
CA ALA A 100 -13.51 6.90 -28.77
C ALA A 100 -12.91 7.90 -27.75
N ALA A 101 -13.75 8.61 -27.03
CA ALA A 101 -13.29 9.68 -26.09
C ALA A 101 -12.45 9.04 -24.99
N ASN A 102 -12.87 7.91 -24.44
CA ASN A 102 -12.16 7.25 -23.33
C ASN A 102 -10.85 6.65 -23.86
N GLN A 103 -10.84 6.14 -25.10
CA GLN A 103 -9.60 5.62 -25.72
C GLN A 103 -8.59 6.78 -25.87
N ILE A 104 -9.02 7.94 -26.38
CA ILE A 104 -8.10 9.09 -26.55
C ILE A 104 -7.64 9.55 -25.17
N ALA A 105 -8.55 9.57 -24.21
CA ALA A 105 -8.25 10.03 -22.84
C ALA A 105 -7.15 9.16 -22.24
N SER A 106 -7.04 7.89 -22.65
CA SER A 106 -6.06 6.93 -22.09
C SER A 106 -4.65 7.33 -22.54
N GLY A 107 -4.52 8.16 -23.57
CA GLY A 107 -3.23 8.57 -24.17
C GLY A 107 -2.78 7.63 -25.27
N CYS A 108 -3.56 6.62 -25.66
CA CYS A 108 -3.08 5.63 -26.68
C CYS A 108 -3.61 5.94 -28.08
N SER A 109 -4.44 6.96 -28.23
CA SER A 109 -4.93 7.49 -29.52
C SER A 109 -5.03 9.01 -29.41
N GLU A 110 -5.03 9.69 -30.56
CA GLU A 110 -5.15 11.16 -30.68
C GLU A 110 -6.46 11.54 -31.39
N VAL A 111 -6.85 10.79 -32.43
CA VAL A 111 -7.93 11.18 -33.37
C VAL A 111 -8.77 9.93 -33.69
N ILE A 112 -10.07 9.99 -33.48
CA ILE A 112 -10.98 8.83 -33.79
C ILE A 112 -12.25 9.36 -34.45
N VAL A 113 -12.74 8.65 -35.46
CA VAL A 113 -14.11 8.89 -35.97
C VAL A 113 -15.03 7.80 -35.39
N ALA A 114 -16.16 8.22 -34.83
CA ALA A 114 -17.08 7.33 -34.13
C ALA A 114 -18.49 7.79 -34.39
N GLY A 115 -19.39 6.83 -34.52
CA GLY A 115 -20.81 7.12 -34.67
C GLY A 115 -21.57 5.87 -34.95
N GLY A 116 -22.55 5.96 -35.83
CA GLY A 116 -23.35 4.80 -36.15
C GLY A 116 -24.14 4.97 -37.41
N VAL A 117 -24.84 3.91 -37.75
CA VAL A 117 -25.65 3.84 -38.98
C VAL A 117 -26.77 2.83 -38.75
N GLU A 118 -27.90 3.05 -39.40
CA GLU A 118 -28.89 1.98 -39.59
C GLU A 118 -29.56 2.17 -40.95
N SER A 119 -29.51 1.13 -41.78
CA SER A 119 -30.45 0.96 -42.88
C SER A 119 -31.58 0.04 -42.39
N ILE A 120 -32.64 0.62 -41.86
CA ILE A 120 -33.85 -0.13 -41.48
C ILE A 120 -34.35 -0.81 -42.77
N THR A 121 -34.31 -0.14 -43.92
CA THR A 121 -34.77 -0.68 -45.23
C THR A 121 -34.08 -2.01 -45.49
N LEU A 122 -32.76 -2.05 -45.37
CA LEU A 122 -32.02 -3.27 -45.75
C LEU A 122 -31.85 -4.27 -44.59
N THR A 123 -32.15 -3.94 -43.33
CA THR A 123 -31.87 -4.88 -42.21
C THR A 123 -33.12 -5.28 -41.41
N LEU A 124 -34.17 -4.47 -41.36
CA LEU A 124 -35.30 -4.77 -40.44
C LEU A 124 -35.78 -6.21 -40.66
N LYS A 125 -36.03 -6.58 -41.91
CA LYS A 125 -36.63 -7.88 -42.28
C LYS A 125 -35.56 -8.87 -42.74
N SER A 126 -34.31 -8.64 -42.39
CA SER A 126 -33.19 -9.53 -42.79
C SER A 126 -32.51 -9.97 -41.50
N VAL A 127 -33.09 -10.99 -40.84
CA VAL A 127 -32.68 -11.47 -39.49
C VAL A 127 -32.38 -12.97 -39.54
N ASN A 128 -31.16 -13.33 -39.25
CA ASN A 128 -30.74 -14.73 -39.00
C ASN A 128 -31.47 -15.22 -37.73
N THR A 129 -32.49 -16.06 -37.87
CA THR A 129 -33.29 -16.61 -36.74
C THR A 129 -32.68 -17.91 -36.21
N ASP A 130 -31.63 -18.42 -36.82
CA ASP A 130 -30.94 -19.64 -36.35
C ASP A 130 -30.54 -19.53 -34.88
N HIS A 131 -31.13 -20.32 -33.97
CA HIS A 131 -30.76 -20.31 -32.52
C HIS A 131 -30.87 -18.89 -31.94
N LEU A 132 -31.74 -18.05 -32.48
CA LEU A 132 -31.79 -16.61 -32.07
C LEU A 132 -32.33 -16.53 -30.65
N VAL A 133 -33.40 -17.27 -30.33
CA VAL A 133 -34.08 -17.17 -29.02
C VAL A 133 -33.42 -18.14 -28.05
N ASN A 134 -32.94 -17.67 -26.92
CA ASN A 134 -32.52 -18.52 -25.78
C ASN A 134 -33.76 -18.98 -25.03
N PRO A 135 -34.15 -20.28 -25.04
CA PRO A 135 -35.42 -20.68 -24.41
C PRO A 135 -35.45 -20.39 -22.89
N LEU A 136 -34.33 -20.54 -22.20
CA LEU A 136 -34.26 -20.21 -20.76
C LEU A 136 -34.56 -18.70 -20.57
N LEU A 137 -33.98 -17.86 -21.41
CA LEU A 137 -34.14 -16.40 -21.24
C LEU A 137 -35.58 -16.01 -21.51
N GLN A 138 -36.19 -16.59 -22.54
CA GLN A 138 -37.60 -16.31 -22.88
C GLN A 138 -38.47 -16.72 -21.70
N ARG A 139 -38.09 -17.78 -20.97
CA ARG A 139 -38.85 -18.27 -19.79
C ARG A 139 -38.63 -17.30 -18.62
N GLU A 140 -37.38 -17.01 -18.26
CA GLU A 140 -37.04 -16.19 -17.07
C GLU A 140 -37.42 -14.73 -17.29
N VAL A 141 -37.13 -14.16 -18.46
CA VAL A 141 -37.29 -12.70 -18.73
C VAL A 141 -37.90 -12.54 -20.13
N PRO A 142 -39.19 -12.87 -20.28
CA PRO A 142 -39.82 -12.85 -21.59
C PRO A 142 -39.75 -11.46 -22.24
N GLY A 143 -39.70 -10.39 -21.43
CA GLY A 143 -39.58 -9.00 -21.93
C GLY A 143 -38.40 -8.76 -22.87
N ILE A 144 -37.34 -9.56 -22.73
CA ILE A 144 -36.14 -9.52 -23.63
C ILE A 144 -36.60 -9.64 -25.08
N TYR A 145 -37.74 -10.28 -25.35
CA TYR A 145 -38.16 -10.58 -26.75
C TYR A 145 -39.39 -9.76 -27.08
N TYR A 146 -39.90 -8.89 -26.22
CA TYR A 146 -41.12 -8.11 -26.59
C TYR A 146 -40.77 -7.13 -27.71
N PRO A 147 -41.65 -6.94 -28.72
CA PRO A 147 -41.48 -5.83 -29.64
C PRO A 147 -41.37 -4.52 -28.85
N MET A 148 -40.56 -3.62 -29.37
CA MET A 148 -40.32 -2.30 -28.77
C MET A 148 -41.65 -1.56 -28.56
N GLY A 149 -42.57 -1.60 -29.52
CA GLY A 149 -43.86 -0.89 -29.40
C GLY A 149 -44.69 -1.45 -28.23
N GLN A 150 -44.56 -2.74 -27.97
CA GLN A 150 -45.26 -3.40 -26.84
C GLN A 150 -44.69 -2.82 -25.55
N THR A 151 -43.37 -2.67 -25.45
CA THR A 151 -42.76 -2.01 -24.26
C THR A 151 -43.24 -0.56 -24.17
N ALA A 152 -43.48 0.15 -25.28
CA ALA A 152 -44.00 1.54 -25.20
C ALA A 152 -45.42 1.56 -24.62
N GLU A 153 -46.23 0.58 -24.99
CA GLU A 153 -47.63 0.44 -24.50
C GLU A 153 -47.57 0.09 -23.00
N ILE A 154 -46.64 -0.75 -22.56
CA ILE A 154 -46.50 -1.12 -21.13
C ILE A 154 -46.13 0.13 -20.34
N VAL A 155 -45.22 0.95 -20.86
CA VAL A 155 -44.86 2.22 -20.15
C VAL A 155 -46.05 3.17 -20.06
N ALA A 156 -46.80 3.37 -21.13
CA ALA A 156 -47.97 4.26 -21.09
C ALA A 156 -48.92 3.75 -19.98
N ARG A 157 -49.20 2.45 -19.99
CA ARG A 157 -50.19 1.85 -19.06
C ARG A 157 -49.68 1.91 -17.63
N ARG A 158 -48.43 1.51 -17.38
CA ARG A 158 -47.89 1.35 -16.01
C ARG A 158 -47.73 2.71 -15.35
N TYR A 159 -47.45 3.77 -16.12
CA TYR A 159 -47.02 5.09 -15.59
C TYR A 159 -48.08 6.14 -15.92
N GLY A 160 -49.18 5.73 -16.51
CA GLY A 160 -50.35 6.58 -16.75
C GLY A 160 -50.06 7.72 -17.71
N ILE A 161 -49.29 7.46 -18.77
CA ILE A 161 -49.02 8.48 -19.82
C ILE A 161 -50.19 8.41 -20.80
N THR A 162 -51.07 9.42 -20.77
CA THR A 162 -52.34 9.41 -21.55
C THR A 162 -52.06 9.52 -23.06
N ARG A 163 -52.96 8.97 -23.87
CA ARG A 163 -53.05 9.22 -25.33
C ARG A 163 -52.93 10.71 -25.61
N GLU A 164 -53.65 11.54 -24.84
CA GLU A 164 -53.73 13.00 -25.08
C GLU A 164 -52.34 13.61 -24.83
N ALA A 165 -51.64 13.19 -23.77
CA ALA A 165 -50.32 13.74 -23.40
C ALA A 165 -49.32 13.32 -24.51
N GLN A 166 -49.43 12.07 -24.95
CA GLN A 166 -48.54 11.47 -26.00
C GLN A 166 -48.65 12.31 -27.27
N ASP A 167 -49.89 12.58 -27.69
CA ASP A 167 -50.21 13.35 -28.92
C ASP A 167 -49.69 14.77 -28.75
N ALA A 168 -49.87 15.40 -27.58
CA ALA A 168 -49.42 16.80 -27.40
C ALA A 168 -47.90 16.81 -27.50
N TYR A 169 -47.23 15.78 -26.98
CA TYR A 169 -45.74 15.74 -27.04
C TYR A 169 -45.33 15.61 -28.53
N ALA A 170 -45.96 14.69 -29.26
CA ALA A 170 -45.70 14.43 -30.69
C ALA A 170 -45.88 15.71 -31.52
N LEU A 171 -46.89 16.52 -31.21
CA LEU A 171 -47.13 17.79 -31.92
C LEU A 171 -45.98 18.75 -31.61
N GLN A 172 -45.54 18.81 -30.36
CA GLN A 172 -44.41 19.66 -29.94
C GLN A 172 -43.18 19.27 -30.76
N SER A 173 -42.88 17.99 -30.87
CA SER A 173 -41.73 17.50 -31.66
C SER A 173 -41.88 17.99 -33.10
N GLN A 174 -43.04 17.80 -33.73
CA GLN A 174 -43.27 18.24 -35.13
C GLN A 174 -43.05 19.76 -35.22
N GLN A 175 -43.59 20.54 -34.28
CA GLN A 175 -43.54 22.02 -34.41
C GLN A 175 -42.10 22.48 -34.22
N ARG A 176 -41.42 21.97 -33.20
CA ARG A 176 -40.03 22.37 -32.89
C ARG A 176 -39.13 21.94 -34.06
N MET A 177 -39.35 20.74 -34.62
CA MET A 177 -38.56 20.25 -35.78
C MET A 177 -38.78 21.17 -36.98
N ALA A 178 -40.05 21.46 -37.31
CA ALA A 178 -40.42 22.32 -38.46
C ALA A 178 -39.75 23.68 -38.34
N ARG A 179 -39.75 24.30 -37.17
CA ARG A 179 -39.18 25.67 -36.99
C ARG A 179 -37.66 25.60 -37.17
N ALA A 180 -36.99 24.65 -36.52
CA ALA A 180 -35.52 24.50 -36.64
C ALA A 180 -35.14 24.21 -38.10
N GLN A 181 -35.91 23.35 -38.77
CA GLN A 181 -35.62 22.95 -40.17
C GLN A 181 -35.75 24.20 -41.06
N ALA A 182 -36.83 24.99 -40.89
CA ALA A 182 -37.09 26.21 -41.70
C ALA A 182 -35.96 27.21 -41.50
N ASP A 183 -35.38 27.27 -40.31
CA ASP A 183 -34.34 28.24 -39.89
C ASP A 183 -32.93 27.71 -40.17
N GLY A 184 -32.79 26.60 -40.89
CA GLY A 184 -31.47 26.11 -41.33
C GLY A 184 -30.65 25.51 -40.21
N LEU A 185 -31.28 25.11 -39.09
CA LEU A 185 -30.50 24.63 -37.93
C LEU A 185 -29.98 23.22 -38.16
N PHE A 186 -30.39 22.50 -39.23
CA PHE A 186 -29.80 21.19 -39.58
C PHE A 186 -28.85 21.31 -40.79
N ALA A 187 -28.67 22.50 -41.34
CA ALA A 187 -27.93 22.66 -42.62
C ALA A 187 -26.45 22.29 -42.46
N ASP A 188 -25.82 22.71 -41.38
CA ASP A 188 -24.36 22.45 -41.23
C ASP A 188 -24.08 20.95 -40.96
N GLU A 189 -24.93 20.27 -40.19
CA GLU A 189 -24.70 18.86 -39.76
C GLU A 189 -25.03 17.90 -40.92
N ILE A 190 -25.98 18.24 -41.79
CA ILE A 190 -26.45 17.29 -42.85
C ILE A 190 -25.54 17.43 -44.07
N VAL A 191 -25.01 16.31 -44.52
CA VAL A 191 -24.18 16.25 -45.72
C VAL A 191 -25.06 15.63 -46.79
N PRO A 192 -25.47 16.38 -47.83
CA PRO A 192 -26.29 15.82 -48.90
C PRO A 192 -25.62 14.60 -49.54
N MET A 193 -26.43 13.63 -49.94
CA MET A 193 -25.92 12.40 -50.55
C MET A 193 -26.75 12.12 -51.80
N THR A 194 -26.03 11.91 -52.91
CA THR A 194 -26.62 11.49 -54.18
C THR A 194 -26.97 10.01 -54.10
N THR A 195 -28.16 9.61 -54.54
CA THR A 195 -28.59 8.20 -54.47
C THR A 195 -29.25 7.76 -55.76
N ARG A 196 -29.34 6.44 -55.88
CA ARG A 196 -30.30 5.73 -56.76
C ARG A 196 -31.33 5.05 -55.86
N TYR A 197 -32.63 5.26 -56.11
CA TYR A 197 -33.68 4.67 -55.27
C TYR A 197 -34.83 4.12 -56.14
N ALA A 198 -35.64 3.25 -55.53
CA ALA A 198 -36.70 2.48 -56.24
C ALA A 198 -38.04 3.15 -55.97
N VAL A 199 -38.91 3.25 -56.99
CA VAL A 199 -40.33 3.71 -56.83
C VAL A 199 -41.35 2.65 -57.32
N LYS A 207 -41.80 -0.98 -60.69
CA LYS A 207 -40.45 -1.14 -60.05
C LYS A 207 -39.38 -0.42 -60.89
N GLN A 208 -39.11 0.85 -60.58
CA GLN A 208 -38.25 1.77 -61.39
C GLN A 208 -37.21 2.45 -60.50
N VAL A 209 -35.97 2.64 -61.01
CA VAL A 209 -34.84 3.27 -60.27
C VAL A 209 -34.65 4.70 -60.76
N LEU A 210 -34.64 5.67 -59.84
CA LEU A 210 -34.55 7.13 -60.07
C LEU A 210 -33.28 7.64 -59.39
N ASP A 211 -32.76 8.77 -59.86
CA ASP A 211 -31.65 9.52 -59.21
C ASP A 211 -32.28 10.41 -58.16
N GLY A 212 -31.68 10.46 -56.96
CA GLY A 212 -32.22 11.25 -55.85
C GLY A 212 -31.11 12.01 -55.17
N VAL A 213 -31.50 12.95 -54.33
CA VAL A 213 -30.60 13.66 -53.41
C VAL A 213 -31.25 13.59 -52.03
N VAL A 214 -30.55 13.01 -51.06
CA VAL A 214 -30.98 13.16 -49.65
C VAL A 214 -30.25 14.37 -49.09
N ASP A 215 -30.96 15.48 -48.88
CA ASP A 215 -30.32 16.75 -48.45
C ASP A 215 -30.97 17.27 -47.17
N ARG A 216 -31.91 16.52 -46.62
CA ARG A 216 -32.68 16.95 -45.44
C ARG A 216 -33.38 15.73 -44.86
N ASP A 217 -34.00 15.90 -43.72
CA ASP A 217 -34.87 14.89 -43.11
C ASP A 217 -36.24 15.02 -43.80
N ASP A 218 -36.79 13.93 -44.35
CA ASP A 218 -38.04 13.98 -45.14
C ASP A 218 -39.23 13.36 -44.39
N CYS A 219 -39.06 12.86 -43.17
CA CYS A 219 -40.14 12.11 -42.47
C CYS A 219 -41.09 13.05 -41.73
N ASN A 220 -40.68 14.29 -41.49
CA ASN A 220 -41.43 15.19 -40.59
C ASN A 220 -42.62 15.78 -41.35
N ARG A 221 -43.66 16.16 -40.61
CA ARG A 221 -44.97 16.65 -41.12
C ARG A 221 -45.33 17.90 -40.34
N PRO A 222 -44.84 19.09 -40.79
CA PRO A 222 -45.15 20.35 -40.13
C PRO A 222 -46.65 20.67 -40.01
N ASP A 223 -47.47 20.08 -40.87
CA ASP A 223 -48.94 20.30 -40.94
C ASP A 223 -49.66 19.43 -39.88
N THR A 224 -48.92 18.73 -39.02
CA THR A 224 -49.50 17.79 -38.03
C THR A 224 -50.46 18.58 -37.15
N THR A 225 -51.62 18.02 -36.79
CA THR A 225 -52.54 18.64 -35.77
C THR A 225 -52.86 17.65 -34.65
N LEU A 226 -53.20 18.16 -33.47
CA LEU A 226 -53.74 17.37 -32.33
C LEU A 226 -54.92 16.54 -32.84
N GLU A 227 -55.79 17.15 -33.64
CA GLU A 227 -57.03 16.50 -34.15
C GLU A 227 -56.64 15.34 -35.07
N GLY A 228 -55.65 15.53 -35.95
CA GLY A 228 -55.12 14.45 -36.80
C GLY A 228 -54.49 13.34 -35.96
N LEU A 229 -53.68 13.68 -34.95
CA LEU A 229 -52.97 12.67 -34.11
C LEU A 229 -54.01 11.81 -33.36
N ALA A 230 -55.03 12.46 -32.81
CA ALA A 230 -56.14 11.81 -32.07
C ALA A 230 -56.93 10.86 -32.97
N SER A 231 -56.96 11.06 -34.30
CA SER A 231 -57.73 10.20 -35.23
C SER A 231 -56.99 8.91 -35.54
N LEU A 232 -55.69 8.78 -35.23
CA LEU A 232 -54.90 7.58 -35.63
C LEU A 232 -55.31 6.32 -34.83
N LYS A 233 -55.16 5.15 -35.45
CA LYS A 233 -55.40 3.84 -34.83
C LYS A 233 -54.17 3.43 -34.04
N PRO A 234 -54.33 2.77 -32.87
CA PRO A 234 -53.17 2.31 -32.10
C PRO A 234 -52.31 1.33 -32.91
N ALA A 235 -50.98 1.38 -32.78
CA ALA A 235 -50.05 0.57 -33.59
C ALA A 235 -49.71 -0.79 -32.95
N PHE A 236 -49.75 -0.93 -31.62
CA PHE A 236 -49.14 -2.11 -30.97
C PHE A 236 -50.14 -2.92 -30.14
N ALA A 237 -51.37 -2.45 -30.00
CA ALA A 237 -52.44 -3.12 -29.23
C ALA A 237 -53.78 -2.55 -29.65
N GLU A 238 -54.79 -3.39 -29.80
CA GLU A 238 -56.14 -2.97 -30.29
C GLU A 238 -56.70 -1.87 -29.38
N ASP A 239 -56.40 -1.90 -28.08
CA ASP A 239 -56.96 -0.92 -27.11
C ASP A 239 -55.85 0.08 -26.72
N GLY A 240 -54.90 0.39 -27.63
CA GLY A 240 -53.63 1.06 -27.29
C GLY A 240 -53.70 2.58 -27.31
N SER A 241 -52.65 3.23 -26.85
CA SER A 241 -52.50 4.71 -26.94
C SER A 241 -51.33 5.06 -27.89
N VAL A 242 -50.40 4.13 -28.11
CA VAL A 242 -49.18 4.39 -28.92
C VAL A 242 -49.54 4.16 -30.38
N THR A 243 -49.27 5.14 -31.23
CA THR A 243 -49.65 5.18 -32.66
C THR A 243 -48.40 5.44 -33.51
N ALA A 244 -48.50 5.28 -34.81
CA ALA A 244 -47.48 5.72 -35.79
C ALA A 244 -47.19 7.22 -35.57
N GLY A 245 -48.16 8.04 -35.18
CA GLY A 245 -47.96 9.48 -35.01
C GLY A 245 -47.29 9.90 -33.72
N ASN A 246 -47.26 9.07 -32.66
CA ASN A 246 -46.61 9.47 -31.39
C ASN A 246 -45.46 8.51 -31.08
N ALA A 247 -45.03 7.75 -32.08
CA ALA A 247 -43.85 6.87 -32.01
C ALA A 247 -42.82 7.35 -33.03
N SER A 248 -41.57 6.95 -32.83
CA SER A 248 -40.50 7.33 -33.78
C SER A 248 -40.84 6.69 -35.13
N GLN A 249 -40.49 7.35 -36.21
CA GLN A 249 -40.66 6.76 -37.54
C GLN A 249 -39.49 5.84 -37.86
N LEU A 250 -39.69 5.02 -38.88
CA LEU A 250 -38.66 4.18 -39.50
C LEU A 250 -37.97 5.07 -40.55
N SER A 251 -36.69 5.36 -40.33
CA SER A 251 -35.87 6.10 -41.33
C SER A 251 -34.48 5.48 -41.36
N ASP A 252 -33.79 5.74 -42.45
CA ASP A 252 -32.43 5.26 -42.71
C ASP A 252 -31.47 6.45 -42.62
N GLY A 253 -30.26 6.24 -42.09
CA GLY A 253 -29.23 7.29 -42.10
C GLY A 253 -28.00 6.91 -41.29
N ALA A 254 -26.99 7.78 -41.34
CA ALA A 254 -25.70 7.56 -40.69
C ALA A 254 -25.25 8.89 -40.07
N SER A 255 -24.49 8.82 -38.99
CA SER A 255 -23.85 10.00 -38.36
C SER A 255 -22.45 9.59 -37.91
N MET A 256 -21.44 10.40 -38.20
CA MET A 256 -20.11 10.13 -37.65
C MET A 256 -19.57 11.40 -37.00
N THR A 257 -18.85 11.22 -35.88
CA THR A 257 -18.32 12.30 -35.03
C THR A 257 -16.79 12.25 -35.03
N LEU A 258 -16.16 13.43 -35.14
CA LEU A 258 -14.68 13.57 -35.11
C LEU A 258 -14.27 13.96 -33.70
N LEU A 259 -13.50 13.08 -33.06
CA LEU A 259 -12.98 13.34 -31.71
C LEU A 259 -11.46 13.46 -31.77
N MET A 260 -10.91 14.33 -30.92
CA MET A 260 -9.44 14.46 -30.77
C MET A 260 -9.13 14.86 -29.33
N SER A 261 -7.90 14.63 -28.91
CA SER A 261 -7.40 15.29 -27.68
C SER A 261 -7.53 16.81 -27.90
N LEU A 262 -7.73 17.59 -26.86
CA LEU A 262 -7.68 19.07 -27.02
C LEU A 262 -6.31 19.48 -27.59
N GLU A 263 -5.23 18.85 -27.12
CA GLU A 263 -3.86 19.13 -27.61
C GLU A 263 -3.84 18.99 -29.13
N LYS A 264 -4.34 17.88 -29.67
CA LYS A 264 -4.23 17.65 -31.13
C LYS A 264 -5.07 18.66 -31.91
N ALA A 265 -6.31 18.95 -31.49
CA ALA A 265 -7.19 19.95 -32.14
C ALA A 265 -6.41 21.29 -32.25
N LEU A 266 -5.75 21.69 -31.17
CA LEU A 266 -4.96 22.96 -31.18
C LEU A 266 -3.74 22.86 -32.09
N ALA A 267 -3.01 21.73 -32.11
CA ALA A 267 -1.88 21.54 -33.04
C ALA A 267 -2.37 21.64 -34.46
N LEU A 268 -3.60 21.21 -34.75
CA LEU A 268 -4.15 21.22 -36.14
C LEU A 268 -4.82 22.56 -36.44
N GLY A 269 -4.94 23.45 -35.46
CA GLY A 269 -5.66 24.71 -35.71
C GLY A 269 -7.14 24.48 -35.93
N LEU A 270 -7.70 23.44 -35.31
CA LEU A 270 -9.16 23.20 -35.39
C LEU A 270 -9.86 23.75 -34.14
N GLU A 271 -11.06 24.25 -34.30
CA GLU A 271 -11.87 24.78 -33.17
C GLU A 271 -12.57 23.62 -32.47
N PRO A 272 -12.28 23.38 -31.20
CA PRO A 272 -13.01 22.38 -30.41
C PRO A 272 -14.43 22.89 -30.24
N LYS A 273 -15.45 22.03 -30.41
CA LYS A 273 -16.86 22.45 -30.19
C LYS A 273 -17.27 22.15 -28.73
N ALA A 274 -16.88 21.00 -28.19
CA ALA A 274 -17.37 20.56 -26.87
C ALA A 274 -16.40 19.57 -26.25
N PHE A 275 -16.37 19.51 -24.92
CA PHE A 275 -15.63 18.46 -24.21
C PHE A 275 -16.58 17.27 -24.04
N PHE A 276 -16.01 16.07 -24.16
CA PHE A 276 -16.65 14.84 -23.66
C PHE A 276 -16.39 14.81 -22.17
N ARG A 277 -17.45 14.70 -21.39
CA ARG A 277 -17.35 14.76 -19.91
C ARG A 277 -17.87 13.50 -19.22
N GLY A 278 -18.27 12.46 -19.93
CA GLY A 278 -18.50 11.17 -19.28
C GLY A 278 -19.72 10.47 -19.84
N PHE A 279 -19.80 9.18 -19.55
CA PHE A 279 -20.83 8.27 -20.12
C PHE A 279 -21.23 7.22 -19.09
N THR A 280 -22.53 6.98 -18.88
CA THR A 280 -23.01 5.92 -18.01
C THR A 280 -24.04 5.07 -18.77
N VAL A 281 -24.21 3.84 -18.32
CA VAL A 281 -25.37 3.00 -18.67
C VAL A 281 -25.97 2.46 -17.39
N ALA A 282 -27.20 1.98 -17.52
CA ALA A 282 -27.95 1.34 -16.43
C ALA A 282 -28.88 0.31 -17.03
N GLY A 283 -29.11 -0.74 -16.24
CA GLY A 283 -30.08 -1.78 -16.61
C GLY A 283 -31.43 -1.47 -16.05
N CYS A 284 -32.47 -1.95 -16.71
CA CYS A 284 -33.85 -1.90 -16.18
C CYS A 284 -34.66 -3.07 -16.75
N GLU A 285 -35.93 -3.21 -16.36
CA GLU A 285 -36.80 -4.30 -16.87
C GLU A 285 -37.00 -4.11 -18.37
N PRO A 286 -36.71 -5.15 -19.19
CA PRO A 286 -36.86 -5.08 -20.64
C PRO A 286 -38.27 -4.66 -21.07
N ASP A 287 -39.28 -5.07 -20.28
CA ASP A 287 -40.70 -4.84 -20.71
C ASP A 287 -41.05 -3.36 -20.58
N GLU A 288 -40.21 -2.56 -19.90
CA GLU A 288 -40.39 -1.11 -19.74
C GLU A 288 -39.08 -0.41 -20.12
N MET A 289 -38.38 -0.92 -21.13
CA MET A 289 -37.05 -0.40 -21.54
C MET A 289 -37.09 1.12 -21.73
N GLY A 290 -38.25 1.68 -22.08
CA GLY A 290 -38.44 3.11 -22.33
C GLY A 290 -38.00 3.98 -21.14
N ILE A 291 -37.99 3.45 -19.93
CA ILE A 291 -37.68 4.30 -18.75
C ILE A 291 -36.16 4.29 -18.47
N GLY A 292 -35.35 3.54 -19.20
CA GLY A 292 -33.91 3.42 -18.91
C GLY A 292 -33.19 4.71 -18.51
N PRO A 293 -33.35 5.86 -19.21
CA PRO A 293 -32.68 7.10 -18.80
C PRO A 293 -32.90 7.52 -17.34
N VAL A 294 -34.03 7.17 -16.73
CA VAL A 294 -34.29 7.56 -15.31
C VAL A 294 -33.28 6.86 -14.39
N PHE A 295 -32.61 5.78 -14.84
CA PHE A 295 -31.54 5.07 -14.09
C PHE A 295 -30.16 5.56 -14.52
N SER A 296 -29.90 5.83 -15.81
CA SER A 296 -28.52 6.18 -16.26
C SER A 296 -28.20 7.65 -15.96
N VAL A 297 -29.19 8.53 -16.02
CA VAL A 297 -28.96 10.01 -15.91
C VAL A 297 -28.41 10.33 -14.52
N PRO A 298 -29.05 9.87 -13.43
CA PRO A 298 -28.57 10.13 -12.06
C PRO A 298 -27.15 9.60 -11.84
N LYS A 299 -26.82 8.42 -12.38
CA LYS A 299 -25.44 7.89 -12.25
C LYS A 299 -24.47 8.85 -12.94
N LEU A 300 -24.81 9.37 -14.12
CA LEU A 300 -23.90 10.32 -14.82
C LEU A 300 -23.75 11.63 -14.01
N LEU A 301 -24.87 12.24 -13.61
CA LEU A 301 -24.80 13.55 -12.89
C LEU A 301 -24.05 13.36 -11.56
N LYS A 302 -24.25 12.25 -10.85
CA LYS A 302 -23.56 11.99 -9.57
C LYS A 302 -22.07 11.83 -9.82
N ALA A 303 -21.67 11.07 -10.85
CA ALA A 303 -20.25 10.82 -11.17
C ALA A 303 -19.55 12.14 -11.49
N LYS A 304 -20.25 13.11 -12.06
CA LYS A 304 -19.62 14.36 -12.55
C LYS A 304 -19.90 15.54 -11.61
N GLY A 305 -20.62 15.35 -10.50
CA GLY A 305 -20.85 16.39 -9.47
C GLY A 305 -21.85 17.44 -9.94
N LEU A 306 -22.89 17.03 -10.67
CA LEU A 306 -23.91 17.93 -11.24
C LEU A 306 -25.27 17.47 -10.70
N LYS A 307 -26.26 18.37 -10.81
CA LYS A 307 -27.69 18.12 -10.56
C LYS A 307 -28.43 18.34 -11.87
N ILE A 308 -29.67 17.86 -11.94
CA ILE A 308 -30.55 18.13 -13.11
C ILE A 308 -30.45 19.60 -13.52
N ALA A 309 -30.46 20.51 -12.53
CA ALA A 309 -30.55 21.98 -12.78
C ALA A 309 -29.33 22.48 -13.57
N ASP A 310 -28.18 21.85 -13.40
CA ASP A 310 -26.91 22.25 -14.03
C ASP A 310 -27.02 22.03 -15.54
N VAL A 311 -27.91 21.16 -16.00
CA VAL A 311 -27.94 20.79 -17.43
C VAL A 311 -28.77 21.84 -18.18
N ASP A 312 -28.16 22.50 -19.16
CA ASP A 312 -28.79 23.54 -19.99
C ASP A 312 -29.66 22.93 -21.08
N LEU A 313 -29.26 21.80 -21.70
CA LEU A 313 -30.01 21.23 -22.84
C LEU A 313 -30.00 19.72 -22.72
N TRP A 314 -31.12 19.08 -23.05
CA TRP A 314 -31.27 17.61 -23.11
C TRP A 314 -31.63 17.23 -24.53
N GLU A 315 -30.93 16.22 -25.04
CA GLU A 315 -31.40 15.38 -26.16
C GLU A 315 -31.74 14.01 -25.56
N LEU A 316 -33.01 13.76 -25.33
CA LEU A 316 -33.46 12.47 -24.82
C LEU A 316 -34.32 11.83 -25.93
N ASN A 317 -33.82 10.74 -26.50
CA ASN A 317 -34.35 10.18 -27.77
C ASN A 317 -35.86 10.02 -27.67
N GLU A 318 -36.58 10.45 -28.71
CA GLU A 318 -38.05 10.31 -28.77
C GLU A 318 -38.39 8.95 -29.39
N ALA A 319 -38.06 7.85 -28.73
CA ALA A 319 -38.42 6.50 -29.26
C ALA A 319 -39.94 6.41 -29.35
N PHE A 320 -40.60 6.83 -28.27
CA PHE A 320 -42.08 6.86 -28.13
C PHE A 320 -42.42 8.01 -27.17
N ALA A 321 -43.46 8.78 -27.49
CA ALA A 321 -43.98 9.87 -26.62
C ALA A 321 -44.21 9.29 -25.20
N SER A 322 -44.73 8.08 -25.08
CA SER A 322 -45.01 7.47 -23.75
C SER A 322 -43.75 7.52 -22.89
N GLN A 323 -42.65 6.95 -23.36
CA GLN A 323 -41.44 6.85 -22.50
C GLN A 323 -40.73 8.21 -22.45
N CYS A 324 -40.78 9.00 -23.53
CA CYS A 324 -40.04 10.28 -23.59
C CYS A 324 -40.68 11.27 -22.58
N LEU A 325 -42.01 11.27 -22.47
CA LEU A 325 -42.74 12.02 -21.41
C LEU A 325 -42.40 11.47 -20.02
N TYR A 326 -42.38 10.15 -19.85
CA TYR A 326 -42.15 9.58 -18.51
C TYR A 326 -40.81 10.08 -18.00
N CYS A 327 -39.77 9.95 -18.84
CA CYS A 327 -38.38 10.30 -18.44
C CYS A 327 -38.35 11.80 -18.10
N ARG A 328 -38.93 12.63 -18.95
CA ARG A 328 -38.85 14.11 -18.75
C ARG A 328 -39.38 14.45 -17.35
N ASP A 329 -40.53 13.86 -16.98
CA ASP A 329 -41.30 14.27 -15.78
C ASP A 329 -40.74 13.55 -14.55
N ARG A 330 -40.27 12.31 -14.70
CA ARG A 330 -39.67 11.57 -13.58
C ARG A 330 -38.35 12.26 -13.22
N LEU A 331 -37.60 12.72 -14.22
CA LEU A 331 -36.32 13.39 -13.95
C LEU A 331 -36.55 14.87 -13.60
N GLU A 332 -37.78 15.39 -13.74
CA GLU A 332 -38.17 16.79 -13.42
C GLU A 332 -37.38 17.75 -14.31
N ILE A 333 -37.32 17.47 -15.60
CA ILE A 333 -36.56 18.32 -16.55
C ILE A 333 -37.54 19.35 -17.10
N ASP A 334 -37.09 20.59 -17.22
CA ASP A 334 -37.87 21.69 -17.83
C ASP A 334 -38.04 21.38 -19.32
N ASN A 335 -39.28 21.25 -19.75
CA ASN A 335 -39.66 21.05 -21.18
C ASN A 335 -39.00 22.09 -22.09
N GLU A 336 -38.70 23.30 -21.59
CA GLU A 336 -38.12 24.38 -22.41
C GLU A 336 -36.66 24.01 -22.77
N LYS A 337 -36.06 23.09 -22.02
CA LYS A 337 -34.64 22.69 -22.18
C LYS A 337 -34.55 21.28 -22.79
N TYR A 338 -35.66 20.74 -23.27
CA TYR A 338 -35.80 19.29 -23.55
C TYR A 338 -36.13 19.09 -25.02
N ASN A 339 -35.28 18.45 -25.81
CA ASN A 339 -35.56 18.20 -27.26
C ASN A 339 -36.08 19.51 -27.88
N VAL A 340 -35.29 20.56 -27.77
CA VAL A 340 -35.67 21.94 -28.15
C VAL A 340 -35.90 22.05 -29.66
N ASN A 341 -35.35 21.13 -30.46
CA ASN A 341 -35.56 21.15 -31.93
C ASN A 341 -36.33 19.89 -32.36
N GLY A 342 -37.03 19.26 -31.42
CA GLY A 342 -37.80 18.03 -31.71
C GLY A 342 -36.88 16.83 -31.88
N GLY A 343 -37.37 15.79 -32.53
CA GLY A 343 -36.58 14.56 -32.60
C GLY A 343 -37.27 13.44 -33.34
N SER A 344 -36.97 12.21 -32.92
CA SER A 344 -37.20 10.95 -33.68
C SER A 344 -38.68 10.74 -34.00
N ILE A 345 -39.60 11.31 -33.22
CA ILE A 345 -41.06 11.18 -33.56
C ILE A 345 -41.26 11.86 -34.90
N ALA A 346 -40.52 12.96 -35.16
CA ALA A 346 -40.65 13.77 -36.40
C ALA A 346 -39.77 13.17 -37.49
N ILE A 347 -38.53 12.74 -37.19
CA ILE A 347 -37.58 12.39 -38.28
C ILE A 347 -37.19 10.92 -38.29
N GLY A 348 -37.56 10.12 -37.28
CA GLY A 348 -37.16 8.71 -37.23
C GLY A 348 -35.94 8.41 -36.35
N HIS A 349 -35.78 7.12 -36.07
CA HIS A 349 -34.78 6.53 -35.14
C HIS A 349 -34.08 5.39 -35.86
N PRO A 350 -33.11 5.68 -36.76
CA PRO A 350 -32.26 4.64 -37.32
C PRO A 350 -31.32 4.27 -36.19
N PHE A 351 -31.64 3.17 -35.49
CA PHE A 351 -31.09 2.80 -34.15
C PHE A 351 -29.61 3.21 -34.01
N GLY A 352 -28.70 2.68 -34.83
CA GLY A 352 -27.26 2.89 -34.61
C GLY A 352 -26.80 4.35 -34.72
N MET A 353 -27.48 5.21 -35.49
CA MET A 353 -26.95 6.56 -35.82
C MET A 353 -27.52 7.58 -34.86
N THR A 354 -28.67 7.32 -34.25
CA THR A 354 -29.34 8.31 -33.40
C THR A 354 -28.40 8.97 -32.40
N GLY A 355 -27.68 8.21 -31.60
CA GLY A 355 -26.83 8.76 -30.53
C GLY A 355 -25.83 9.77 -31.10
N SER A 356 -25.26 9.51 -32.28
CA SER A 356 -24.26 10.38 -32.92
C SER A 356 -24.98 11.62 -33.48
N ARG A 357 -26.19 11.42 -34.01
CA ARG A 357 -26.97 12.59 -34.50
C ARG A 357 -27.24 13.53 -33.32
N GLN A 358 -27.61 12.96 -32.16
CA GLN A 358 -27.99 13.75 -30.96
C GLN A 358 -26.78 14.54 -30.49
N VAL A 359 -25.62 13.89 -30.47
CA VAL A 359 -24.35 14.55 -30.03
C VAL A 359 -24.09 15.74 -30.97
N GLY A 360 -24.13 15.50 -32.29
CA GLY A 360 -23.76 16.51 -33.29
C GLY A 360 -24.69 17.70 -33.23
N HIS A 361 -25.96 17.45 -32.93
CA HIS A 361 -26.96 18.52 -32.87
C HIS A 361 -26.82 19.27 -31.53
N LEU A 362 -26.68 18.53 -30.47
CA LEU A 362 -26.56 19.11 -29.12
C LEU A 362 -25.36 20.07 -29.07
N VAL A 363 -24.19 19.68 -29.58
CA VAL A 363 -22.98 20.54 -29.42
C VAL A 363 -23.25 21.84 -30.17
N ARG A 364 -23.95 21.78 -31.31
CA ARG A 364 -24.25 22.98 -32.12
C ARG A 364 -25.23 23.89 -31.36
N GLU A 365 -26.29 23.32 -30.80
CA GLU A 365 -27.34 24.07 -30.07
C GLU A 365 -26.73 24.72 -28.80
N LEU A 366 -25.87 23.99 -28.07
CA LEU A 366 -25.14 24.57 -26.91
C LEU A 366 -24.37 25.82 -27.36
N HIS A 367 -23.62 25.74 -28.45
CA HIS A 367 -22.82 26.87 -29.01
C HIS A 367 -23.77 28.01 -29.41
N ARG A 368 -24.86 27.71 -30.12
CA ARG A 368 -25.81 28.72 -30.68
C ARG A 368 -26.48 29.50 -29.54
N ARG A 369 -26.93 28.84 -28.48
CA ARG A 369 -27.62 29.43 -27.32
C ARG A 369 -26.61 29.91 -26.26
N ASN A 370 -25.32 29.86 -26.55
CA ASN A 370 -24.23 30.18 -25.58
C ASN A 370 -24.49 29.49 -24.23
N LEU A 371 -24.68 28.18 -24.23
CA LEU A 371 -24.96 27.37 -23.02
C LEU A 371 -23.74 26.50 -22.71
N ARG A 372 -23.74 25.86 -21.56
CA ARG A 372 -22.56 25.15 -21.06
C ARG A 372 -22.71 23.62 -21.15
N TYR A 373 -23.62 23.04 -20.39
CA TYR A 373 -23.72 21.56 -20.24
C TYR A 373 -24.93 21.01 -21.00
N GLY A 374 -24.71 19.93 -21.75
CA GLY A 374 -25.83 19.21 -22.38
C GLY A 374 -25.70 17.72 -22.17
N VAL A 375 -26.81 17.01 -22.19
CA VAL A 375 -26.84 15.54 -21.99
C VAL A 375 -27.51 14.91 -23.21
N VAL A 376 -26.87 13.88 -23.78
CA VAL A 376 -27.54 12.99 -24.76
C VAL A 376 -27.90 11.71 -24.02
N THR A 377 -29.17 11.32 -24.03
CA THR A 377 -29.55 10.11 -23.28
C THR A 377 -30.63 9.41 -24.07
N MET A 378 -30.75 8.10 -23.90
CA MET A 378 -31.80 7.35 -24.61
C MET A 378 -32.11 6.07 -23.85
N CYS A 379 -33.35 5.64 -23.99
CA CYS A 379 -33.75 4.26 -23.69
C CYS A 379 -33.13 3.32 -24.73
N VAL A 380 -33.03 2.04 -24.37
CA VAL A 380 -32.36 0.99 -25.19
C VAL A 380 -33.17 -0.29 -25.12
N GLY A 381 -33.55 -0.81 -26.28
CA GLY A 381 -34.16 -2.13 -26.42
C GLY A 381 -33.36 -3.15 -25.61
N GLY A 382 -34.04 -3.95 -24.80
CA GLY A 382 -33.39 -4.95 -23.93
C GLY A 382 -33.38 -4.53 -22.48
N GLY A 383 -33.74 -3.27 -22.21
CA GLY A 383 -33.87 -2.74 -20.84
C GLY A 383 -32.64 -1.99 -20.40
N MET A 384 -32.31 -0.89 -21.07
CA MET A 384 -31.17 -0.07 -20.61
C MET A 384 -31.45 1.40 -20.85
N GLY A 385 -30.70 2.21 -20.12
CA GLY A 385 -30.47 3.63 -20.42
C GLY A 385 -28.98 3.90 -20.63
N ALA A 386 -28.69 4.81 -21.55
CA ALA A 386 -27.35 5.37 -21.78
C ALA A 386 -27.47 6.90 -21.69
N SER A 387 -26.42 7.55 -21.15
CA SER A 387 -26.37 9.00 -20.85
C SER A 387 -24.93 9.45 -21.06
N GLY A 388 -24.74 10.51 -21.84
CA GLY A 388 -23.46 11.18 -22.06
C GLY A 388 -23.52 12.66 -21.73
N LEU A 389 -22.47 13.19 -21.12
CA LEU A 389 -22.36 14.63 -20.76
C LEU A 389 -21.34 15.31 -21.68
N PHE A 390 -21.73 16.45 -22.26
CA PHE A 390 -20.92 17.31 -23.14
C PHE A 390 -20.90 18.71 -22.52
N GLU A 391 -19.77 19.40 -22.68
CA GLU A 391 -19.60 20.77 -22.20
C GLU A 391 -19.06 21.62 -23.35
N ALA A 392 -19.80 22.65 -23.76
CA ALA A 392 -19.35 23.59 -24.81
C ALA A 392 -18.00 24.20 -24.39
N VAL A 393 -17.09 24.39 -25.34
CA VAL A 393 -15.78 25.07 -25.09
C VAL A 393 -16.04 26.59 -25.18
N ARG A 394 -15.64 27.35 -24.14
CA ARG A 394 -15.46 28.85 -24.13
C ARG A 394 -14.21 29.18 -24.96
N LEU A 395 -14.39 29.97 -26.02
CA LEU A 395 -13.32 30.50 -26.93
C LEU A 395 -13.58 32.00 -27.15
N ARG B 2 -6.73 7.62 -13.25
CA ARG B 2 -7.39 6.64 -12.33
C ARG B 2 -6.93 5.22 -12.71
N GLU B 3 -6.38 4.46 -11.76
CA GLU B 3 -5.74 3.15 -12.04
C GLU B 3 -6.82 2.06 -12.04
N VAL B 4 -6.65 1.12 -12.96
CA VAL B 4 -7.65 0.06 -13.24
C VAL B 4 -6.95 -1.28 -13.25
N VAL B 5 -7.53 -2.21 -12.53
CA VAL B 5 -6.93 -3.53 -12.32
C VAL B 5 -7.85 -4.63 -12.82
N ILE B 6 -7.19 -5.71 -13.26
CA ILE B 6 -7.80 -7.06 -13.40
C ILE B 6 -7.74 -7.70 -12.02
N VAL B 7 -8.88 -8.07 -11.49
CA VAL B 7 -9.04 -8.81 -10.23
C VAL B 7 -9.13 -10.30 -10.52
N ASP B 8 -9.77 -10.70 -11.62
CA ASP B 8 -9.91 -12.15 -11.93
C ASP B 8 -10.27 -12.29 -13.40
N SER B 9 -10.07 -13.49 -13.93
CA SER B 9 -10.34 -13.83 -15.35
C SER B 9 -10.52 -15.35 -15.42
N VAL B 10 -11.66 -15.82 -15.91
CA VAL B 10 -11.93 -17.27 -15.96
C VAL B 10 -12.55 -17.58 -17.31
N ARG B 11 -12.36 -18.81 -17.74
CA ARG B 11 -12.86 -19.19 -19.06
C ARG B 11 -13.40 -20.62 -18.98
N THR B 12 -14.11 -21.02 -20.02
CA THR B 12 -14.37 -22.46 -20.28
C THR B 12 -13.07 -23.09 -20.77
N GLY B 13 -12.97 -24.40 -20.69
CA GLY B 13 -12.12 -25.14 -21.63
C GLY B 13 -12.48 -24.81 -23.04
N LEU B 14 -11.58 -25.08 -23.98
CA LEU B 14 -11.82 -24.96 -25.41
C LEU B 14 -12.12 -26.36 -25.95
N ALA B 15 -13.33 -26.58 -26.44
CA ALA B 15 -13.80 -27.89 -26.95
C ALA B 15 -13.84 -27.82 -28.47
N LYS B 16 -13.27 -28.82 -29.11
CA LYS B 16 -13.31 -28.95 -30.58
C LYS B 16 -14.72 -28.63 -31.11
N SER B 17 -14.79 -27.81 -32.16
CA SER B 17 -16.05 -27.36 -32.76
C SER B 17 -16.70 -28.54 -33.49
N PHE B 18 -18.04 -28.56 -33.52
CA PHE B 18 -18.87 -29.54 -34.31
C PHE B 18 -18.92 -30.93 -33.65
N ARG B 19 -17.78 -31.47 -33.27
CA ARG B 19 -17.64 -32.83 -32.67
C ARG B 19 -17.54 -32.77 -31.15
N GLY B 20 -17.10 -31.67 -30.54
CA GLY B 20 -16.80 -31.67 -29.09
C GLY B 20 -18.00 -31.41 -28.21
N LYS B 21 -17.73 -31.27 -26.92
CA LYS B 21 -18.75 -31.29 -25.87
C LYS B 21 -19.45 -29.93 -25.72
N PHE B 22 -19.09 -28.91 -26.51
CA PHE B 22 -19.91 -27.66 -26.56
C PHE B 22 -20.77 -27.63 -27.83
N ASN B 23 -20.86 -28.71 -28.60
CA ASN B 23 -21.54 -28.64 -29.94
C ASN B 23 -23.05 -28.34 -29.86
N LEU B 24 -23.68 -28.38 -28.67
CA LEU B 24 -25.07 -27.91 -28.48
C LEU B 24 -25.13 -26.77 -27.45
N THR B 25 -24.01 -26.31 -26.94
CA THR B 25 -24.08 -25.32 -25.83
C THR B 25 -24.11 -23.90 -26.42
N ARG B 26 -25.05 -23.08 -25.99
CA ARG B 26 -25.23 -21.71 -26.52
C ARG B 26 -24.09 -20.82 -25.99
N PRO B 27 -23.56 -19.90 -26.82
CA PRO B 27 -22.48 -19.02 -26.38
C PRO B 27 -22.92 -18.05 -25.27
N ASP B 28 -24.15 -17.57 -25.31
CA ASP B 28 -24.66 -16.68 -24.26
C ASP B 28 -24.55 -17.45 -22.93
N ASP B 29 -25.02 -18.70 -22.88
CA ASP B 29 -24.98 -19.50 -21.62
C ASP B 29 -23.51 -19.72 -21.21
N MET B 30 -22.61 -19.94 -22.17
CA MET B 30 -21.17 -20.15 -21.85
C MET B 30 -20.58 -18.90 -21.18
N ALA B 31 -20.89 -17.72 -21.72
CA ALA B 31 -20.29 -16.49 -21.15
C ALA B 31 -20.93 -16.18 -19.80
N ALA B 32 -22.22 -16.39 -19.66
CA ALA B 32 -22.95 -16.22 -18.37
C ALA B 32 -22.37 -17.17 -17.29
N HIS B 33 -21.97 -18.38 -17.69
CA HIS B 33 -21.34 -19.34 -16.75
C HIS B 33 -20.04 -18.72 -16.21
N CYS B 34 -19.23 -18.10 -17.07
CA CYS B 34 -17.96 -17.43 -16.69
C CYS B 34 -18.25 -16.26 -15.74
N VAL B 35 -19.27 -15.45 -16.03
CA VAL B 35 -19.65 -14.32 -15.16
C VAL B 35 -20.05 -14.90 -13.80
N ASP B 36 -20.84 -15.96 -13.78
CA ASP B 36 -21.26 -16.60 -12.50
C ASP B 36 -20.04 -17.06 -11.71
N ALA B 37 -19.01 -17.60 -12.35
CA ALA B 37 -17.77 -18.02 -11.67
C ALA B 37 -17.04 -16.81 -11.09
N LEU B 38 -16.94 -15.71 -11.83
CA LEU B 38 -16.30 -14.45 -11.32
C LEU B 38 -17.03 -14.01 -10.04
N LEU B 39 -18.36 -14.05 -10.03
CA LEU B 39 -19.20 -13.62 -8.88
C LEU B 39 -18.91 -14.53 -7.67
N ALA B 40 -18.95 -15.86 -7.84
CA ALA B 40 -18.75 -16.86 -6.76
C ALA B 40 -17.30 -16.77 -6.25
N ARG B 41 -16.31 -16.71 -7.12
CA ARG B 41 -14.87 -16.74 -6.75
C ARG B 41 -14.49 -15.48 -6.00
N ASN B 42 -15.19 -14.38 -6.23
CA ASN B 42 -14.72 -13.08 -5.69
C ASN B 42 -15.74 -12.64 -4.65
N ASP B 43 -16.73 -13.50 -4.38
CA ASP B 43 -17.78 -13.22 -3.39
C ASP B 43 -18.33 -11.81 -3.68
N LEU B 44 -18.63 -11.54 -4.96
CA LEU B 44 -18.91 -10.17 -5.45
C LEU B 44 -20.41 -9.95 -5.46
N ASP B 45 -20.82 -8.85 -4.84
CA ASP B 45 -22.24 -8.40 -4.90
C ASP B 45 -22.57 -8.06 -6.37
N PRO B 46 -23.44 -8.82 -7.06
CA PRO B 46 -23.77 -8.54 -8.45
C PRO B 46 -24.26 -7.10 -8.74
N LEU B 47 -24.89 -6.44 -7.76
CA LEU B 47 -25.39 -5.05 -7.93
C LEU B 47 -24.20 -4.10 -8.05
N LEU B 48 -22.99 -4.49 -7.67
CA LEU B 48 -21.81 -3.61 -7.80
C LEU B 48 -21.34 -3.56 -9.26
N VAL B 49 -21.76 -4.50 -10.11
CA VAL B 49 -21.24 -4.58 -11.51
C VAL B 49 -21.99 -3.54 -12.36
N ASP B 50 -21.24 -2.67 -13.02
CA ASP B 50 -21.77 -1.50 -13.77
C ASP B 50 -22.11 -1.88 -15.22
N ASP B 51 -21.49 -2.92 -15.78
CA ASP B 51 -21.65 -3.25 -17.22
C ASP B 51 -21.04 -4.63 -17.52
N CYS B 52 -21.48 -5.19 -18.63
CA CYS B 52 -21.11 -6.51 -19.14
C CYS B 52 -20.84 -6.37 -20.64
N ILE B 53 -19.59 -6.51 -21.03
CA ILE B 53 -19.10 -6.23 -22.41
C ILE B 53 -18.61 -7.53 -22.96
N VAL B 54 -19.25 -7.99 -24.04
CA VAL B 54 -18.95 -9.29 -24.68
C VAL B 54 -18.57 -9.06 -26.15
N GLY B 55 -17.34 -9.43 -26.49
CA GLY B 55 -16.84 -9.49 -27.87
C GLY B 55 -17.17 -10.83 -28.50
N ALA B 56 -17.49 -10.80 -29.80
CA ALA B 56 -17.81 -11.99 -30.61
C ALA B 56 -17.63 -11.63 -32.08
N GLY B 57 -17.09 -12.56 -32.85
CA GLY B 57 -16.88 -12.42 -34.30
C GLY B 57 -18.22 -12.40 -35.00
N SER B 58 -19.01 -13.47 -34.80
CA SER B 58 -20.38 -13.51 -35.36
C SER B 58 -21.26 -12.70 -34.41
N ASN B 59 -22.12 -11.84 -34.92
CA ASN B 59 -23.09 -11.07 -34.10
C ASN B 59 -24.51 -11.33 -34.57
N GLU B 60 -24.82 -12.59 -34.88
CA GLU B 60 -26.13 -12.97 -35.45
C GLU B 60 -26.47 -14.41 -35.05
N GLY B 61 -27.73 -14.78 -35.16
CA GLY B 61 -28.16 -16.13 -34.82
C GLY B 61 -27.90 -16.45 -33.35
N ALA B 62 -27.17 -17.51 -33.07
CA ALA B 62 -26.78 -17.90 -31.69
C ALA B 62 -26.02 -16.75 -31.00
N GLN B 63 -25.43 -15.81 -31.74
CA GLN B 63 -24.68 -14.65 -31.17
C GLN B 63 -25.37 -13.33 -31.54
N GLY B 64 -26.67 -13.34 -31.84
CA GLY B 64 -27.50 -12.15 -32.14
C GLY B 64 -28.18 -11.53 -30.93
N HIS B 65 -28.99 -10.52 -31.19
CA HIS B 65 -29.93 -9.93 -30.18
C HIS B 65 -29.18 -9.29 -28.99
N ASN B 66 -27.97 -8.77 -29.23
CA ASN B 66 -27.11 -8.11 -28.18
C ASN B 66 -26.74 -9.15 -27.11
N ILE B 67 -25.87 -10.06 -27.48
CA ILE B 67 -25.40 -11.16 -26.60
C ILE B 67 -24.85 -10.58 -25.27
N GLY B 68 -24.13 -9.45 -25.27
CA GLY B 68 -23.61 -8.90 -24.00
C GLY B 68 -24.68 -8.57 -22.96
N ARG B 69 -25.79 -7.96 -23.37
CA ARG B 69 -26.95 -7.71 -22.49
C ARG B 69 -27.52 -9.06 -22.00
N ASN B 70 -27.76 -10.00 -22.92
CA ASN B 70 -28.42 -11.27 -22.58
C ASN B 70 -27.54 -12.10 -21.65
N VAL B 71 -26.22 -12.03 -21.83
CA VAL B 71 -25.24 -12.66 -20.91
C VAL B 71 -25.45 -12.10 -19.50
N ALA B 72 -25.58 -10.79 -19.36
CA ALA B 72 -25.80 -10.15 -18.05
C ALA B 72 -27.06 -10.75 -17.44
N VAL B 73 -28.16 -10.71 -18.18
CA VAL B 73 -29.50 -11.12 -17.68
C VAL B 73 -29.50 -12.62 -17.34
N LEU B 74 -28.85 -13.48 -18.12
CA LEU B 74 -28.77 -14.94 -17.82
C LEU B 74 -27.98 -15.20 -16.54
N SER B 75 -26.95 -14.42 -16.29
CA SER B 75 -26.04 -14.57 -15.12
C SER B 75 -26.73 -14.08 -13.86
N GLY B 76 -26.03 -14.21 -12.73
CA GLY B 76 -26.46 -13.63 -11.43
C GLY B 76 -26.56 -12.12 -11.48
N LEU B 77 -26.04 -11.44 -12.53
CA LEU B 77 -26.14 -9.97 -12.64
C LEU B 77 -27.62 -9.56 -12.85
N GLY B 78 -28.37 -10.26 -13.72
CA GLY B 78 -29.80 -9.99 -13.95
C GLY B 78 -30.07 -8.69 -14.69
N ILE B 79 -31.35 -8.30 -14.75
CA ILE B 79 -31.80 -7.11 -15.53
C ILE B 79 -31.15 -5.82 -15.02
N GLN B 80 -30.60 -5.77 -13.80
CA GLN B 80 -30.03 -4.51 -13.26
C GLN B 80 -28.76 -4.15 -14.02
N VAL B 81 -28.09 -5.10 -14.63
CA VAL B 81 -26.74 -4.83 -15.20
C VAL B 81 -26.89 -4.74 -16.71
N PRO B 82 -26.52 -3.58 -17.29
CA PRO B 82 -26.58 -3.40 -18.74
C PRO B 82 -25.50 -4.26 -19.40
N GLY B 83 -25.61 -4.42 -20.71
CA GLY B 83 -24.58 -5.10 -21.48
C GLY B 83 -24.59 -4.70 -22.93
N MET B 84 -23.47 -4.97 -23.61
CA MET B 84 -23.28 -4.58 -25.02
C MET B 84 -22.42 -5.64 -25.70
N THR B 85 -22.45 -5.60 -27.02
CA THR B 85 -21.70 -6.53 -27.88
C THR B 85 -20.73 -5.71 -28.74
N LEU B 86 -19.60 -6.28 -29.10
CA LEU B 86 -18.75 -5.63 -30.12
C LEU B 86 -18.07 -6.71 -30.94
N ASN B 87 -17.62 -6.30 -32.11
CA ASN B 87 -16.86 -7.09 -33.11
C ASN B 87 -15.68 -6.27 -33.59
N ARG B 88 -14.46 -6.70 -33.23
CA ARG B 88 -13.22 -6.45 -33.99
C ARG B 88 -12.58 -7.81 -34.20
N TYR B 89 -13.37 -8.75 -34.74
N TYR B 89 -13.35 -8.77 -34.76
CA TYR B 89 -13.14 -10.21 -34.97
CA TYR B 89 -13.16 -10.24 -34.88
C TYR B 89 -12.18 -10.81 -33.88
C TYR B 89 -12.16 -10.80 -33.84
N CYS B 90 -10.99 -11.23 -34.28
CA CYS B 90 -10.00 -11.95 -33.43
C CYS B 90 -9.58 -11.14 -32.19
N SER B 91 -9.73 -9.81 -32.20
CA SER B 91 -9.27 -8.97 -31.06
C SER B 91 -10.42 -8.71 -30.09
N SER B 92 -11.64 -9.15 -30.41
CA SER B 92 -12.86 -8.72 -29.68
C SER B 92 -12.74 -8.87 -28.16
N GLY B 93 -12.20 -9.97 -27.64
CA GLY B 93 -12.14 -10.16 -26.19
C GLY B 93 -11.21 -9.16 -25.53
N LEU B 94 -10.08 -8.83 -26.18
CA LEU B 94 -9.16 -7.81 -25.66
C LEU B 94 -9.81 -6.42 -25.77
N GLN B 95 -10.41 -6.15 -26.91
CA GLN B 95 -11.10 -4.86 -27.17
C GLN B 95 -12.13 -4.63 -26.05
N ALA B 96 -12.87 -5.67 -25.65
CA ALA B 96 -13.90 -5.56 -24.60
C ALA B 96 -13.22 -5.12 -23.29
N ILE B 97 -12.11 -5.74 -22.99
CA ILE B 97 -11.38 -5.46 -21.72
C ILE B 97 -10.85 -4.01 -21.73
N ALA B 98 -10.32 -3.55 -22.86
CA ALA B 98 -9.80 -2.17 -23.02
C ALA B 98 -10.94 -1.18 -22.80
N ILE B 99 -12.09 -1.45 -23.38
CA ILE B 99 -13.27 -0.54 -23.25
C ILE B 99 -13.69 -0.48 -21.79
N ALA B 100 -13.73 -1.63 -21.11
CA ALA B 100 -14.10 -1.73 -19.68
C ALA B 100 -13.11 -0.86 -18.88
N ALA B 101 -11.84 -1.02 -19.15
CA ALA B 101 -10.74 -0.37 -18.38
C ALA B 101 -10.83 1.16 -18.55
N ASN B 102 -10.95 1.63 -19.79
CA ASN B 102 -11.03 3.07 -20.16
C ASN B 102 -12.34 3.67 -19.63
N GLN B 103 -13.42 2.91 -19.54
CA GLN B 103 -14.68 3.43 -18.97
C GLN B 103 -14.50 3.59 -17.45
N ILE B 104 -13.88 2.63 -16.79
CA ILE B 104 -13.55 2.76 -15.34
C ILE B 104 -12.59 3.95 -15.15
N ALA B 105 -11.55 4.07 -15.96
CA ALA B 105 -10.54 5.14 -15.87
C ALA B 105 -11.21 6.53 -15.94
N SER B 106 -12.32 6.69 -16.66
CA SER B 106 -13.05 7.98 -16.82
C SER B 106 -13.73 8.43 -15.53
N GLY B 107 -13.90 7.55 -14.55
CA GLY B 107 -14.57 7.84 -13.28
C GLY B 107 -16.06 7.54 -13.33
N CYS B 108 -16.59 7.05 -14.46
CA CYS B 108 -18.05 6.93 -14.60
C CYS B 108 -18.50 5.50 -14.28
N SER B 109 -17.57 4.58 -14.05
CA SER B 109 -17.86 3.20 -13.62
C SER B 109 -16.80 2.79 -12.61
N GLU B 110 -17.11 1.83 -11.74
CA GLU B 110 -16.17 1.22 -10.76
C GLU B 110 -15.83 -0.23 -11.14
N VAL B 111 -16.81 -1.01 -11.60
CA VAL B 111 -16.72 -2.51 -11.74
C VAL B 111 -17.38 -2.93 -13.05
N ILE B 112 -16.65 -3.61 -13.91
CA ILE B 112 -17.18 -4.12 -15.20
C ILE B 112 -16.67 -5.54 -15.42
N VAL B 113 -17.52 -6.38 -15.99
CA VAL B 113 -17.06 -7.70 -16.48
C VAL B 113 -16.99 -7.60 -18.00
N ALA B 114 -15.90 -8.09 -18.59
CA ALA B 114 -15.67 -7.91 -20.02
C ALA B 114 -14.90 -9.11 -20.52
N GLY B 115 -15.19 -9.49 -21.76
CA GLY B 115 -14.46 -10.60 -22.38
C GLY B 115 -15.14 -10.95 -23.69
N GLY B 116 -15.16 -12.24 -24.03
CA GLY B 116 -15.74 -12.65 -25.31
C GLY B 116 -16.11 -14.11 -25.34
N VAL B 117 -16.77 -14.47 -26.44
CA VAL B 117 -17.23 -15.85 -26.61
C VAL B 117 -17.23 -16.12 -28.11
N GLU B 118 -17.03 -17.37 -28.49
CA GLU B 118 -17.38 -17.85 -29.85
C GLU B 118 -17.84 -19.30 -29.74
N SER B 119 -19.05 -19.53 -30.19
CA SER B 119 -19.49 -20.87 -30.62
C SER B 119 -19.26 -20.96 -32.12
N ILE B 120 -18.09 -21.41 -32.50
CA ILE B 120 -17.82 -21.68 -33.94
C ILE B 120 -18.83 -22.75 -34.43
N THR B 121 -19.09 -23.77 -33.61
CA THR B 121 -20.12 -24.79 -33.93
C THR B 121 -21.40 -24.13 -34.42
N LEU B 122 -22.02 -23.21 -33.65
CA LEU B 122 -23.37 -22.68 -33.95
C LEU B 122 -23.39 -21.48 -34.92
N THR B 123 -22.24 -20.85 -35.22
CA THR B 123 -22.21 -19.56 -35.97
C THR B 123 -21.38 -19.68 -37.25
N LEU B 124 -20.38 -20.55 -37.34
CA LEU B 124 -19.46 -20.51 -38.52
C LEU B 124 -20.22 -20.60 -39.84
N LYS B 125 -21.13 -21.56 -39.97
CA LYS B 125 -21.91 -21.82 -41.21
C LYS B 125 -23.31 -21.21 -41.12
N SER B 126 -23.60 -20.34 -40.15
CA SER B 126 -24.91 -19.66 -40.02
C SER B 126 -24.72 -18.16 -40.28
N VAL B 127 -24.71 -17.79 -41.55
CA VAL B 127 -24.32 -16.42 -42.00
C VAL B 127 -25.42 -15.85 -42.88
N ASN B 128 -26.01 -14.74 -42.47
CA ASN B 128 -26.92 -13.88 -43.25
C ASN B 128 -26.13 -13.30 -44.43
N THR B 129 -26.39 -13.78 -45.64
CA THR B 129 -25.67 -13.35 -46.88
C THR B 129 -26.41 -12.23 -47.63
N ASP B 130 -27.56 -11.76 -47.16
CA ASP B 130 -28.28 -10.65 -47.85
C ASP B 130 -27.41 -9.40 -47.86
N HIS B 131 -27.04 -8.93 -49.05
CA HIS B 131 -26.29 -7.66 -49.23
C HIS B 131 -24.98 -7.73 -48.45
N LEU B 132 -24.41 -8.91 -48.27
CA LEU B 132 -23.23 -9.02 -47.37
C LEU B 132 -22.01 -8.39 -48.05
N VAL B 133 -21.82 -8.61 -49.35
CA VAL B 133 -20.64 -8.09 -50.10
C VAL B 133 -20.94 -6.67 -50.63
N ASN B 134 -20.04 -5.72 -50.37
CA ASN B 134 -20.07 -4.38 -50.98
C ASN B 134 -19.32 -4.48 -52.31
N PRO B 135 -20.01 -4.40 -53.47
CA PRO B 135 -19.36 -4.61 -54.76
C PRO B 135 -18.18 -3.67 -54.97
N LEU B 136 -18.29 -2.46 -54.46
CA LEU B 136 -17.24 -1.42 -54.55
C LEU B 136 -16.01 -1.84 -53.73
N LEU B 137 -16.19 -2.38 -52.53
CA LEU B 137 -15.04 -2.90 -51.72
C LEU B 137 -14.38 -4.04 -52.45
N GLN B 138 -15.18 -4.96 -52.95
CA GLN B 138 -14.71 -6.21 -53.62
C GLN B 138 -13.80 -5.78 -54.78
N ARG B 139 -14.17 -4.74 -55.51
CA ARG B 139 -13.36 -4.14 -56.62
C ARG B 139 -12.12 -3.44 -56.05
N GLU B 140 -12.27 -2.60 -55.04
CA GLU B 140 -11.17 -1.71 -54.56
C GLU B 140 -10.18 -2.52 -53.69
N VAL B 141 -10.68 -3.34 -52.76
CA VAL B 141 -9.83 -4.08 -51.79
C VAL B 141 -10.37 -5.50 -51.66
N PRO B 142 -10.15 -6.37 -52.68
CA PRO B 142 -10.73 -7.72 -52.65
C PRO B 142 -10.28 -8.54 -51.44
N GLY B 143 -9.09 -8.21 -50.91
CA GLY B 143 -8.52 -8.82 -49.70
C GLY B 143 -9.49 -8.83 -48.53
N ILE B 144 -10.40 -7.87 -48.48
CA ILE B 144 -11.43 -7.76 -47.37
C ILE B 144 -12.23 -9.07 -47.30
N TYR B 145 -12.36 -9.80 -48.41
CA TYR B 145 -13.23 -10.99 -48.50
C TYR B 145 -12.39 -12.26 -48.64
N TYR B 146 -11.06 -12.20 -48.62
CA TYR B 146 -10.27 -13.44 -48.70
C TYR B 146 -10.46 -14.25 -47.44
N PRO B 147 -10.59 -15.58 -47.55
CA PRO B 147 -10.53 -16.43 -46.38
C PRO B 147 -9.20 -16.21 -45.62
N MET B 148 -9.30 -16.33 -44.31
CA MET B 148 -8.14 -16.15 -43.39
C MET B 148 -6.98 -17.07 -43.78
N GLY B 149 -7.24 -18.32 -44.13
CA GLY B 149 -6.14 -19.23 -44.52
C GLY B 149 -5.47 -18.75 -45.78
N GLN B 150 -6.21 -18.11 -46.69
CA GLN B 150 -5.58 -17.56 -47.91
C GLN B 150 -4.57 -16.47 -47.52
N THR B 151 -4.92 -15.62 -46.55
CA THR B 151 -4.02 -14.52 -46.14
C THR B 151 -2.81 -15.17 -45.46
N ALA B 152 -2.99 -16.30 -44.75
CA ALA B 152 -1.89 -17.01 -44.05
C ALA B 152 -0.86 -17.51 -45.10
N GLU B 153 -1.33 -17.97 -46.27
CA GLU B 153 -0.43 -18.44 -47.36
C GLU B 153 0.26 -17.22 -48.01
N ILE B 154 -0.47 -16.11 -48.12
CA ILE B 154 0.08 -14.87 -48.75
C ILE B 154 1.22 -14.40 -47.89
N VAL B 155 1.04 -14.39 -46.58
CA VAL B 155 2.10 -13.98 -45.63
C VAL B 155 3.29 -14.95 -45.73
N ALA B 156 3.08 -16.26 -45.71
CA ALA B 156 4.22 -17.22 -45.79
C ALA B 156 5.05 -16.93 -47.06
N ARG B 157 4.39 -16.69 -48.17
CA ARG B 157 5.07 -16.53 -49.50
C ARG B 157 5.73 -15.16 -49.52
N ARG B 158 5.00 -14.10 -49.16
CA ARG B 158 5.49 -12.70 -49.28
C ARG B 158 6.71 -12.49 -48.39
N TYR B 159 6.76 -13.11 -47.22
CA TYR B 159 7.81 -12.84 -46.22
C TYR B 159 8.71 -14.04 -46.07
N GLY B 160 8.59 -15.07 -46.92
CA GLY B 160 9.53 -16.21 -46.89
C GLY B 160 9.52 -16.96 -45.58
N ILE B 161 8.34 -17.24 -45.02
CA ILE B 161 8.24 -18.05 -43.78
C ILE B 161 8.10 -19.51 -44.24
N THR B 162 9.14 -20.33 -44.08
CA THR B 162 9.16 -21.67 -44.72
C THR B 162 8.18 -22.61 -44.01
N ARG B 163 7.79 -23.68 -44.71
CA ARG B 163 7.02 -24.81 -44.13
C ARG B 163 7.76 -25.30 -42.88
N GLU B 164 9.06 -25.51 -43.00
CA GLU B 164 9.90 -26.06 -41.93
C GLU B 164 9.82 -25.16 -40.68
N ALA B 165 9.92 -23.84 -40.85
CA ALA B 165 9.89 -22.87 -39.73
C ALA B 165 8.49 -22.92 -39.08
N GLN B 166 7.45 -22.94 -39.90
CA GLN B 166 6.04 -23.00 -39.42
C GLN B 166 5.85 -24.25 -38.57
N ASP B 167 6.30 -25.43 -39.06
CA ASP B 167 6.14 -26.72 -38.32
C ASP B 167 6.97 -26.71 -37.03
N ALA B 168 8.18 -26.15 -37.06
CA ALA B 168 9.02 -26.00 -35.84
C ALA B 168 8.25 -25.15 -34.82
N TYR B 169 7.58 -24.08 -35.27
CA TYR B 169 6.76 -23.23 -34.37
C TYR B 169 5.57 -24.04 -33.82
N ALA B 170 4.78 -24.69 -34.70
CA ALA B 170 3.60 -25.49 -34.24
C ALA B 170 4.02 -26.50 -33.18
N LEU B 171 5.14 -27.17 -33.40
CA LEU B 171 5.62 -28.23 -32.48
C LEU B 171 5.92 -27.57 -31.13
N GLN B 172 6.58 -26.41 -31.17
CA GLN B 172 6.89 -25.66 -29.93
C GLN B 172 5.59 -25.38 -29.17
N SER B 173 4.55 -24.94 -29.88
CA SER B 173 3.27 -24.61 -29.23
C SER B 173 2.71 -25.87 -28.56
N GLN B 174 2.72 -27.03 -29.24
CA GLN B 174 2.16 -28.28 -28.70
C GLN B 174 2.98 -28.67 -27.46
N GLN B 175 4.30 -28.67 -27.57
CA GLN B 175 5.16 -29.08 -26.43
C GLN B 175 4.93 -28.15 -25.22
N ARG B 176 4.94 -26.82 -25.44
CA ARG B 176 4.82 -25.86 -24.32
C ARG B 176 3.43 -26.03 -23.72
N MET B 177 2.40 -26.23 -24.54
CA MET B 177 1.02 -26.37 -23.99
C MET B 177 0.96 -27.66 -23.17
N ALA B 178 1.56 -28.75 -23.66
CA ALA B 178 1.45 -30.08 -22.99
C ALA B 178 2.11 -29.98 -21.62
N ARG B 179 3.32 -29.43 -21.59
CA ARG B 179 4.04 -29.17 -20.31
C ARG B 179 3.17 -28.31 -19.37
N ALA B 180 2.58 -27.22 -19.86
CA ALA B 180 1.82 -26.30 -18.98
C ALA B 180 0.61 -27.07 -18.46
N GLN B 181 0.02 -27.95 -19.28
CA GLN B 181 -1.15 -28.74 -18.83
C GLN B 181 -0.68 -29.69 -17.72
N ALA B 182 0.40 -30.43 -17.93
CA ALA B 182 0.94 -31.43 -16.94
C ALA B 182 1.30 -30.70 -15.64
N ASP B 183 1.76 -29.45 -15.72
CA ASP B 183 2.11 -28.64 -14.53
C ASP B 183 0.87 -27.98 -13.90
N GLY B 184 -0.34 -28.20 -14.43
CA GLY B 184 -1.58 -27.65 -13.85
C GLY B 184 -1.69 -26.11 -13.97
N LEU B 185 -1.05 -25.50 -14.96
CA LEU B 185 -1.03 -24.02 -15.07
C LEU B 185 -2.39 -23.47 -15.53
N PHE B 186 -3.42 -24.30 -15.77
CA PHE B 186 -4.75 -23.87 -16.26
C PHE B 186 -5.83 -24.19 -15.25
N ALA B 187 -5.46 -24.80 -14.13
CA ALA B 187 -6.43 -25.28 -13.12
C ALA B 187 -7.21 -24.11 -12.51
N ASP B 188 -6.59 -22.94 -12.39
CA ASP B 188 -7.27 -21.79 -11.76
C ASP B 188 -8.03 -20.96 -12.82
N GLU B 189 -7.62 -20.99 -14.09
CA GLU B 189 -8.21 -20.14 -15.17
C GLU B 189 -9.42 -20.86 -15.78
N ILE B 190 -9.41 -22.19 -15.91
CA ILE B 190 -10.56 -22.94 -16.48
C ILE B 190 -11.59 -23.27 -15.41
N VAL B 191 -12.85 -22.95 -15.70
CA VAL B 191 -14.01 -23.30 -14.83
C VAL B 191 -14.76 -24.40 -15.58
N PRO B 192 -15.01 -25.56 -14.94
CA PRO B 192 -15.72 -26.64 -15.62
C PRO B 192 -17.16 -26.21 -15.91
N MET B 193 -17.71 -26.75 -17.00
CA MET B 193 -19.12 -26.52 -17.36
C MET B 193 -19.76 -27.85 -17.76
N THR B 194 -20.94 -28.07 -17.21
CA THR B 194 -21.78 -29.26 -17.52
C THR B 194 -22.53 -28.97 -18.80
N THR B 195 -22.54 -29.93 -19.71
CA THR B 195 -23.22 -29.80 -21.01
C THR B 195 -24.12 -31.01 -21.33
N ARG B 196 -24.97 -30.81 -22.33
CA ARG B 196 -25.52 -31.85 -23.20
C ARG B 196 -24.80 -31.71 -24.54
N TYR B 197 -24.34 -32.80 -25.15
CA TYR B 197 -23.68 -32.72 -26.48
C TYR B 197 -24.05 -33.89 -27.39
N ALA B 198 -23.95 -33.64 -28.70
CA ALA B 198 -24.48 -34.57 -29.74
C ALA B 198 -23.32 -35.43 -30.21
N VAL B 199 -23.60 -36.72 -30.40
CA VAL B 199 -22.66 -37.68 -31.04
C VAL B 199 -23.43 -38.43 -32.10
N GLU B 200 -22.72 -38.85 -33.14
CA GLU B 200 -23.20 -39.80 -34.14
C GLU B 200 -22.05 -40.78 -34.27
N ASP B 201 -22.30 -42.08 -34.11
CA ASP B 201 -21.32 -43.10 -34.58
C ASP B 201 -21.39 -43.09 -36.12
N LYS B 202 -20.26 -42.95 -36.83
CA LYS B 202 -20.28 -42.91 -38.32
C LYS B 202 -20.58 -44.33 -38.86
N ALA B 203 -20.18 -45.37 -38.12
CA ALA B 203 -20.27 -46.80 -38.53
C ALA B 203 -21.68 -47.37 -38.28
N SER B 204 -22.37 -46.97 -37.21
CA SER B 204 -23.72 -47.47 -36.78
C SER B 204 -24.84 -46.53 -37.25
N GLY B 205 -24.53 -45.28 -37.59
CA GLY B 205 -25.52 -44.20 -37.79
C GLY B 205 -26.18 -43.73 -36.47
N GLU B 206 -25.73 -44.22 -35.30
CA GLU B 206 -26.42 -43.94 -34.02
C GLU B 206 -26.09 -42.50 -33.58
N LYS B 207 -27.13 -41.66 -33.53
CA LYS B 207 -27.15 -40.32 -32.87
C LYS B 207 -27.61 -40.46 -31.42
N GLN B 208 -27.00 -39.68 -30.56
CA GLN B 208 -27.41 -39.53 -29.15
C GLN B 208 -27.07 -38.09 -28.75
N VAL B 209 -27.83 -37.56 -27.82
CA VAL B 209 -27.41 -36.44 -26.93
C VAL B 209 -26.97 -37.06 -25.62
N LEU B 210 -25.76 -36.74 -25.17
CA LEU B 210 -25.09 -37.35 -24.01
C LEU B 210 -24.87 -36.26 -22.96
N ASP B 211 -24.66 -36.66 -21.70
CA ASP B 211 -24.27 -35.72 -20.63
C ASP B 211 -22.75 -35.60 -20.66
N GLY B 212 -22.20 -34.39 -20.53
CA GLY B 212 -20.75 -34.17 -20.58
C GLY B 212 -20.33 -33.08 -19.61
N VAL B 213 -19.04 -32.95 -19.43
CA VAL B 213 -18.41 -31.81 -18.70
C VAL B 213 -17.25 -31.32 -19.56
N VAL B 214 -17.17 -30.02 -19.85
CA VAL B 214 -15.91 -29.48 -20.43
C VAL B 214 -15.08 -28.99 -19.24
N ASP B 215 -13.89 -29.55 -19.01
CA ASP B 215 -13.10 -29.22 -17.78
C ASP B 215 -11.63 -29.02 -18.12
N ARG B 216 -11.27 -29.01 -19.39
CA ARG B 216 -9.88 -28.81 -19.89
C ARG B 216 -9.98 -28.45 -21.38
N ASP B 217 -8.87 -28.06 -21.98
CA ASP B 217 -8.73 -27.83 -23.43
C ASP B 217 -8.42 -29.20 -24.02
N ASP B 218 -9.19 -29.67 -25.01
CA ASP B 218 -9.13 -31.07 -25.51
C ASP B 218 -8.53 -31.12 -26.91
N CYS B 219 -8.27 -29.98 -27.59
CA CYS B 219 -7.83 -29.97 -29.01
C CYS B 219 -6.33 -30.18 -29.14
N ASN B 220 -5.53 -30.11 -28.08
CA ASN B 220 -4.05 -30.19 -28.29
C ASN B 220 -3.59 -31.64 -28.45
N ARG B 221 -2.38 -31.84 -29.00
CA ARG B 221 -1.82 -33.19 -29.26
C ARG B 221 -0.42 -33.24 -28.71
N PRO B 222 -0.23 -33.64 -27.44
CA PRO B 222 1.09 -33.67 -26.82
C PRO B 222 2.08 -34.55 -27.60
N ASP B 223 1.60 -35.53 -28.38
CA ASP B 223 2.48 -36.49 -29.09
C ASP B 223 2.91 -35.94 -30.45
N THR B 224 2.52 -34.70 -30.81
CA THR B 224 2.87 -34.12 -32.13
C THR B 224 4.38 -34.22 -32.32
N THR B 225 4.80 -34.52 -33.54
CA THR B 225 6.25 -34.55 -33.89
C THR B 225 6.47 -33.68 -35.10
N LEU B 226 7.72 -33.28 -35.32
CA LEU B 226 8.08 -32.51 -36.51
C LEU B 226 7.75 -33.35 -37.75
N GLU B 227 8.10 -34.65 -37.75
CA GLU B 227 7.85 -35.53 -38.92
C GLU B 227 6.36 -35.60 -39.24
N GLY B 228 5.52 -35.74 -38.22
CA GLY B 228 4.05 -35.68 -38.35
C GLY B 228 3.65 -34.39 -39.05
N LEU B 229 4.04 -33.25 -38.49
CA LEU B 229 3.65 -31.95 -39.11
C LEU B 229 4.14 -31.86 -40.56
N ALA B 230 5.37 -32.30 -40.84
CA ALA B 230 5.99 -32.23 -42.19
C ALA B 230 5.21 -33.10 -43.19
N SER B 231 4.44 -34.07 -42.74
CA SER B 231 3.71 -35.02 -43.61
C SER B 231 2.32 -34.48 -43.99
N LEU B 232 1.80 -33.46 -43.28
CA LEU B 232 0.40 -32.99 -43.46
C LEU B 232 0.22 -32.34 -44.83
N LYS B 233 -1.00 -32.43 -45.36
CA LYS B 233 -1.33 -31.81 -46.66
C LYS B 233 -1.61 -30.32 -46.40
N PRO B 234 -1.26 -29.47 -47.38
CA PRO B 234 -1.56 -28.04 -47.32
C PRO B 234 -3.08 -27.81 -47.26
N ALA B 235 -3.53 -26.84 -46.47
CA ALA B 235 -4.97 -26.64 -46.20
C ALA B 235 -5.53 -25.58 -47.16
N PHE B 236 -4.71 -24.65 -47.66
CA PHE B 236 -5.30 -23.45 -48.34
C PHE B 236 -4.78 -23.23 -49.74
N ALA B 237 -3.74 -23.94 -50.17
CA ALA B 237 -3.19 -23.83 -51.54
C ALA B 237 -2.61 -25.19 -51.91
N GLU B 238 -2.77 -25.61 -53.17
CA GLU B 238 -2.31 -26.94 -53.66
C GLU B 238 -0.79 -27.08 -53.42
N ASP B 239 -0.02 -26.01 -53.62
CA ASP B 239 1.46 -26.07 -53.42
C ASP B 239 1.83 -25.39 -52.10
N GLY B 240 0.98 -25.46 -51.08
CA GLY B 240 1.01 -24.50 -49.95
C GLY B 240 1.92 -24.96 -48.83
N SER B 241 2.07 -24.13 -47.81
CA SER B 241 2.88 -24.43 -46.61
C SER B 241 1.98 -24.45 -45.36
N VAL B 242 0.81 -23.85 -45.43
CA VAL B 242 -0.07 -23.73 -44.26
C VAL B 242 -0.96 -24.99 -44.24
N THR B 243 -1.03 -25.62 -43.09
CA THR B 243 -1.70 -26.92 -42.83
C THR B 243 -2.56 -26.80 -41.58
N ALA B 244 -3.35 -27.82 -41.33
CA ALA B 244 -4.22 -27.87 -40.14
C ALA B 244 -3.33 -27.91 -38.90
N GLY B 245 -2.13 -28.46 -39.05
CA GLY B 245 -1.19 -28.65 -37.92
C GLY B 245 -0.41 -27.38 -37.56
N ASN B 246 -0.23 -26.44 -38.49
CA ASN B 246 0.52 -25.19 -38.17
C ASN B 246 -0.44 -24.00 -38.23
N ALA B 247 -1.74 -24.27 -38.08
CA ALA B 247 -2.81 -23.26 -38.03
C ALA B 247 -3.64 -23.51 -36.78
N SER B 248 -4.31 -22.47 -36.33
CA SER B 248 -5.13 -22.58 -35.13
C SER B 248 -6.29 -23.53 -35.47
N GLN B 249 -6.80 -24.20 -34.48
CA GLN B 249 -7.93 -25.13 -34.67
C GLN B 249 -9.23 -24.38 -34.44
N LEU B 250 -10.33 -24.98 -34.87
CA LEU B 250 -11.71 -24.51 -34.61
C LEU B 250 -12.10 -25.08 -33.25
N SER B 251 -12.31 -24.21 -32.27
CA SER B 251 -12.82 -24.61 -30.94
C SER B 251 -13.82 -23.58 -30.42
N ASP B 252 -14.62 -24.02 -29.46
CA ASP B 252 -15.74 -23.25 -28.87
C ASP B 252 -15.36 -22.86 -27.44
N GLY B 253 -15.67 -21.64 -27.03
CA GLY B 253 -15.50 -21.32 -25.61
C GLY B 253 -15.76 -19.86 -25.30
N ALA B 254 -15.65 -19.51 -24.02
CA ALA B 254 -15.93 -18.14 -23.50
C ALA B 254 -14.89 -17.81 -22.44
N SER B 255 -14.57 -16.53 -22.28
CA SER B 255 -13.65 -16.00 -21.25
C SER B 255 -14.24 -14.69 -20.77
N MET B 256 -14.27 -14.44 -19.46
CA MET B 256 -14.75 -13.16 -18.93
C MET B 256 -13.81 -12.70 -17.82
N THR B 257 -13.67 -11.38 -17.74
CA THR B 257 -12.62 -10.69 -16.97
C THR B 257 -13.34 -9.70 -16.03
N LEU B 258 -12.99 -9.74 -14.74
CA LEU B 258 -13.48 -8.80 -13.71
C LEU B 258 -12.49 -7.64 -13.60
N LEU B 259 -12.92 -6.42 -13.98
CA LEU B 259 -12.07 -5.21 -13.88
C LEU B 259 -12.66 -4.29 -12.82
N MET B 260 -11.82 -3.57 -12.09
CA MET B 260 -12.34 -2.47 -11.23
C MET B 260 -11.23 -1.44 -10.98
N SER B 261 -11.60 -0.24 -10.51
CA SER B 261 -10.58 0.74 -10.04
C SER B 261 -9.77 0.07 -8.94
N LEU B 262 -8.49 0.41 -8.82
CA LEU B 262 -7.64 0.00 -7.68
C LEU B 262 -8.37 0.38 -6.40
N GLU B 263 -8.88 1.62 -6.37
CA GLU B 263 -9.60 2.15 -5.19
C GLU B 263 -10.70 1.15 -4.79
N LYS B 264 -11.48 0.66 -5.74
CA LYS B 264 -12.63 -0.22 -5.39
C LYS B 264 -12.16 -1.61 -4.91
N ALA B 265 -11.16 -2.20 -5.59
CA ALA B 265 -10.54 -3.50 -5.25
C ALA B 265 -10.14 -3.48 -3.76
N LEU B 266 -9.45 -2.42 -3.39
CA LEU B 266 -9.00 -2.09 -2.01
C LEU B 266 -10.21 -2.08 -1.07
N ALA B 267 -11.28 -1.38 -1.42
CA ALA B 267 -12.42 -1.23 -0.52
C ALA B 267 -13.16 -2.55 -0.36
N LEU B 268 -13.07 -3.43 -1.35
CA LEU B 268 -13.77 -4.74 -1.29
C LEU B 268 -12.83 -5.80 -0.67
N GLY B 269 -11.56 -5.49 -0.44
CA GLY B 269 -10.59 -6.48 0.07
C GLY B 269 -10.28 -7.56 -0.96
N LEU B 270 -10.39 -7.24 -2.25
CA LEU B 270 -10.00 -8.14 -3.38
C LEU B 270 -8.57 -7.82 -3.77
N GLU B 271 -7.82 -8.84 -4.15
CA GLU B 271 -6.40 -8.72 -4.56
C GLU B 271 -6.37 -8.36 -6.04
N PRO B 272 -5.76 -7.22 -6.41
CA PRO B 272 -5.49 -6.93 -7.81
C PRO B 272 -4.44 -7.92 -8.33
N LYS B 273 -4.58 -8.40 -9.56
CA LYS B 273 -3.55 -9.24 -10.21
C LYS B 273 -2.69 -8.41 -11.14
N ALA B 274 -3.28 -7.47 -11.88
CA ALA B 274 -2.57 -6.63 -12.86
C ALA B 274 -3.31 -5.31 -13.09
N PHE B 275 -2.53 -4.35 -13.55
CA PHE B 275 -2.98 -3.07 -14.11
C PHE B 275 -3.17 -3.22 -15.62
N PHE B 276 -4.28 -2.68 -16.11
CA PHE B 276 -4.43 -2.33 -17.54
C PHE B 276 -3.62 -1.07 -17.83
N ARG B 277 -2.69 -1.14 -18.79
CA ARG B 277 -1.79 -0.01 -19.08
C ARG B 277 -1.93 0.50 -20.53
N GLY B 278 -2.93 0.05 -21.27
CA GLY B 278 -3.21 0.74 -22.53
C GLY B 278 -3.47 -0.25 -23.63
N PHE B 279 -4.09 0.24 -24.69
CA PHE B 279 -4.49 -0.54 -25.87
C PHE B 279 -4.31 0.28 -27.14
N THR B 280 -3.84 -0.35 -28.21
CA THR B 280 -3.79 0.24 -29.56
C THR B 280 -4.30 -0.71 -30.63
N VAL B 281 -4.72 -0.13 -31.75
CA VAL B 281 -5.08 -0.87 -32.99
C VAL B 281 -4.37 -0.19 -34.14
N ALA B 282 -4.16 -0.89 -35.23
CA ALA B 282 -3.54 -0.36 -36.45
C ALA B 282 -4.16 -1.12 -37.60
N GLY B 283 -4.16 -0.50 -38.77
CA GLY B 283 -4.70 -1.08 -39.99
C GLY B 283 -3.56 -1.64 -40.82
N CYS B 284 -3.83 -2.63 -41.64
CA CYS B 284 -2.85 -3.10 -42.64
C CYS B 284 -3.63 -3.65 -43.83
N GLU B 285 -2.93 -4.15 -44.83
CA GLU B 285 -3.56 -4.74 -46.02
C GLU B 285 -4.34 -5.97 -45.58
N PRO B 286 -5.62 -6.12 -45.93
CA PRO B 286 -6.38 -7.32 -45.53
C PRO B 286 -5.74 -8.64 -45.99
N ASP B 287 -5.10 -8.62 -47.17
CA ASP B 287 -4.55 -9.85 -47.77
C ASP B 287 -3.39 -10.35 -46.93
N GLU B 288 -2.83 -9.52 -46.05
CA GLU B 288 -1.75 -9.96 -45.13
C GLU B 288 -2.14 -9.59 -43.69
N MET B 289 -3.39 -9.82 -43.33
CA MET B 289 -3.90 -9.41 -42.00
C MET B 289 -3.04 -10.01 -40.89
N GLY B 290 -2.39 -11.16 -41.12
CA GLY B 290 -1.56 -11.80 -40.08
C GLY B 290 -0.46 -10.88 -39.51
N ILE B 291 0.02 -9.90 -40.27
CA ILE B 291 1.16 -9.06 -39.82
C ILE B 291 0.65 -7.89 -38.96
N GLY B 292 -0.67 -7.73 -38.80
CA GLY B 292 -1.24 -6.67 -37.94
C GLY B 292 -0.36 -6.20 -36.76
N PRO B 293 -0.01 -7.10 -35.81
CA PRO B 293 0.73 -6.72 -34.61
C PRO B 293 2.03 -5.95 -34.89
N VAL B 294 2.68 -6.09 -36.07
CA VAL B 294 3.94 -5.35 -36.34
C VAL B 294 3.64 -3.84 -36.47
N PHE B 295 2.38 -3.42 -36.66
CA PHE B 295 1.95 -1.99 -36.74
C PHE B 295 1.37 -1.53 -35.39
N SER B 296 0.65 -2.40 -34.70
CA SER B 296 -0.05 -2.00 -33.44
C SER B 296 0.91 -2.04 -32.25
N VAL B 297 1.86 -2.97 -32.22
CA VAL B 297 2.74 -3.12 -31.03
C VAL B 297 3.59 -1.85 -30.87
N PRO B 298 4.27 -1.37 -31.94
CA PRO B 298 5.16 -0.20 -31.79
C PRO B 298 4.37 1.04 -31.35
N LYS B 299 3.14 1.23 -31.89
CA LYS B 299 2.25 2.30 -31.41
C LYS B 299 2.05 2.19 -29.89
N LEU B 300 1.83 0.99 -29.35
CA LEU B 300 1.48 0.84 -27.93
C LEU B 300 2.73 1.14 -27.08
N LEU B 301 3.87 0.61 -27.48
CA LEU B 301 5.11 0.76 -26.67
C LEU B 301 5.54 2.25 -26.63
N LYS B 302 5.39 2.95 -27.74
CA LYS B 302 5.71 4.39 -27.86
C LYS B 302 4.74 5.18 -26.97
N ALA B 303 3.43 4.94 -27.07
CA ALA B 303 2.42 5.61 -26.23
C ALA B 303 2.78 5.42 -24.77
N LYS B 304 3.42 4.30 -24.39
CA LYS B 304 3.61 3.97 -22.97
C LYS B 304 5.07 4.12 -22.53
N GLY B 305 5.99 4.51 -23.42
CA GLY B 305 7.40 4.76 -23.05
C GLY B 305 8.17 3.48 -22.78
N LEU B 306 7.91 2.38 -23.54
CA LEU B 306 8.63 1.10 -23.34
C LEU B 306 9.30 0.75 -24.65
N LYS B 307 10.29 -0.12 -24.54
CA LYS B 307 10.98 -0.77 -25.68
C LYS B 307 10.53 -2.24 -25.66
N ILE B 308 10.70 -2.94 -26.76
CA ILE B 308 10.51 -4.42 -26.90
C ILE B 308 11.12 -5.10 -25.66
N ALA B 309 12.35 -4.72 -25.31
CA ALA B 309 13.17 -5.39 -24.27
C ALA B 309 12.50 -5.29 -22.91
N ASP B 310 11.69 -4.26 -22.66
CA ASP B 310 11.02 -4.07 -21.35
C ASP B 310 9.87 -5.06 -21.14
N VAL B 311 9.38 -5.65 -22.21
CA VAL B 311 8.23 -6.61 -22.08
C VAL B 311 8.76 -7.97 -21.62
N ASP B 312 8.25 -8.47 -20.51
CA ASP B 312 8.70 -9.76 -19.89
C ASP B 312 8.03 -10.95 -20.58
N LEU B 313 6.74 -10.85 -20.95
CA LEU B 313 5.97 -11.94 -21.64
C LEU B 313 5.08 -11.39 -22.75
N TRP B 314 4.95 -12.16 -23.82
CA TRP B 314 4.08 -11.85 -24.98
C TRP B 314 3.07 -12.98 -25.16
N GLU B 315 1.79 -12.64 -25.28
CA GLU B 315 0.76 -13.56 -25.81
C GLU B 315 0.42 -12.98 -27.17
N LEU B 316 1.00 -13.50 -28.26
CA LEU B 316 0.63 -13.05 -29.60
C LEU B 316 -0.13 -14.22 -30.24
N ASN B 317 -1.38 -13.99 -30.59
CA ASN B 317 -2.27 -15.10 -30.98
C ASN B 317 -1.61 -15.92 -32.08
N GLU B 318 -1.62 -17.23 -31.88
CA GLU B 318 -1.11 -18.16 -32.91
C GLU B 318 -2.22 -18.44 -33.91
N ALA B 319 -2.71 -17.45 -34.65
CA ALA B 319 -3.72 -17.68 -35.70
C ALA B 319 -3.14 -18.66 -36.75
N PHE B 320 -1.92 -18.40 -37.22
CA PHE B 320 -1.19 -19.27 -38.19
C PHE B 320 0.27 -19.15 -37.82
N ALA B 321 1.01 -20.24 -37.84
CA ALA B 321 2.45 -20.20 -37.58
C ALA B 321 3.09 -19.17 -38.53
N SER B 322 2.67 -19.13 -39.78
CA SER B 322 3.26 -18.22 -40.78
C SER B 322 3.26 -16.78 -40.24
N GLN B 323 2.13 -16.27 -39.74
CA GLN B 323 2.06 -14.84 -39.28
C GLN B 323 2.67 -14.72 -37.90
N CYS B 324 2.45 -15.70 -37.03
CA CYS B 324 2.93 -15.69 -35.64
C CYS B 324 4.45 -15.60 -35.65
N LEU B 325 5.11 -16.29 -36.58
CA LEU B 325 6.59 -16.23 -36.73
C LEU B 325 7.01 -14.87 -37.32
N TYR B 326 6.36 -14.42 -38.38
CA TYR B 326 6.69 -13.13 -39.01
C TYR B 326 6.66 -12.02 -37.95
N CYS B 327 5.63 -11.99 -37.10
CA CYS B 327 5.46 -10.95 -36.07
C CYS B 327 6.61 -11.08 -35.07
N ARG B 328 6.91 -12.28 -34.60
CA ARG B 328 7.98 -12.51 -33.60
C ARG B 328 9.30 -11.93 -34.12
N ASP B 329 9.63 -12.25 -35.35
CA ASP B 329 10.97 -11.99 -35.92
C ASP B 329 11.05 -10.54 -36.42
N ARG B 330 9.95 -9.99 -36.94
CA ARG B 330 9.92 -8.57 -37.41
C ARG B 330 10.07 -7.65 -36.20
N LEU B 331 9.46 -7.99 -35.07
CA LEU B 331 9.50 -7.16 -33.85
C LEU B 331 10.74 -7.54 -33.04
N GLU B 332 11.48 -8.57 -33.46
CA GLU B 332 12.74 -9.01 -32.79
C GLU B 332 12.46 -9.36 -31.33
N ILE B 333 11.46 -10.19 -31.09
CA ILE B 333 11.07 -10.63 -29.73
C ILE B 333 11.82 -11.93 -29.42
N ASP B 334 12.23 -12.07 -28.17
CA ASP B 334 12.91 -13.28 -27.63
C ASP B 334 11.92 -14.45 -27.59
N ASN B 335 12.15 -15.48 -28.39
CA ASN B 335 11.35 -16.75 -28.39
C ASN B 335 11.12 -17.29 -26.96
N GLU B 336 12.04 -17.07 -26.01
CA GLU B 336 11.87 -17.59 -24.62
C GLU B 336 10.84 -16.76 -23.84
N LYS B 337 10.37 -15.64 -24.39
CA LYS B 337 9.40 -14.75 -23.73
C LYS B 337 8.08 -14.71 -24.51
N TYR B 338 7.96 -15.57 -25.53
CA TYR B 338 6.89 -15.49 -26.56
C TYR B 338 6.00 -16.72 -26.44
N ASN B 339 4.72 -16.53 -26.10
CA ASN B 339 3.74 -17.65 -26.01
C ASN B 339 4.40 -18.82 -25.27
N VAL B 340 4.75 -18.57 -24.02
CA VAL B 340 5.66 -19.45 -23.22
C VAL B 340 4.94 -20.75 -22.87
N ASN B 341 3.61 -20.80 -22.97
CA ASN B 341 2.81 -22.01 -22.70
C ASN B 341 2.05 -22.40 -23.99
N GLY B 342 2.53 -21.98 -25.16
CA GLY B 342 1.88 -22.26 -26.44
C GLY B 342 0.55 -21.52 -26.54
N GLY B 343 -0.37 -21.95 -27.40
CA GLY B 343 -1.55 -21.14 -27.72
C GLY B 343 -2.46 -21.81 -28.72
N SER B 344 -3.09 -21.00 -29.57
CA SER B 344 -4.23 -21.36 -30.43
C SER B 344 -3.89 -22.48 -31.45
N ILE B 345 -2.63 -22.66 -31.86
CA ILE B 345 -2.27 -23.82 -32.72
C ILE B 345 -2.66 -25.09 -31.96
N ALA B 346 -2.42 -25.13 -30.65
CA ALA B 346 -2.65 -26.30 -29.79
C ALA B 346 -4.11 -26.36 -29.36
N ILE B 347 -4.75 -25.24 -28.98
CA ILE B 347 -6.06 -25.32 -28.25
C ILE B 347 -7.22 -24.71 -29.05
N GLY B 348 -6.94 -24.02 -30.15
CA GLY B 348 -7.96 -23.43 -31.04
C GLY B 348 -8.20 -21.94 -30.74
N HIS B 349 -8.87 -21.28 -31.66
CA HIS B 349 -9.11 -19.80 -31.70
C HIS B 349 -10.60 -19.54 -31.85
N PRO B 350 -11.39 -19.57 -30.75
CA PRO B 350 -12.78 -19.15 -30.81
C PRO B 350 -12.71 -17.61 -30.80
N PHE B 351 -12.87 -17.00 -31.97
CA PHE B 351 -12.45 -15.60 -32.30
C PHE B 351 -12.67 -14.64 -31.12
N GLY B 352 -13.94 -14.48 -30.72
CA GLY B 352 -14.37 -13.54 -29.66
C GLY B 352 -13.65 -13.72 -28.34
N MET B 353 -13.38 -14.94 -27.94
CA MET B 353 -12.93 -15.21 -26.55
C MET B 353 -11.41 -15.06 -26.44
N THR B 354 -10.66 -15.29 -27.52
CA THR B 354 -9.19 -15.50 -27.44
C THR B 354 -8.52 -14.35 -26.66
N GLY B 355 -8.81 -13.10 -27.00
CA GLY B 355 -8.15 -11.93 -26.37
C GLY B 355 -8.33 -11.95 -24.86
N SER B 356 -9.49 -12.35 -24.35
CA SER B 356 -9.76 -12.39 -22.89
C SER B 356 -9.02 -13.60 -22.32
N ARG B 357 -9.00 -14.72 -23.06
CA ARG B 357 -8.21 -15.88 -22.61
C ARG B 357 -6.76 -15.44 -22.43
N GLN B 358 -6.18 -14.78 -23.42
CA GLN B 358 -4.75 -14.36 -23.43
C GLN B 358 -4.46 -13.44 -22.25
N VAL B 359 -5.34 -12.48 -22.02
CA VAL B 359 -5.16 -11.55 -20.85
C VAL B 359 -5.18 -12.37 -19.57
N GLY B 360 -6.19 -13.21 -19.33
CA GLY B 360 -6.28 -14.00 -18.08
C GLY B 360 -5.03 -14.85 -17.85
N HIS B 361 -4.49 -15.40 -18.93
CA HIS B 361 -3.34 -16.33 -18.88
C HIS B 361 -2.06 -15.49 -18.65
N LEU B 362 -1.92 -14.40 -19.40
CA LEU B 362 -0.72 -13.52 -19.35
C LEU B 362 -0.52 -13.06 -17.90
N VAL B 363 -1.59 -12.63 -17.26
CA VAL B 363 -1.59 -12.05 -15.90
C VAL B 363 -1.17 -13.13 -14.87
N ARG B 364 -1.71 -14.33 -14.99
CA ARG B 364 -1.35 -15.46 -14.09
C ARG B 364 0.12 -15.82 -14.29
N GLU B 365 0.61 -15.84 -15.53
CA GLU B 365 2.01 -16.25 -15.83
C GLU B 365 2.99 -15.14 -15.38
N LEU B 366 2.65 -13.86 -15.56
CA LEU B 366 3.48 -12.73 -15.02
C LEU B 366 3.67 -12.95 -13.51
N HIS B 367 2.58 -13.23 -12.80
CA HIS B 367 2.58 -13.45 -11.34
C HIS B 367 3.42 -14.70 -11.04
N ARG B 368 3.13 -15.84 -11.68
CA ARG B 368 3.90 -17.08 -11.44
C ARG B 368 5.41 -16.81 -11.56
N ARG B 369 5.86 -16.06 -12.57
CA ARG B 369 7.31 -15.85 -12.86
C ARG B 369 7.87 -14.60 -12.16
N ASN B 370 7.07 -13.99 -11.29
CA ASN B 370 7.37 -12.70 -10.62
C ASN B 370 7.91 -11.69 -11.64
N LEU B 371 7.19 -11.45 -12.74
CA LEU B 371 7.59 -10.49 -13.78
C LEU B 371 6.62 -9.29 -13.75
N ARG B 372 6.86 -8.32 -14.63
CA ARG B 372 6.23 -6.98 -14.62
C ARG B 372 5.32 -6.76 -15.84
N TYR B 373 5.89 -6.56 -17.02
CA TYR B 373 5.11 -6.13 -18.21
C TYR B 373 4.84 -7.33 -19.13
N GLY B 374 3.60 -7.43 -19.57
CA GLY B 374 3.19 -8.33 -20.66
C GLY B 374 2.31 -7.63 -21.67
N VAL B 375 2.37 -8.11 -22.91
CA VAL B 375 1.56 -7.61 -24.04
C VAL B 375 0.69 -8.79 -24.52
N VAL B 376 -0.59 -8.53 -24.71
CA VAL B 376 -1.48 -9.42 -25.50
C VAL B 376 -1.64 -8.73 -26.84
N THR B 377 -1.32 -9.40 -27.94
CA THR B 377 -1.52 -8.81 -29.27
C THR B 377 -1.98 -9.90 -30.25
N MET B 378 -2.63 -9.51 -31.34
CA MET B 378 -3.16 -10.47 -32.31
C MET B 378 -3.45 -9.76 -33.62
N CYS B 379 -3.27 -10.49 -34.70
CA CYS B 379 -3.78 -10.13 -36.03
C CYS B 379 -5.29 -10.26 -35.97
N VAL B 380 -5.96 -9.56 -36.87
CA VAL B 380 -7.44 -9.50 -36.95
C VAL B 380 -7.82 -9.57 -38.41
N GLY B 381 -8.77 -10.46 -38.70
CA GLY B 381 -9.34 -10.61 -40.03
C GLY B 381 -9.92 -9.30 -40.50
N GLY B 382 -9.60 -8.90 -41.73
CA GLY B 382 -9.92 -7.56 -42.27
C GLY B 382 -8.71 -6.63 -42.34
N GLY B 383 -7.61 -7.01 -41.72
CA GLY B 383 -6.31 -6.32 -41.78
C GLY B 383 -6.16 -5.34 -40.63
N MET B 384 -6.07 -5.85 -39.41
CA MET B 384 -5.70 -5.04 -38.23
C MET B 384 -4.77 -5.83 -37.30
N GLY B 385 -4.11 -5.08 -36.43
CA GLY B 385 -3.41 -5.55 -35.23
C GLY B 385 -4.04 -4.83 -34.05
N ALA B 386 -4.20 -5.53 -32.95
CA ALA B 386 -4.62 -5.00 -31.63
C ALA B 386 -3.54 -5.39 -30.64
N SER B 387 -3.22 -4.49 -29.71
CA SER B 387 -2.14 -4.70 -28.71
C SER B 387 -2.59 -4.09 -27.39
N GLY B 388 -2.42 -4.82 -26.30
CA GLY B 388 -2.77 -4.40 -24.94
C GLY B 388 -1.59 -4.59 -24.01
N LEU B 389 -1.35 -3.62 -23.14
CA LEU B 389 -0.23 -3.67 -22.19
C LEU B 389 -0.79 -3.85 -20.80
N PHE B 390 -0.22 -4.79 -20.05
CA PHE B 390 -0.68 -5.16 -18.71
C PHE B 390 0.56 -5.17 -17.81
N GLU B 391 0.36 -4.85 -16.54
CA GLU B 391 1.49 -4.73 -15.58
C GLU B 391 1.13 -5.50 -14.32
N ALA B 392 1.87 -6.55 -13.99
CA ALA B 392 1.59 -7.35 -12.79
C ALA B 392 1.69 -6.45 -11.55
N VAL B 393 0.79 -6.60 -10.59
CA VAL B 393 0.98 -6.05 -9.21
C VAL B 393 2.03 -6.93 -8.52
N ARG B 394 3.21 -6.38 -8.19
CA ARG B 394 4.33 -7.12 -7.52
C ARG B 394 4.22 -6.88 -6.02
N LEU B 395 3.73 -7.88 -5.26
CA LEU B 395 3.02 -7.82 -3.93
C LEU B 395 2.03 -6.64 -3.97
N ARG C 2 -3.79 10.57 -10.90
CA ARG C 2 -3.18 9.42 -10.17
C ARG C 2 -3.32 9.60 -8.65
N GLU C 3 -3.74 8.56 -7.94
CA GLU C 3 -4.23 8.62 -6.54
C GLU C 3 -3.02 8.67 -5.60
N VAL C 4 -3.06 9.60 -4.64
CA VAL C 4 -1.93 9.76 -3.70
C VAL C 4 -2.43 9.59 -2.29
N VAL C 5 -1.68 8.86 -1.47
CA VAL C 5 -2.19 8.60 -0.10
C VAL C 5 -1.19 9.06 0.96
N ILE C 6 -1.74 9.45 2.10
CA ILE C 6 -1.03 9.57 3.39
C ILE C 6 -0.92 8.16 3.95
N VAL C 7 0.29 7.65 4.08
CA VAL C 7 0.56 6.35 4.73
C VAL C 7 0.81 6.55 6.24
N ASP C 8 1.56 7.60 6.63
CA ASP C 8 1.89 7.80 8.05
C ASP C 8 2.18 9.29 8.23
N SER C 9 2.11 9.75 9.47
CA SER C 9 2.47 11.12 9.86
C SER C 9 2.83 11.08 11.33
N VAL C 10 4.00 11.57 11.69
CA VAL C 10 4.46 11.58 13.09
C VAL C 10 5.06 12.94 13.40
N ARG C 11 5.14 13.21 14.69
CA ARG C 11 5.57 14.56 15.14
C ARG C 11 6.28 14.41 16.48
N THR C 12 7.03 15.45 16.84
CA THR C 12 7.47 15.61 18.22
C THR C 12 6.23 16.00 19.04
N GLY C 13 6.32 15.81 20.35
CA GLY C 13 5.49 16.61 21.27
C GLY C 13 5.78 18.09 21.06
N LEU C 14 4.85 18.95 21.47
CA LEU C 14 5.06 20.41 21.45
C LEU C 14 5.52 20.85 22.85
N ALA C 15 6.76 21.30 22.93
CA ALA C 15 7.37 21.79 24.17
C ALA C 15 7.30 23.32 24.20
N LYS C 16 6.99 23.87 25.37
CA LYS C 16 6.98 25.34 25.59
C LYS C 16 8.29 25.96 25.14
N SER C 17 8.22 27.00 24.31
CA SER C 17 9.43 27.70 23.82
C SER C 17 10.14 28.39 25.00
N PHE C 18 11.45 28.54 24.88
CA PHE C 18 12.38 29.25 25.81
C PHE C 18 12.56 28.45 27.11
N ARG C 19 11.50 28.05 27.77
CA ARG C 19 11.57 27.40 29.11
C ARG C 19 11.54 25.87 29.02
N GLY C 20 11.01 25.31 27.93
CA GLY C 20 10.66 23.87 27.82
C GLY C 20 11.81 23.01 27.32
N LYS C 21 11.56 21.70 27.16
CA LYS C 21 12.63 20.69 27.03
C LYS C 21 13.18 20.65 25.60
N PHE C 22 12.70 21.50 24.68
CA PHE C 22 13.37 21.65 23.36
C PHE C 22 14.18 22.95 23.27
N ASN C 23 14.46 23.62 24.38
CA ASN C 23 15.05 24.98 24.31
C ASN C 23 16.54 24.94 23.86
N LEU C 24 17.16 23.77 23.73
CA LEU C 24 18.52 23.67 23.12
C LEU C 24 18.49 22.76 21.87
N THR C 25 17.32 22.34 21.41
CA THR C 25 17.22 21.28 20.40
C THR C 25 17.08 21.96 19.05
N ARG C 26 17.88 21.53 18.07
CA ARG C 26 17.92 22.12 16.72
C ARG C 26 16.70 21.64 15.95
N PRO C 27 16.10 22.53 15.14
CA PRO C 27 14.91 22.17 14.35
C PRO C 27 15.24 21.14 13.26
N ASP C 28 16.43 21.20 12.66
CA ASP C 28 16.80 20.17 11.64
C ASP C 28 16.82 18.78 12.29
N ASP C 29 17.36 18.69 13.51
CA ASP C 29 17.43 17.42 14.27
C ASP C 29 16.02 16.97 14.64
N MET C 30 15.14 17.88 15.05
CA MET C 30 13.75 17.52 15.37
C MET C 30 13.06 16.94 14.12
N ALA C 31 13.19 17.57 12.94
CA ALA C 31 12.50 17.08 11.72
C ALA C 31 13.14 15.76 11.28
N ALA C 32 14.46 15.65 11.37
CA ALA C 32 15.18 14.40 11.04
C ALA C 32 14.68 13.26 11.92
N HIS C 33 14.43 13.53 13.20
CA HIS C 33 13.87 12.55 14.16
C HIS C 33 12.55 12.00 13.65
N CYS C 34 11.67 12.89 13.15
CA CYS C 34 10.36 12.52 12.58
C CYS C 34 10.57 11.64 11.33
N VAL C 35 11.51 12.00 10.45
CA VAL C 35 11.82 11.19 9.23
C VAL C 35 12.26 9.80 9.66
N ASP C 36 13.16 9.71 10.63
CA ASP C 36 13.69 8.40 11.10
C ASP C 36 12.54 7.55 11.64
N ALA C 37 11.56 8.16 12.32
CA ALA C 37 10.41 7.43 12.86
C ALA C 37 9.59 6.91 11.68
N LEU C 38 9.38 7.74 10.64
CA LEU C 38 8.62 7.26 9.46
C LEU C 38 9.34 6.05 8.83
N LEU C 39 10.66 6.09 8.74
CA LEU C 39 11.39 4.94 8.13
C LEU C 39 11.18 3.68 9.01
N ALA C 40 11.32 3.80 10.32
CA ALA C 40 11.25 2.65 11.27
C ALA C 40 9.83 2.09 11.31
N ARG C 41 8.81 2.94 11.33
CA ARG C 41 7.40 2.54 11.50
C ARG C 41 6.87 1.87 10.23
N ASN C 42 7.47 2.13 9.07
CA ASN C 42 6.91 1.68 7.77
C ASN C 42 7.88 0.70 7.10
N ASP C 43 8.92 0.27 7.82
CA ASP C 43 9.90 -0.70 7.31
C ASP C 43 10.40 -0.21 5.95
N LEU C 44 10.69 1.09 5.82
CA LEU C 44 10.81 1.74 4.51
C LEU C 44 12.29 1.85 4.12
N ASP C 45 12.65 1.26 3.00
CA ASP C 45 14.01 1.44 2.43
C ASP C 45 14.19 2.95 2.16
N PRO C 46 15.18 3.64 2.79
CA PRO C 46 15.38 5.07 2.54
C PRO C 46 15.63 5.42 1.07
N LEU C 47 16.20 4.49 0.29
CA LEU C 47 16.51 4.72 -1.15
C LEU C 47 15.22 4.77 -1.98
N LEU C 48 14.06 4.41 -1.43
CA LEU C 48 12.78 4.60 -2.16
C LEU C 48 12.23 6.02 -2.01
N VAL C 49 12.78 6.78 -1.07
CA VAL C 49 12.25 8.15 -0.82
C VAL C 49 12.81 9.10 -1.87
N ASP C 50 11.93 9.78 -2.61
CA ASP C 50 12.29 10.63 -3.77
C ASP C 50 12.63 12.07 -3.33
N ASP C 51 12.11 12.54 -2.21
CA ASP C 51 12.24 13.98 -1.84
C ASP C 51 11.88 14.15 -0.36
N CYS C 52 12.38 15.24 0.20
CA CYS C 52 12.12 15.62 1.59
C CYS C 52 11.80 17.12 1.59
N ILE C 53 10.58 17.50 1.93
CA ILE C 53 10.08 18.87 1.81
C ILE C 53 9.78 19.37 3.20
N VAL C 54 10.52 20.39 3.63
CA VAL C 54 10.27 20.98 4.97
C VAL C 54 9.80 22.42 4.87
N GLY C 55 8.64 22.71 5.47
CA GLY C 55 8.10 24.06 5.64
C GLY C 55 8.58 24.64 6.98
N ALA C 56 8.83 25.93 6.96
CA ALA C 56 9.29 26.69 8.15
C ALA C 56 8.98 28.17 7.91
N GLY C 57 8.54 28.87 8.96
CA GLY C 57 8.31 30.32 8.95
C GLY C 57 9.63 31.07 8.85
N SER C 58 10.51 30.90 9.84
CA SER C 58 11.90 31.38 9.72
C SER C 58 12.67 30.48 8.75
N ASN C 59 13.43 31.05 7.82
CA ASN C 59 14.29 30.29 6.89
C ASN C 59 15.72 30.78 7.03
N GLU C 60 16.17 30.99 8.26
CA GLU C 60 17.51 31.59 8.51
C GLU C 60 18.03 31.09 9.83
N GLY C 61 19.31 31.26 10.00
CA GLY C 61 20.01 30.90 11.24
C GLY C 61 19.80 29.42 11.51
N ALA C 62 19.18 29.09 12.64
CA ALA C 62 18.88 27.69 13.01
C ALA C 62 17.99 27.02 11.94
N GLN C 63 17.29 27.77 11.10
CA GLN C 63 16.43 27.25 10.01
C GLN C 63 16.92 27.71 8.63
N GLY C 64 18.22 28.02 8.49
CA GLY C 64 18.82 28.45 7.22
C GLY C 64 19.53 27.32 6.49
N HIS C 65 20.19 27.64 5.38
CA HIS C 65 21.07 26.72 4.63
C HIS C 65 20.27 25.56 3.94
N ASN C 66 19.02 25.78 3.57
CA ASN C 66 18.08 24.77 3.00
C ASN C 66 17.86 23.64 4.01
N ILE C 67 17.12 23.96 5.09
CA ILE C 67 16.81 22.98 6.15
C ILE C 67 16.24 21.67 5.57
N GLY C 68 15.42 21.70 4.51
CA GLY C 68 14.82 20.47 3.97
C GLY C 68 15.89 19.49 3.49
N ARG C 69 16.89 19.96 2.74
CA ARG C 69 18.01 19.10 2.29
C ARG C 69 18.77 18.56 3.51
N ASN C 70 19.03 19.42 4.49
CA ASN C 70 19.89 19.03 5.63
C ASN C 70 19.16 18.02 6.52
N VAL C 71 17.84 18.12 6.65
CA VAL C 71 17.00 17.14 7.35
C VAL C 71 17.16 15.77 6.66
N ALA C 72 17.07 15.73 5.33
CA ALA C 72 17.25 14.46 4.58
C ALA C 72 18.63 13.85 4.92
N VAL C 73 19.69 14.65 4.82
CA VAL C 73 21.09 14.19 5.01
C VAL C 73 21.32 13.77 6.47
N LEU C 74 20.75 14.48 7.43
CA LEU C 74 20.82 14.11 8.88
C LEU C 74 20.13 12.78 9.12
N SER C 75 18.93 12.62 8.60
CA SER C 75 18.09 11.41 8.73
C SER C 75 18.79 10.18 8.10
N GLY C 76 18.17 8.99 8.24
CA GLY C 76 18.59 7.76 7.54
C GLY C 76 18.44 7.88 6.03
N LEU C 77 17.73 8.89 5.50
CA LEU C 77 17.71 9.16 4.02
C LEU C 77 19.13 9.35 3.48
N GLY C 78 19.95 10.19 4.12
CA GLY C 78 21.32 10.45 3.63
C GLY C 78 21.37 11.30 2.37
N ILE C 79 22.56 11.39 1.77
CA ILE C 79 22.86 12.32 0.67
C ILE C 79 22.06 11.92 -0.56
N GLN C 80 21.59 10.68 -0.68
CA GLN C 80 20.94 10.23 -1.92
C GLN C 80 19.59 10.92 -2.10
N VAL C 81 18.98 11.41 -1.02
CA VAL C 81 17.62 11.99 -1.08
C VAL C 81 17.72 13.52 -1.04
N PRO C 82 17.20 14.20 -2.07
CA PRO C 82 17.16 15.68 -2.13
C PRO C 82 16.15 16.21 -1.10
N GLY C 83 16.27 17.50 -0.80
CA GLY C 83 15.35 18.23 0.07
C GLY C 83 15.24 19.68 -0.33
N MET C 84 14.15 20.29 0.10
CA MET C 84 13.87 21.73 -0.17
C MET C 84 13.13 22.27 1.03
N THR C 85 13.11 23.59 1.08
CA THR C 85 12.54 24.42 2.14
C THR C 85 11.47 25.29 1.50
N LEU C 86 10.41 25.59 2.25
CA LEU C 86 9.43 26.57 1.74
C LEU C 86 8.87 27.36 2.91
N ASN C 87 8.31 28.52 2.58
CA ASN C 87 7.64 29.39 3.57
C ASN C 87 6.33 29.92 2.97
N ARG C 88 5.22 29.45 3.51
CA ARG C 88 3.92 30.15 3.45
C ARG C 88 3.48 30.24 4.92
N TYR C 89 4.39 30.74 5.77
N TYR C 89 4.43 30.62 5.79
CA TYR C 89 4.34 30.88 7.26
CA TYR C 89 4.38 30.79 7.28
C TYR C 89 3.51 29.73 7.90
C TYR C 89 3.51 29.70 7.92
N CYS C 90 2.36 30.08 8.49
CA CYS C 90 1.48 29.18 9.26
C CYS C 90 1.01 27.96 8.47
N SER C 91 0.92 28.05 7.14
CA SER C 91 0.40 26.95 6.28
C SER C 91 1.56 26.05 5.80
N SER C 92 2.78 26.34 6.16
CA SER C 92 3.94 25.74 5.45
C SER C 92 3.90 24.22 5.52
N GLY C 93 3.53 23.65 6.67
CA GLY C 93 3.52 22.18 6.86
C GLY C 93 2.47 21.51 5.96
N LEU C 94 1.35 22.17 5.77
CA LEU C 94 0.28 21.69 4.83
C LEU C 94 0.75 21.92 3.38
N GLN C 95 1.33 23.08 3.09
CA GLN C 95 1.82 23.44 1.75
C GLN C 95 2.83 22.37 1.29
N ALA C 96 3.71 21.95 2.19
CA ALA C 96 4.72 20.93 1.86
C ALA C 96 4.04 19.62 1.43
N ILE C 97 3.01 19.22 2.17
CA ILE C 97 2.23 17.97 1.89
C ILE C 97 1.55 18.10 0.53
N ALA C 98 0.90 19.23 0.22
CA ALA C 98 0.26 19.49 -1.09
C ALA C 98 1.28 19.32 -2.22
N ILE C 99 2.45 19.94 -2.08
CA ILE C 99 3.50 19.88 -3.12
C ILE C 99 3.88 18.41 -3.30
N ALA C 100 4.10 17.69 -2.20
CA ALA C 100 4.52 16.26 -2.27
C ALA C 100 3.44 15.47 -3.05
N ALA C 101 2.20 15.66 -2.68
CA ALA C 101 1.07 14.90 -3.28
C ALA C 101 0.95 15.22 -4.77
N ASN C 102 1.05 16.49 -5.15
CA ASN C 102 0.87 16.92 -6.55
C ASN C 102 2.07 16.44 -7.37
N GLN C 103 3.26 16.40 -6.76
CA GLN C 103 4.49 15.89 -7.42
C GLN C 103 4.31 14.39 -7.72
N ILE C 104 3.84 13.60 -6.75
CA ILE C 104 3.65 12.13 -6.95
C ILE C 104 2.55 11.95 -7.99
N ALA C 105 1.51 12.76 -7.91
CA ALA C 105 0.35 12.65 -8.82
C ALA C 105 0.81 12.86 -10.27
N SER C 106 1.87 13.65 -10.50
CA SER C 106 2.39 13.94 -11.87
C SER C 106 3.00 12.68 -12.46
N GLY C 107 3.36 11.68 -11.65
CA GLY C 107 4.00 10.44 -12.12
C GLY C 107 5.51 10.56 -12.06
N CYS C 108 6.08 11.65 -11.53
CA CYS C 108 7.56 11.81 -11.56
C CYS C 108 8.20 11.48 -10.23
N SER C 109 7.40 11.10 -9.24
CA SER C 109 7.88 10.58 -7.95
C SER C 109 6.88 9.52 -7.46
N GLU C 110 7.34 8.67 -6.55
CA GLU C 110 6.52 7.61 -5.93
C GLU C 110 6.34 7.87 -4.43
N VAL C 111 7.36 8.37 -3.73
CA VAL C 111 7.39 8.39 -2.25
C VAL C 111 8.04 9.71 -1.82
N ILE C 112 7.37 10.47 -0.97
CA ILE C 112 7.95 11.78 -0.47
C ILE C 112 7.66 11.93 1.02
N VAL C 113 8.63 12.43 1.77
CA VAL C 113 8.40 12.89 3.17
C VAL C 113 8.27 14.41 3.13
N ALA C 114 7.22 14.93 3.77
CA ALA C 114 6.88 16.36 3.71
C ALA C 114 6.27 16.75 5.03
N GLY C 115 6.60 17.93 5.48
CA GLY C 115 5.94 18.53 6.65
C GLY C 115 6.66 19.80 7.01
N GLY C 116 6.90 20.00 8.29
CA GLY C 116 7.54 21.25 8.69
C GLY C 116 8.06 21.20 10.10
N VAL C 117 8.65 22.32 10.48
CA VAL C 117 9.28 22.46 11.82
C VAL C 117 9.30 23.94 12.19
N GLU C 118 9.24 24.22 13.48
CA GLU C 118 9.63 25.55 13.96
C GLU C 118 10.26 25.35 15.34
N SER C 119 11.49 25.83 15.48
CA SER C 119 12.04 26.18 16.80
C SER C 119 11.78 27.68 17.04
N ILE C 120 10.68 28.00 17.70
CA ILE C 120 10.39 29.39 18.09
C ILE C 120 11.53 29.83 19.02
N THR C 121 12.00 28.94 19.89
CA THR C 121 13.08 29.25 20.86
C THR C 121 14.29 29.78 20.11
N LEU C 122 14.71 29.07 19.07
CA LEU C 122 15.97 29.43 18.40
C LEU C 122 15.81 30.43 17.25
N THR C 123 14.59 30.76 16.78
CA THR C 123 14.42 31.66 15.62
C THR C 123 13.59 32.91 15.92
N LEU C 124 12.75 32.91 16.95
CA LEU C 124 11.80 34.06 17.08
C LEU C 124 12.58 35.37 17.11
N LYS C 125 13.64 35.44 17.90
CA LYS C 125 14.41 36.66 18.17
C LYS C 125 15.73 36.68 17.39
N SER C 126 15.82 35.89 16.34
CA SER C 126 17.05 35.79 15.52
C SER C 126 16.61 36.09 14.08
N VAL C 127 16.51 37.40 13.78
CA VAL C 127 15.96 37.91 12.49
C VAL C 127 16.98 38.87 11.86
N ASN C 128 17.37 38.56 10.64
CA ASN C 128 18.20 39.43 9.78
C ASN C 128 17.30 40.60 9.36
N THR C 129 17.51 41.78 9.95
CA THR C 129 16.70 43.00 9.69
C THR C 129 17.25 43.79 8.50
N ASP C 130 18.35 43.37 7.92
CA ASP C 130 19.00 44.07 6.78
C ASP C 130 18.04 44.19 5.59
N HIS C 131 17.62 45.40 5.20
CA HIS C 131 16.66 45.62 4.08
C HIS C 131 15.38 44.78 4.28
N LEU C 132 15.01 44.49 5.52
CA LEU C 132 13.87 43.56 5.76
C LEU C 132 12.59 44.25 5.28
N VAL C 133 12.39 45.54 5.61
CA VAL C 133 11.13 46.25 5.31
C VAL C 133 11.23 46.90 3.93
N ASN C 134 10.30 46.62 3.03
CA ASN C 134 10.14 47.37 1.76
C ASN C 134 9.40 48.67 2.09
N PRO C 135 10.03 49.87 2.01
CA PRO C 135 9.34 51.10 2.39
C PRO C 135 8.05 51.36 1.61
N LEU C 136 8.03 51.01 0.32
CA LEU C 136 6.82 51.21 -0.51
C LEU C 136 5.70 50.32 0.04
N LEU C 137 6.03 49.06 0.34
CA LEU C 137 5.00 48.09 0.82
C LEU C 137 4.43 48.56 2.15
N GLN C 138 5.29 49.01 3.07
CA GLN C 138 4.83 49.51 4.37
C GLN C 138 3.92 50.72 4.17
N ARG C 139 4.16 51.53 3.13
CA ARG C 139 3.32 52.70 2.81
C ARG C 139 1.99 52.20 2.22
N GLU C 140 2.02 51.34 1.21
CA GLU C 140 0.81 50.92 0.46
C GLU C 140 -0.03 49.99 1.31
N VAL C 141 0.61 49.07 2.06
CA VAL C 141 -0.11 47.97 2.77
C VAL C 141 0.57 47.75 4.11
N PRO C 142 0.40 48.70 5.05
CA PRO C 142 1.12 48.64 6.31
C PRO C 142 0.82 47.34 7.07
N GLY C 143 -0.36 46.76 6.90
CA GLY C 143 -0.77 45.46 7.50
C GLY C 143 0.24 44.32 7.30
N ILE C 144 1.01 44.36 6.22
CA ILE C 144 2.08 43.36 5.90
C ILE C 144 3.02 43.25 7.10
N TYR C 145 3.17 44.32 7.90
CA TYR C 145 4.18 44.33 8.98
C TYR C 145 3.50 44.41 10.34
N TYR C 146 2.19 44.29 10.43
CA TYR C 146 1.56 44.29 11.77
C TYR C 146 1.92 43.00 12.52
N PRO C 147 2.22 43.04 13.84
CA PRO C 147 2.30 41.82 14.61
C PRO C 147 0.99 41.02 14.45
N MET C 148 1.14 39.69 14.46
CA MET C 148 0.02 38.75 14.32
C MET C 148 -1.03 39.04 15.40
N GLY C 149 -0.63 39.29 16.64
CA GLY C 149 -1.54 39.59 17.75
C GLY C 149 -2.39 40.84 17.44
N GLN C 150 -1.81 41.83 16.78
CA GLN C 150 -2.52 43.07 16.41
C GLN C 150 -3.62 42.71 15.39
N THR C 151 -3.32 41.86 14.41
CA THR C 151 -4.34 41.38 13.45
C THR C 151 -5.42 40.58 14.16
N ALA C 152 -5.09 39.84 15.24
CA ALA C 152 -6.11 39.11 16.03
C ALA C 152 -7.09 40.09 16.71
N GLU C 153 -6.56 41.16 17.28
CA GLU C 153 -7.36 42.27 17.87
C GLU C 153 -8.23 42.90 16.79
N ILE C 154 -7.69 43.16 15.61
CA ILE C 154 -8.47 43.82 14.53
C ILE C 154 -9.64 42.94 14.15
N VAL C 155 -9.42 41.61 14.09
CA VAL C 155 -10.52 40.67 13.75
C VAL C 155 -11.59 40.66 14.85
N ALA C 156 -11.20 40.63 16.12
CA ALA C 156 -12.16 40.66 17.25
C ALA C 156 -13.03 41.92 17.10
N ARG C 157 -12.39 43.06 16.88
CA ARG C 157 -13.06 44.39 16.86
C ARG C 157 -13.97 44.49 15.63
N ARG C 158 -13.47 44.13 14.47
CA ARG C 158 -14.12 44.39 13.18
C ARG C 158 -15.30 43.44 13.05
N TYR C 159 -15.24 42.25 13.65
CA TYR C 159 -16.28 41.21 13.42
C TYR C 159 -17.04 40.93 14.73
N GLY C 160 -16.75 41.69 15.77
CA GLY C 160 -17.50 41.63 17.04
C GLY C 160 -17.39 40.27 17.72
N ILE C 161 -16.19 39.67 17.75
CA ILE C 161 -15.94 38.43 18.51
C ILE C 161 -15.61 38.87 19.94
N THR C 162 -16.54 38.67 20.88
CA THR C 162 -16.40 39.17 22.26
C THR C 162 -15.28 38.44 23.00
N ARG C 163 -14.71 39.11 23.99
CA ARG C 163 -13.83 38.53 25.03
C ARG C 163 -14.45 37.25 25.57
N GLU C 164 -15.74 37.31 25.91
CA GLU C 164 -16.45 36.18 26.57
C GLU C 164 -16.45 34.99 25.59
N ALA C 165 -16.73 35.23 24.31
CA ALA C 165 -16.86 34.16 23.30
C ALA C 165 -15.46 33.58 23.08
N GLN C 166 -14.44 34.46 23.05
CA GLN C 166 -13.01 34.03 22.84
C GLN C 166 -12.63 33.07 23.96
N ASP C 167 -12.91 33.45 25.22
CA ASP C 167 -12.58 32.65 26.43
C ASP C 167 -13.33 31.32 26.39
N ALA C 168 -14.62 31.32 26.01
CA ALA C 168 -15.41 30.07 25.98
C ALA C 168 -14.78 29.12 24.94
N TYR C 169 -14.32 29.66 23.81
CA TYR C 169 -13.68 28.81 22.78
C TYR C 169 -12.37 28.24 23.36
N ALA C 170 -11.55 29.07 23.99
CA ALA C 170 -10.26 28.68 24.59
C ALA C 170 -10.45 27.56 25.62
N LEU C 171 -11.49 27.67 26.45
CA LEU C 171 -11.84 26.63 27.44
C LEU C 171 -12.18 25.35 26.70
N GLN C 172 -12.99 25.42 25.65
CA GLN C 172 -13.37 24.26 24.85
C GLN C 172 -12.10 23.59 24.32
N SER C 173 -11.17 24.36 23.78
CA SER C 173 -9.90 23.82 23.26
C SER C 173 -9.19 23.08 24.40
N GLN C 174 -9.02 23.71 25.57
CA GLN C 174 -8.32 23.07 26.71
C GLN C 174 -9.06 21.79 27.11
N GLN C 175 -10.39 21.78 27.13
CA GLN C 175 -11.14 20.59 27.64
C GLN C 175 -11.02 19.44 26.62
N ARG C 176 -11.26 19.73 25.36
CA ARG C 176 -11.18 18.71 24.28
C ARG C 176 -9.76 18.17 24.21
N MET C 177 -8.75 19.04 24.36
CA MET C 177 -7.33 18.61 24.32
C MET C 177 -7.06 17.66 25.49
N ALA C 178 -7.45 18.06 26.71
CA ALA C 178 -7.23 17.28 27.95
C ALA C 178 -7.86 15.89 27.82
N ARG C 179 -9.09 15.81 27.33
CA ARG C 179 -9.80 14.51 27.17
C ARG C 179 -9.07 13.63 26.15
N ALA C 180 -8.74 14.14 24.97
CA ALA C 180 -8.02 13.34 23.95
C ALA C 180 -6.66 12.87 24.48
N GLN C 181 -5.94 13.75 25.17
CA GLN C 181 -4.60 13.46 25.73
C GLN C 181 -4.76 12.32 26.75
N ALA C 182 -5.72 12.39 27.67
CA ALA C 182 -5.94 11.37 28.72
C ALA C 182 -6.26 10.03 28.07
N ASP C 183 -6.96 10.05 26.95
CA ASP C 183 -7.43 8.84 26.22
C ASP C 183 -6.38 8.32 25.24
N GLY C 184 -5.18 8.89 25.22
CA GLY C 184 -4.10 8.33 24.40
C GLY C 184 -4.25 8.64 22.94
N LEU C 185 -5.03 9.69 22.58
CA LEU C 185 -5.33 9.93 21.17
C LEU C 185 -4.16 10.63 20.47
N PHE C 186 -3.11 11.08 21.17
CA PHE C 186 -1.86 11.61 20.53
C PHE C 186 -0.71 10.62 20.67
N ALA C 187 -0.94 9.42 21.22
CA ALA C 187 0.17 8.50 21.54
C ALA C 187 0.79 7.94 20.26
N ASP C 188 0.00 7.63 19.25
CA ASP C 188 0.58 7.02 18.03
C ASP C 188 1.35 8.06 17.18
N GLU C 189 0.87 9.31 17.13
CA GLU C 189 1.47 10.37 16.27
C GLU C 189 2.74 10.93 16.91
N ILE C 190 2.82 10.91 18.23
CA ILE C 190 3.97 11.56 18.94
C ILE C 190 5.10 10.56 19.05
N VAL C 191 6.28 10.97 18.59
CA VAL C 191 7.52 10.19 18.73
C VAL C 191 8.35 10.82 19.83
N PRO C 192 8.51 10.16 21.01
CA PRO C 192 9.31 10.72 22.10
C PRO C 192 10.70 11.05 21.60
N MET C 193 11.28 12.10 22.15
CA MET C 193 12.62 12.58 21.78
C MET C 193 13.38 12.93 23.06
N THR C 194 14.55 12.33 23.19
CA THR C 194 15.52 12.62 24.25
C THR C 194 16.20 13.95 23.96
N THR C 195 16.33 14.81 24.97
CA THR C 195 16.92 16.15 24.79
C THR C 195 17.91 16.44 25.91
N ARG C 196 18.73 17.44 25.65
CA ARG C 196 19.46 18.23 26.67
C ARG C 196 18.79 19.61 26.70
N TYR C 197 18.39 20.11 27.85
CA TYR C 197 17.69 21.41 27.90
C TYR C 197 18.21 22.25 29.08
N ALA C 198 18.00 23.56 29.00
CA ALA C 198 18.56 24.55 29.95
C ALA C 198 17.50 24.89 30.98
N VAL C 199 17.89 24.99 32.25
CA VAL C 199 17.00 25.51 33.33
C VAL C 199 17.71 26.64 34.07
N GLU C 200 16.93 27.55 34.65
CA GLU C 200 17.42 28.79 35.33
C GLU C 200 16.72 28.93 36.68
N LYS C 207 21.09 27.90 36.08
CA LYS C 207 21.69 28.19 34.73
C LYS C 207 22.40 26.92 34.22
N GLN C 208 21.73 25.77 34.21
CA GLN C 208 22.34 24.41 34.04
C GLN C 208 21.57 23.58 33.00
N VAL C 209 22.21 22.52 32.51
CA VAL C 209 21.70 21.64 31.42
C VAL C 209 21.30 20.28 31.99
N LEU C 210 20.07 19.85 31.73
CA LEU C 210 19.42 18.63 32.26
C LEU C 210 19.10 17.71 31.08
N ASP C 211 18.97 16.42 31.35
CA ASP C 211 18.48 15.41 30.39
C ASP C 211 16.96 15.44 30.44
N GLY C 212 16.30 15.42 29.29
CA GLY C 212 14.84 15.44 29.26
C GLY C 212 14.30 14.46 28.26
N VAL C 213 13.00 14.26 28.32
CA VAL C 213 12.23 13.48 27.31
C VAL C 213 11.04 14.35 26.90
N VAL C 214 10.93 14.67 25.61
CA VAL C 214 9.66 15.24 25.11
C VAL C 214 8.79 14.07 24.61
N ASP C 215 7.75 13.72 25.37
CA ASP C 215 6.94 12.50 25.05
C ASP C 215 5.46 12.88 24.90
N ARG C 216 5.17 14.16 24.99
CA ARG C 216 3.78 14.66 24.98
C ARG C 216 3.79 16.17 24.75
N ASP C 217 2.63 16.74 24.54
CA ASP C 217 2.45 18.19 24.50
C ASP C 217 2.37 18.68 25.95
N ASP C 218 3.19 19.67 26.32
CA ASP C 218 3.31 20.12 27.72
C ASP C 218 2.75 21.53 27.95
N CYS C 219 2.16 22.18 26.94
CA CYS C 219 1.70 23.60 27.10
C CYS C 219 0.26 23.68 27.62
N ASN C 220 -0.51 22.60 27.54
CA ASN C 220 -1.96 22.63 27.78
C ASN C 220 -2.19 22.61 29.29
N ARG C 221 -3.30 23.19 29.72
CA ARG C 221 -3.69 23.38 31.15
C ARG C 221 -5.11 22.89 31.33
N PRO C 222 -5.28 21.59 31.63
CA PRO C 222 -6.62 21.00 31.81
C PRO C 222 -7.44 21.64 32.93
N ASP C 223 -6.79 22.33 33.85
CA ASP C 223 -7.44 23.00 35.02
C ASP C 223 -7.92 24.39 34.62
N THR C 224 -7.86 24.76 33.33
CA THR C 224 -8.25 26.12 32.88
C THR C 224 -9.71 26.37 33.29
N THR C 225 -10.07 27.60 33.71
CA THR C 225 -11.49 27.98 33.98
C THR C 225 -11.86 29.27 33.24
N LEU C 226 -13.15 29.42 32.88
CA LEU C 226 -13.71 30.70 32.35
C LEU C 226 -13.27 31.83 33.29
N GLU C 227 -13.36 31.60 34.59
CA GLU C 227 -13.08 32.65 35.60
C GLU C 227 -11.58 33.00 35.52
N GLY C 228 -10.70 31.99 35.41
CA GLY C 228 -9.26 32.24 35.18
C GLY C 228 -9.00 32.96 33.87
N LEU C 229 -9.62 32.53 32.76
CA LEU C 229 -9.40 33.16 31.43
C LEU C 229 -9.86 34.63 31.47
N ALA C 230 -10.97 34.90 32.15
CA ALA C 230 -11.56 36.26 32.24
C ALA C 230 -10.65 37.21 33.03
N SER C 231 -9.75 36.71 33.90
CA SER C 231 -8.88 37.56 34.77
C SER C 231 -7.60 37.97 34.05
N LEU C 232 -7.29 37.39 32.89
CA LEU C 232 -6.01 37.70 32.18
C LEU C 232 -5.99 39.12 31.60
N LYS C 233 -4.80 39.71 31.52
CA LYS C 233 -4.55 41.01 30.86
C LYS C 233 -4.53 40.82 29.35
N PRO C 234 -5.04 41.79 28.55
CA PRO C 234 -4.90 41.68 27.11
C PRO C 234 -3.42 41.71 26.72
N ALA C 235 -3.07 40.92 25.71
CA ALA C 235 -1.68 40.70 25.27
C ALA C 235 -1.23 41.75 24.24
N PHE C 236 -2.13 42.28 23.42
CA PHE C 236 -1.72 43.02 22.19
C PHE C 236 -2.24 44.46 22.15
N ALA C 237 -3.05 44.88 23.11
CA ALA C 237 -3.65 46.23 23.16
C ALA C 237 -4.15 46.50 24.58
N GLU C 238 -3.89 47.67 25.16
CA GLU C 238 -4.25 47.94 26.58
C GLU C 238 -5.76 47.75 26.81
N ASP C 239 -6.58 48.01 25.79
CA ASP C 239 -8.05 47.88 25.87
C ASP C 239 -8.51 46.61 25.11
N GLY C 240 -7.69 45.56 25.06
CA GLY C 240 -7.87 44.43 24.11
C GLY C 240 -8.74 43.32 24.66
N SER C 241 -9.07 42.35 23.82
CA SER C 241 -9.81 41.14 24.24
C SER C 241 -8.89 39.90 24.07
N VAL C 242 -7.86 39.99 23.25
CA VAL C 242 -6.98 38.83 22.93
C VAL C 242 -5.93 38.76 24.03
N THR C 243 -5.79 37.61 24.65
CA THR C 243 -4.89 37.35 25.80
C THR C 243 -3.99 36.17 25.47
N ALA C 244 -2.97 35.93 26.28
CA ALA C 244 -2.16 34.69 26.24
C ALA C 244 -3.09 33.47 26.38
N GLY C 245 -4.21 33.55 27.10
CA GLY C 245 -5.08 32.40 27.33
C GLY C 245 -6.01 32.10 26.18
N ASN C 246 -6.29 33.05 25.29
CA ASN C 246 -7.21 32.74 24.16
C ASN C 246 -6.46 32.89 22.84
N ALA C 247 -5.13 32.90 22.91
CA ALA C 247 -4.25 32.91 21.72
C ALA C 247 -3.41 31.63 21.74
N SER C 248 -2.83 31.27 20.59
CA SER C 248 -2.00 30.06 20.52
C SER C 248 -0.77 30.32 21.40
N GLN C 249 -0.25 29.27 22.00
CA GLN C 249 1.01 29.38 22.75
C GLN C 249 2.21 29.32 21.82
N LEU C 250 3.34 29.77 22.32
CA LEU C 250 4.66 29.61 21.71
C LEU C 250 5.16 28.22 22.14
N SER C 251 5.30 27.31 21.17
CA SER C 251 5.92 25.98 21.41
C SER C 251 6.81 25.63 20.23
N ASP C 252 7.68 24.67 20.47
CA ASP C 252 8.66 24.19 19.50
C ASP C 252 8.27 22.77 19.07
N GLY C 253 8.48 22.41 17.80
CA GLY C 253 8.21 21.03 17.39
C GLY C 253 8.33 20.84 15.89
N ALA C 254 8.19 19.58 15.46
CA ALA C 254 8.31 19.18 14.07
C ALA C 254 7.28 18.08 13.76
N SER C 255 6.81 18.03 12.53
CA SER C 255 5.92 16.95 12.03
C SER C 255 6.33 16.58 10.60
N MET C 256 6.46 15.29 10.29
CA MET C 256 6.66 14.88 8.89
C MET C 256 5.66 13.80 8.52
N THR C 257 5.17 13.88 7.28
CA THR C 257 4.12 13.03 6.70
C THR C 257 4.75 12.19 5.58
N LEU C 258 4.35 10.91 5.53
CA LEU C 258 4.80 9.96 4.48
C LEU C 258 3.71 9.83 3.44
N LEU C 259 4.02 10.25 2.22
CA LEU C 259 3.10 10.19 1.07
C LEU C 259 3.66 9.21 0.03
N MET C 260 2.75 8.49 -0.63
CA MET C 260 3.11 7.57 -1.72
C MET C 260 1.94 7.52 -2.68
N SER C 261 2.21 7.13 -3.92
CA SER C 261 1.12 6.72 -4.82
C SER C 261 0.36 5.58 -4.13
N LEU C 262 -0.92 5.43 -4.39
CA LEU C 262 -1.65 4.24 -3.88
C LEU C 262 -0.97 2.98 -4.40
N GLU C 263 -0.55 2.98 -5.67
CA GLU C 263 0.13 1.79 -6.26
C GLU C 263 1.31 1.41 -5.37
N LYS C 264 2.16 2.36 -5.01
CA LYS C 264 3.40 2.03 -4.27
C LYS C 264 3.07 1.52 -2.86
N ALA C 265 2.14 2.15 -2.16
CA ALA C 265 1.71 1.69 -0.82
C ALA C 265 1.28 0.20 -0.92
N LEU C 266 0.52 -0.16 -1.93
CA LEU C 266 0.03 -1.56 -2.10
C LEU C 266 1.19 -2.47 -2.45
N ALA C 267 2.12 -2.04 -3.31
CA ALA C 267 3.32 -2.84 -3.65
C ALA C 267 4.15 -3.09 -2.39
N LEU C 268 4.18 -2.14 -1.43
CA LEU C 268 5.02 -2.26 -0.21
C LEU C 268 4.24 -2.95 0.90
N GLY C 269 2.97 -3.30 0.67
CA GLY C 269 2.14 -3.88 1.75
C GLY C 269 1.87 -2.89 2.86
N LEU C 270 1.81 -1.60 2.56
CA LEU C 270 1.48 -0.58 3.60
C LEU C 270 0.00 -0.20 3.51
N GLU C 271 -0.59 0.13 4.66
CA GLU C 271 -2.01 0.51 4.74
C GLU C 271 -2.13 2.00 4.47
N PRO C 272 -2.83 2.39 3.41
CA PRO C 272 -3.09 3.81 3.14
C PRO C 272 -4.02 4.31 4.24
N LYS C 273 -3.79 5.51 4.78
CA LYS C 273 -4.71 6.07 5.79
C LYS C 273 -5.73 6.99 5.12
N ALA C 274 -5.30 7.81 4.16
CA ALA C 274 -6.17 8.83 3.54
C ALA C 274 -5.66 9.19 2.15
N PHE C 275 -6.58 9.58 1.29
CA PHE C 275 -6.25 10.20 -0.01
C PHE C 275 -6.06 11.70 0.24
N PHE C 276 -5.08 12.24 -0.46
CA PHE C 276 -4.96 13.69 -0.67
C PHE C 276 -5.93 14.02 -1.79
N ARG C 277 -6.83 14.96 -1.57
CA ARG C 277 -7.87 15.32 -2.55
C ARG C 277 -7.82 16.79 -2.96
N GLY C 278 -6.85 17.56 -2.53
CA GLY C 278 -6.67 18.90 -3.13
C GLY C 278 -6.31 19.95 -2.11
N PHE C 279 -5.84 21.07 -2.64
CA PHE C 279 -5.27 22.18 -1.84
C PHE C 279 -5.55 23.52 -2.53
N THR C 280 -6.06 24.51 -1.78
CA THR C 280 -6.23 25.86 -2.30
C THR C 280 -5.56 26.86 -1.35
N VAL C 281 -5.20 28.01 -1.89
CA VAL C 281 -4.85 29.20 -1.09
C VAL C 281 -5.68 30.38 -1.59
N ALA C 282 -5.76 31.41 -0.77
CA ALA C 282 -6.50 32.64 -1.11
C ALA C 282 -5.84 33.78 -0.36
N GLY C 283 -5.88 34.94 -0.99
CA GLY C 283 -5.35 36.18 -0.38
C GLY C 283 -6.45 36.93 0.32
N CYS C 284 -6.08 37.70 1.31
CA CYS C 284 -6.98 38.63 2.03
C CYS C 284 -6.17 39.78 2.63
N GLU C 285 -6.84 40.76 3.24
CA GLU C 285 -6.16 41.91 3.88
C GLU C 285 -5.24 41.39 4.98
N PRO C 286 -3.95 41.76 4.93
CA PRO C 286 -3.00 41.35 5.96
C PRO C 286 -3.44 41.71 7.37
N ASP C 287 -4.15 42.84 7.51
CA ASP C 287 -4.50 43.37 8.86
C ASP C 287 -5.56 42.48 9.49
N GLU C 288 -6.21 41.63 8.72
CA GLU C 288 -7.24 40.67 9.21
C GLU C 288 -6.90 39.27 8.69
N MET C 289 -5.62 38.92 8.68
CA MET C 289 -5.12 37.65 8.09
C MET C 289 -5.87 36.46 8.69
N GLY C 290 -6.40 36.60 9.89
CA GLY C 290 -7.10 35.55 10.65
C GLY C 290 -8.30 35.01 9.89
N ILE C 291 -8.85 35.79 8.97
CA ILE C 291 -10.09 35.33 8.27
C ILE C 291 -9.73 34.53 7.02
N GLY C 292 -8.46 34.43 6.62
CA GLY C 292 -8.09 33.76 5.35
C GLY C 292 -8.91 32.53 4.97
N PRO C 293 -9.14 31.54 5.87
CA PRO C 293 -9.90 30.33 5.54
C PRO C 293 -11.29 30.58 4.96
N VAL C 294 -11.94 31.71 5.28
CA VAL C 294 -13.30 31.99 4.71
C VAL C 294 -13.17 32.24 3.20
N PHE C 295 -11.97 32.52 2.67
CA PHE C 295 -11.69 32.68 1.22
C PHE C 295 -11.14 31.38 0.62
N SER C 296 -10.28 30.62 1.30
CA SER C 296 -9.66 29.42 0.68
C SER C 296 -10.62 28.22 0.74
N VAL C 297 -11.43 28.11 1.79
CA VAL C 297 -12.25 26.89 2.00
C VAL C 297 -13.28 26.75 0.86
N PRO C 298 -14.05 27.81 0.51
CA PRO C 298 -15.00 27.73 -0.60
C PRO C 298 -14.34 27.36 -1.92
N LYS C 299 -13.13 27.86 -2.22
CA LYS C 299 -12.41 27.51 -3.46
C LYS C 299 -12.11 26.01 -3.47
N LEU C 300 -11.67 25.46 -2.35
CA LEU C 300 -11.39 24.01 -2.28
C LEU C 300 -12.68 23.19 -2.50
N LEU C 301 -13.74 23.48 -1.73
CA LEU C 301 -14.99 22.66 -1.77
C LEU C 301 -15.61 22.77 -3.18
N LYS C 302 -15.58 23.95 -3.80
CA LYS C 302 -16.12 24.14 -5.18
C LYS C 302 -15.25 23.37 -6.17
N ALA C 303 -13.92 23.40 -6.05
CA ALA C 303 -13.04 22.66 -6.98
C ALA C 303 -13.29 21.16 -6.86
N LYS C 304 -13.69 20.66 -5.71
CA LYS C 304 -13.81 19.20 -5.48
C LYS C 304 -15.27 18.73 -5.48
N GLY C 305 -16.25 19.62 -5.70
CA GLY C 305 -17.67 19.28 -5.87
C GLY C 305 -18.34 18.96 -4.53
N LEU C 306 -17.91 19.62 -3.45
CA LEU C 306 -18.42 19.36 -2.09
C LEU C 306 -19.04 20.65 -1.59
N LYS C 307 -19.84 20.55 -0.54
CA LYS C 307 -20.35 21.69 0.27
C LYS C 307 -19.83 21.53 1.69
N ILE C 308 -20.00 22.58 2.48
CA ILE C 308 -19.63 22.56 3.91
C ILE C 308 -20.15 21.28 4.55
N ALA C 309 -21.39 20.84 4.25
CA ALA C 309 -22.03 19.72 4.98
C ALA C 309 -21.36 18.38 4.69
N ASP C 310 -20.73 18.21 3.53
CA ASP C 310 -20.04 16.97 3.14
C ASP C 310 -18.81 16.73 4.01
N VAL C 311 -18.31 17.76 4.71
CA VAL C 311 -17.06 17.62 5.51
C VAL C 311 -17.42 17.09 6.89
N ASP C 312 -16.82 15.96 7.28
CA ASP C 312 -17.08 15.30 8.58
C ASP C 312 -16.24 15.92 9.69
N LEU C 313 -15.01 16.37 9.40
CA LEU C 313 -14.13 16.88 10.45
C LEU C 313 -13.33 18.06 9.90
N TRP C 314 -13.16 19.09 10.72
CA TRP C 314 -12.32 20.28 10.44
C TRP C 314 -11.19 20.36 11.46
N GLU C 315 -9.98 20.56 10.95
CA GLU C 315 -8.85 21.10 11.70
C GLU C 315 -8.62 22.51 11.15
N LEU C 316 -9.12 23.50 11.86
CA LEU C 316 -8.89 24.91 11.50
C LEU C 316 -8.00 25.51 12.59
N ASN C 317 -6.79 25.93 12.24
CA ASN C 317 -5.75 26.26 13.23
C ASN C 317 -6.28 27.29 14.23
N GLU C 318 -6.09 27.03 15.52
CA GLU C 318 -6.46 27.97 16.60
C GLU C 318 -5.34 29.00 16.80
N ALA C 319 -5.01 29.81 15.79
CA ALA C 319 -4.01 30.89 15.96
C ALA C 319 -4.49 31.83 17.07
N PHE C 320 -5.78 32.19 17.02
CA PHE C 320 -6.41 33.07 18.03
C PHE C 320 -7.89 32.70 18.10
N ALA C 321 -8.46 32.65 19.31
CA ALA C 321 -9.92 32.40 19.47
C ALA C 321 -10.70 33.39 18.59
N SER C 322 -10.26 34.64 18.51
CA SER C 322 -10.99 35.67 17.72
C SER C 322 -11.17 35.20 16.28
N GLN C 323 -10.09 34.82 15.60
CA GLN C 323 -10.20 34.46 14.16
C GLN C 323 -10.79 33.03 14.03
N CYS C 324 -10.48 32.14 14.97
CA CYS C 324 -10.92 30.72 14.90
C CYS C 324 -12.46 30.69 14.99
N LEU C 325 -13.04 31.51 15.89
CA LEU C 325 -14.51 31.65 16.04
C LEU C 325 -15.09 32.29 14.77
N TYR C 326 -14.45 33.34 14.25
CA TYR C 326 -15.00 34.04 13.07
C TYR C 326 -15.13 33.04 11.92
N CYS C 327 -14.06 32.29 11.62
CA CYS C 327 -14.04 31.34 10.47
C CYS C 327 -15.12 30.29 10.72
N ARG C 328 -15.22 29.75 11.92
CA ARG C 328 -16.21 28.67 12.18
C ARG C 328 -17.63 29.17 11.81
N ASP C 329 -17.98 30.37 12.25
CA ASP C 329 -19.38 30.87 12.19
C ASP C 329 -19.65 31.43 10.81
N ARG C 330 -18.66 32.05 10.18
CA ARG C 330 -18.81 32.62 8.82
C ARG C 330 -19.01 31.45 7.85
N LEU C 331 -18.27 30.35 8.03
CA LEU C 331 -18.38 29.21 7.13
C LEU C 331 -19.57 28.32 7.51
N GLU C 332 -20.23 28.62 8.65
CA GLU C 332 -21.39 27.89 9.23
C GLU C 332 -21.01 26.43 9.52
N ILE C 333 -19.87 26.20 10.16
CA ILE C 333 -19.41 24.83 10.48
C ILE C 333 -19.97 24.47 11.85
N ASP C 334 -20.43 23.23 11.98
CA ASP C 334 -20.94 22.66 13.24
C ASP C 334 -19.77 22.52 14.21
N ASN C 335 -19.85 23.20 15.35
CA ASN C 335 -18.82 23.15 16.42
C ASN C 335 -18.50 21.69 16.80
N GLU C 336 -19.43 20.75 16.65
CA GLU C 336 -19.20 19.35 17.08
C GLU C 336 -18.24 18.66 16.11
N LYS C 337 -18.02 19.23 14.93
CA LYS C 337 -17.17 18.67 13.85
C LYS C 337 -15.88 19.49 13.71
N TYR C 338 -15.61 20.38 14.66
CA TYR C 338 -14.63 21.50 14.51
C TYR C 338 -13.60 21.39 15.61
N ASN C 339 -12.33 21.14 15.28
CA ASN C 339 -11.23 21.04 16.28
C ASN C 339 -11.72 20.15 17.44
N VAL C 340 -12.07 18.91 17.12
CA VAL C 340 -12.75 17.98 18.07
C VAL C 340 -11.78 17.60 19.19
N ASN C 341 -10.48 17.75 19.00
CA ASN C 341 -9.49 17.38 20.04
C ASN C 341 -8.75 18.65 20.48
N GLY C 342 -9.34 19.81 20.25
CA GLY C 342 -8.71 21.10 20.59
C GLY C 342 -7.55 21.40 19.66
N GLY C 343 -6.63 22.24 20.09
CA GLY C 343 -5.60 22.71 19.15
C GLY C 343 -4.66 23.72 19.77
N SER C 344 -4.16 24.61 18.92
CA SER C 344 -2.96 25.46 19.15
C SER C 344 -3.15 26.38 20.36
N ILE C 345 -4.38 26.75 20.75
CA ILE C 345 -4.59 27.53 21.99
C ILE C 345 -4.05 26.73 23.18
N ALA C 346 -4.27 25.40 23.16
CA ALA C 346 -3.87 24.47 24.25
C ALA C 346 -2.41 24.09 24.10
N ILE C 347 -1.92 23.81 22.89
CA ILE C 347 -0.57 23.17 22.74
C ILE C 347 0.42 24.03 21.99
N GLY C 348 0.01 25.13 21.35
CA GLY C 348 0.96 26.00 20.63
C GLY C 348 0.98 25.80 19.12
N HIS C 349 1.53 26.81 18.43
CA HIS C 349 1.56 26.93 16.97
C HIS C 349 3.00 27.19 16.54
N PRO C 350 3.84 26.12 16.46
CA PRO C 350 5.18 26.22 15.89
C PRO C 350 4.92 26.32 14.38
N PHE C 351 4.94 27.55 13.83
CA PHE C 351 4.39 27.91 12.49
C PHE C 351 4.59 26.79 11.47
N GLY C 352 5.82 26.40 11.16
CA GLY C 352 6.06 25.48 10.03
C GLY C 352 5.47 24.08 10.21
N MET C 353 5.29 23.61 11.44
CA MET C 353 4.94 22.18 11.67
C MET C 353 3.44 22.03 11.79
N THR C 354 2.72 23.08 12.15
CA THR C 354 1.29 22.95 12.50
C THR C 354 0.49 22.26 11.39
N GLY C 355 0.62 22.67 10.12
CA GLY C 355 -0.16 22.07 9.02
C GLY C 355 0.03 20.56 8.96
N SER C 356 1.23 20.06 9.19
CA SER C 356 1.53 18.61 9.09
C SER C 356 1.00 17.94 10.36
N ARG C 357 1.08 18.61 11.51
CA ARG C 357 0.47 18.01 12.73
C ARG C 357 -1.05 17.84 12.49
N GLN C 358 -1.69 18.85 11.91
CA GLN C 358 -3.16 18.83 11.70
C GLN C 358 -3.49 17.69 10.75
N VAL C 359 -2.70 17.51 9.70
CA VAL C 359 -2.95 16.41 8.71
C VAL C 359 -2.85 15.06 9.45
N GLY C 360 -1.76 14.84 10.20
CA GLY C 360 -1.49 13.56 10.87
C GLY C 360 -2.55 13.24 11.89
N HIS C 361 -3.12 14.25 12.53
CA HIS C 361 -4.17 14.05 13.54
C HIS C 361 -5.52 13.83 12.86
N LEU C 362 -5.85 14.67 11.88
CA LEU C 362 -7.11 14.55 11.15
C LEU C 362 -7.27 13.13 10.57
N VAL C 363 -6.25 12.61 9.90
CA VAL C 363 -6.42 11.31 9.17
C VAL C 363 -6.70 10.22 10.24
N ARG C 364 -6.08 10.33 11.42
CA ARG C 364 -6.29 9.37 12.52
C ARG C 364 -7.72 9.51 13.04
N GLU C 365 -8.21 10.74 13.26
CA GLU C 365 -9.54 10.98 13.83
C GLU C 365 -10.61 10.53 12.81
N LEU C 366 -10.40 10.79 11.51
CA LEU C 366 -11.31 10.29 10.44
C LEU C 366 -11.44 8.76 10.55
N HIS C 367 -10.32 8.04 10.62
CA HIS C 367 -10.29 6.55 10.75
C HIS C 367 -11.00 6.12 12.05
N ARG C 368 -10.72 6.74 13.19
CA ARG C 368 -11.28 6.38 14.54
C ARG C 368 -12.80 6.53 14.56
N ARG C 369 -13.35 7.60 14.01
CA ARG C 369 -14.78 7.96 14.03
C ARG C 369 -15.51 7.37 12.81
N ASN C 370 -14.81 6.58 12.00
CA ASN C 370 -15.32 5.98 10.75
C ASN C 370 -15.94 7.06 9.85
N LEU C 371 -15.23 8.15 9.61
CA LEU C 371 -15.71 9.28 8.80
C LEU C 371 -15.00 9.29 7.46
N ARG C 372 -15.44 10.17 6.57
CA ARG C 372 -14.98 10.18 5.17
C ARG C 372 -14.08 11.38 4.88
N TYR C 373 -14.63 12.59 4.84
CA TYR C 373 -13.92 13.82 4.37
C TYR C 373 -13.49 14.66 5.58
N GLY C 374 -12.24 15.12 5.52
CA GLY C 374 -11.76 16.08 6.51
C GLY C 374 -11.01 17.21 5.84
N VAL C 375 -11.03 18.40 6.42
CA VAL C 375 -10.29 19.57 5.88
C VAL C 375 -9.29 20.06 6.95
N VAL C 376 -8.05 20.30 6.53
CA VAL C 376 -7.05 21.07 7.30
C VAL C 376 -7.00 22.46 6.70
N THR C 377 -7.21 23.49 7.51
CA THR C 377 -7.22 24.85 6.95
C THR C 377 -6.64 25.77 8.01
N MET C 378 -6.04 26.86 7.59
CA MET C 378 -5.47 27.83 8.55
C MET C 378 -5.36 29.21 7.92
N CYS C 379 -5.49 30.22 8.76
CA CYS C 379 -5.04 31.60 8.45
C CYS C 379 -3.51 31.61 8.35
N VAL C 380 -2.98 32.62 7.66
CA VAL C 380 -1.53 32.77 7.39
C VAL C 380 -1.15 34.23 7.54
N GLY C 381 -0.15 34.48 8.36
CA GLY C 381 0.51 35.79 8.42
C GLY C 381 0.79 36.33 7.03
N GLY C 382 0.41 37.59 6.79
CA GLY C 382 0.61 38.25 5.50
C GLY C 382 -0.69 38.39 4.75
N GLY C 383 -1.74 37.71 5.21
CA GLY C 383 -3.10 37.82 4.64
C GLY C 383 -3.40 36.67 3.71
N MET C 384 -3.41 35.42 4.22
CA MET C 384 -3.77 34.26 3.35
C MET C 384 -4.57 33.24 4.14
N GLY C 385 -5.36 32.46 3.40
CA GLY C 385 -5.87 31.16 3.85
C GLY C 385 -5.33 30.04 2.98
N ALA C 386 -5.05 28.90 3.61
CA ALA C 386 -4.74 27.63 2.93
C ALA C 386 -5.72 26.58 3.43
N SER C 387 -6.08 25.64 2.57
CA SER C 387 -7.12 24.61 2.84
C SER C 387 -6.71 23.34 2.09
N GLY C 388 -6.71 22.19 2.77
CA GLY C 388 -6.48 20.88 2.13
C GLY C 388 -7.60 19.91 2.44
N LEU C 389 -7.99 19.11 1.46
CA LEU C 389 -9.04 18.07 1.59
C LEU C 389 -8.37 16.70 1.66
N PHE C 390 -8.80 15.87 2.62
CA PHE C 390 -8.35 14.47 2.87
C PHE C 390 -9.58 13.59 2.92
N GLU C 391 -9.44 12.37 2.44
CA GLU C 391 -10.54 11.38 2.42
C GLU C 391 -10.00 10.06 2.95
N ALA C 392 -10.56 9.58 4.06
CA ALA C 392 -10.20 8.29 4.68
C ALA C 392 -10.36 7.17 3.63
N VAL C 393 -9.43 6.21 3.60
CA VAL C 393 -9.52 5.03 2.68
C VAL C 393 -10.44 4.00 3.37
N ARG C 394 -11.42 3.47 2.64
CA ARG C 394 -12.23 2.25 2.97
C ARG C 394 -11.39 0.99 2.69
N LEU C 395 -11.17 0.21 3.76
CA LEU C 395 -10.48 -1.12 3.75
C LEU C 395 -11.38 -2.10 4.51
N ARG D 2 -4.18 16.30 -16.63
CA ARG D 2 -4.70 17.66 -17.01
C ARG D 2 -3.53 18.53 -17.49
N GLU D 3 -3.61 19.06 -18.73
CA GLU D 3 -2.48 19.68 -19.45
C GLU D 3 -2.26 21.12 -18.94
N VAL D 4 -1.00 21.47 -18.75
CA VAL D 4 -0.62 22.80 -18.20
C VAL D 4 0.42 23.41 -19.14
N VAL D 5 0.22 24.67 -19.46
CA VAL D 5 1.07 25.35 -20.46
C VAL D 5 1.72 26.57 -19.82
N ILE D 6 2.92 26.86 -20.30
CA ILE D 6 3.59 28.18 -20.21
C ILE D 6 2.96 29.06 -21.27
N VAL D 7 2.37 30.16 -20.86
CA VAL D 7 1.83 31.19 -21.77
C VAL D 7 2.87 32.27 -22.02
N ASP D 8 3.67 32.62 -21.00
CA ASP D 8 4.67 33.72 -21.15
C ASP D 8 5.71 33.55 -20.05
N SER D 9 6.86 34.16 -20.25
CA SER D 9 7.98 34.15 -19.27
C SER D 9 8.80 35.40 -19.54
N VAL D 10 9.00 36.27 -18.54
CA VAL D 10 9.79 37.50 -18.75
C VAL D 10 10.73 37.68 -17.58
N ARG D 11 11.83 38.36 -17.85
CA ARG D 11 12.85 38.54 -16.81
C ARG D 11 13.42 39.94 -16.94
N THR D 12 14.16 40.35 -15.93
CA THR D 12 15.07 41.49 -16.02
C THR D 12 16.27 41.08 -16.84
N GLY D 13 17.03 42.06 -17.32
CA GLY D 13 18.44 41.80 -17.63
C GLY D 13 19.15 41.31 -16.39
N LEU D 14 20.32 40.70 -16.57
CA LEU D 14 21.20 40.33 -15.45
C LEU D 14 22.31 41.38 -15.36
N ALA D 15 22.33 42.10 -14.25
CA ALA D 15 23.27 43.21 -13.99
C ALA D 15 24.32 42.71 -13.01
N LYS D 16 25.58 42.94 -13.36
CA LYS D 16 26.73 42.62 -12.47
C LYS D 16 26.37 43.00 -11.01
N SER D 17 26.65 42.09 -10.08
CA SER D 17 26.40 42.27 -8.64
C SER D 17 27.37 43.34 -8.08
N PHE D 18 26.91 44.14 -7.13
CA PHE D 18 27.74 45.11 -6.35
C PHE D 18 28.04 46.38 -7.16
N ARG D 19 28.59 46.27 -8.38
CA ARG D 19 28.97 47.40 -9.26
C ARG D 19 27.83 47.77 -10.21
N GLY D 20 26.90 46.87 -10.51
CA GLY D 20 25.97 47.11 -11.64
C GLY D 20 24.72 47.88 -11.26
N LYS D 21 23.78 47.99 -12.19
CA LYS D 21 22.68 48.96 -12.08
C LYS D 21 21.53 48.39 -11.28
N PHE D 22 21.63 47.17 -10.76
CA PHE D 22 20.66 46.68 -9.74
C PHE D 22 21.24 46.76 -8.33
N ASN D 23 22.38 47.43 -8.10
CA ASN D 23 23.06 47.33 -6.77
C ASN D 23 22.29 48.01 -5.63
N LEU D 24 21.20 48.75 -5.90
CA LEU D 24 20.29 49.28 -4.88
C LEU D 24 18.85 48.78 -5.11
N THR D 25 18.62 47.90 -6.07
CA THR D 25 17.23 47.52 -6.43
C THR D 25 16.83 46.29 -5.60
N ARG D 26 15.72 46.39 -4.89
CA ARG D 26 15.19 45.32 -4.03
C ARG D 26 14.73 44.15 -4.92
N PRO D 27 15.00 42.89 -4.50
CA PRO D 27 14.59 41.74 -5.31
C PRO D 27 13.06 41.61 -5.37
N ASP D 28 12.33 41.93 -4.29
CA ASP D 28 10.85 41.87 -4.32
C ASP D 28 10.36 42.79 -5.43
N ASP D 29 10.89 44.02 -5.49
CA ASP D 29 10.48 45.00 -6.53
C ASP D 29 10.84 44.46 -7.91
N MET D 30 12.00 43.79 -8.08
CA MET D 30 12.40 43.20 -9.37
C MET D 30 11.41 42.11 -9.82
N ALA D 31 11.02 41.24 -8.91
CA ALA D 31 10.08 40.14 -9.23
C ALA D 31 8.69 40.72 -9.52
N ALA D 32 8.23 41.69 -8.75
CA ALA D 32 6.94 42.36 -8.98
C ALA D 32 6.94 43.05 -10.37
N HIS D 33 8.07 43.61 -10.78
CA HIS D 33 8.18 44.24 -12.11
C HIS D 33 7.89 43.20 -13.20
N CYS D 34 8.47 42.01 -13.07
CA CYS D 34 8.26 40.89 -14.00
C CYS D 34 6.78 40.48 -13.99
N VAL D 35 6.15 40.36 -12.83
CA VAL D 35 4.71 40.01 -12.75
C VAL D 35 3.91 41.08 -13.50
N ASP D 36 4.20 42.36 -13.26
CA ASP D 36 3.52 43.50 -13.96
C ASP D 36 3.66 43.37 -15.47
N ALA D 37 4.82 42.95 -15.96
CA ALA D 37 5.05 42.76 -17.40
C ALA D 37 4.16 41.63 -17.94
N LEU D 38 4.06 40.50 -17.21
CA LEU D 38 3.20 39.36 -17.61
C LEU D 38 1.75 39.84 -17.72
N LEU D 39 1.29 40.62 -16.74
CA LEU D 39 -0.10 41.14 -16.68
C LEU D 39 -0.37 42.05 -17.91
N ALA D 40 0.53 42.99 -18.21
CA ALA D 40 0.39 43.95 -19.33
C ALA D 40 0.50 43.20 -20.67
N ARG D 41 1.48 42.32 -20.84
CA ARG D 41 1.76 41.64 -22.12
C ARG D 41 0.61 40.69 -22.48
N ASN D 42 -0.13 40.20 -21.51
CA ASN D 42 -1.14 39.14 -21.77
C ASN D 42 -2.51 39.73 -21.53
N ASP D 43 -2.58 41.04 -21.29
CA ASP D 43 -3.84 41.75 -20.99
C ASP D 43 -4.63 40.89 -20.00
N LEU D 44 -3.97 40.49 -18.90
CA LEU D 44 -4.50 39.45 -17.98
C LEU D 44 -5.15 40.14 -16.79
N ASP D 45 -6.40 39.78 -16.51
CA ASP D 45 -7.12 40.25 -15.31
C ASP D 45 -6.38 39.70 -14.08
N PRO D 46 -5.75 40.56 -13.25
CA PRO D 46 -5.01 40.11 -12.07
C PRO D 46 -5.83 39.24 -11.11
N LEU D 47 -7.16 39.42 -11.04
CA LEU D 47 -8.05 38.60 -10.18
C LEU D 47 -8.08 37.16 -10.69
N LEU D 48 -7.67 36.86 -11.91
CA LEU D 48 -7.66 35.46 -12.39
C LEU D 48 -6.45 34.69 -11.82
N VAL D 49 -5.44 35.39 -11.29
CA VAL D 49 -4.19 34.72 -10.84
C VAL D 49 -4.45 34.11 -9.46
N ASP D 50 -4.18 32.81 -9.30
CA ASP D 50 -4.53 32.04 -8.09
C ASP D 50 -3.37 32.05 -7.07
N ASP D 51 -2.13 32.31 -7.51
CA ASP D 51 -0.96 32.19 -6.61
C ASP D 51 0.26 32.80 -7.31
N CYS D 52 1.27 33.09 -6.49
CA CYS D 52 2.52 33.75 -6.86
C CYS D 52 3.64 33.04 -6.10
N ILE D 53 4.47 32.30 -6.80
CA ILE D 53 5.47 31.37 -6.22
C ILE D 53 6.83 31.88 -6.61
N VAL D 54 7.64 32.26 -5.62
CA VAL D 54 8.97 32.87 -5.84
C VAL D 54 10.05 32.03 -5.16
N GLY D 55 10.96 31.49 -5.97
CA GLY D 55 12.18 30.78 -5.55
C GLY D 55 13.27 31.80 -5.29
N ALA D 56 14.09 31.55 -4.27
CA ALA D 56 15.24 32.39 -3.91
C ALA D 56 16.18 31.56 -3.03
N GLY D 57 17.49 31.72 -3.23
CA GLY D 57 18.51 31.02 -2.45
C GLY D 57 18.51 31.58 -1.05
N SER D 58 18.72 32.90 -0.93
CA SER D 58 18.63 33.57 0.39
C SER D 58 17.16 33.79 0.71
N ASN D 59 16.72 33.49 1.92
CA ASN D 59 15.32 33.69 2.34
C ASN D 59 15.28 34.60 3.59
N GLU D 60 16.13 35.61 3.59
CA GLU D 60 16.29 36.50 4.77
C GLU D 60 16.71 37.89 4.30
N GLY D 61 16.56 38.89 5.18
CA GLY D 61 16.98 40.25 4.88
C GLY D 61 16.17 40.82 3.73
N ALA D 62 16.85 41.23 2.68
CA ALA D 62 16.20 41.73 1.45
C ALA D 62 15.32 40.65 0.83
N GLN D 63 15.52 39.35 1.14
CA GLN D 63 14.70 38.23 0.60
C GLN D 63 13.93 37.53 1.74
N GLY D 64 13.69 38.21 2.87
CA GLY D 64 12.90 37.68 4.01
C GLY D 64 11.42 37.99 3.96
N HIS D 65 10.70 37.62 5.03
CA HIS D 65 9.31 38.05 5.29
C HIS D 65 8.32 37.49 4.24
N ASN D 66 8.63 36.31 3.66
CA ASN D 66 7.82 35.66 2.58
C ASN D 66 7.78 36.58 1.34
N ILE D 67 8.92 36.64 0.66
CA ILE D 67 9.08 37.44 -0.58
C ILE D 67 7.97 37.10 -1.60
N GLY D 68 7.56 35.84 -1.75
CA GLY D 68 6.52 35.51 -2.76
C GLY D 68 5.20 36.22 -2.53
N ARG D 69 4.71 36.24 -1.29
CA ARG D 69 3.49 37.00 -0.95
C ARG D 69 3.72 38.49 -1.22
N ASN D 70 4.87 39.01 -0.78
CA ASN D 70 5.14 40.46 -0.87
C ASN D 70 5.29 40.86 -2.33
N VAL D 71 5.83 40.01 -3.20
CA VAL D 71 5.84 40.22 -4.67
C VAL D 71 4.40 40.36 -5.18
N ALA D 72 3.50 39.47 -4.79
CA ALA D 72 2.11 39.52 -5.27
C ALA D 72 1.56 40.90 -4.93
N VAL D 73 1.72 41.29 -3.67
CA VAL D 73 1.06 42.51 -3.10
C VAL D 73 1.69 43.76 -3.75
N LEU D 74 2.99 43.80 -4.00
CA LEU D 74 3.63 44.97 -4.69
C LEU D 74 3.11 45.09 -6.12
N SER D 75 2.90 43.97 -6.78
CA SER D 75 2.49 43.91 -8.20
C SER D 75 1.02 44.33 -8.33
N GLY D 76 0.53 44.38 -9.54
CA GLY D 76 -0.90 44.64 -9.82
C GLY D 76 -1.80 43.52 -9.29
N LEU D 77 -1.23 42.37 -8.87
CA LEU D 77 -2.03 41.28 -8.27
C LEU D 77 -2.66 41.76 -6.94
N GLY D 78 -1.93 42.43 -6.07
CA GLY D 78 -2.44 43.01 -4.82
C GLY D 78 -2.76 41.94 -3.76
N ILE D 79 -3.36 42.37 -2.65
CA ILE D 79 -3.63 41.53 -1.46
C ILE D 79 -4.53 40.34 -1.84
N GLN D 80 -5.27 40.36 -2.95
CA GLN D 80 -6.20 39.26 -3.27
C GLN D 80 -5.41 38.00 -3.65
N VAL D 81 -4.17 38.15 -4.09
CA VAL D 81 -3.41 36.99 -4.63
C VAL D 81 -2.42 36.54 -3.57
N PRO D 82 -2.52 35.27 -3.14
CA PRO D 82 -1.59 34.73 -2.17
C PRO D 82 -0.19 34.55 -2.78
N GLY D 83 0.79 34.34 -1.90
CA GLY D 83 2.12 34.03 -2.41
C GLY D 83 2.93 33.21 -1.43
N MET D 84 4.01 32.59 -1.93
CA MET D 84 4.87 31.74 -1.06
C MET D 84 6.30 31.84 -1.59
N THR D 85 7.22 31.36 -0.75
CA THR D 85 8.66 31.40 -1.05
C THR D 85 9.18 29.97 -0.94
N LEU D 86 10.16 29.60 -1.75
CA LEU D 86 10.84 28.31 -1.57
C LEU D 86 12.33 28.47 -1.88
N ASN D 87 13.10 27.51 -1.41
CA ASN D 87 14.56 27.40 -1.57
C ASN D 87 14.90 25.94 -1.90
N ARG D 88 15.36 25.69 -3.12
CA ARG D 88 16.20 24.54 -3.47
C ARG D 88 17.37 25.13 -4.24
N TYR D 89 18.04 26.10 -3.61
N TYR D 89 18.09 26.08 -3.60
CA TYR D 89 19.11 27.01 -4.12
CA TYR D 89 19.08 27.07 -4.14
C TYR D 89 19.01 27.23 -5.65
C TYR D 89 19.00 27.23 -5.68
N CYS D 90 19.98 26.73 -6.41
CA CYS D 90 20.14 27.00 -7.88
C CYS D 90 18.91 26.54 -8.67
N SER D 91 18.14 25.56 -8.16
CA SER D 91 16.98 25.03 -8.91
C SER D 91 15.70 25.81 -8.59
N SER D 92 15.72 26.73 -7.63
CA SER D 92 14.50 27.34 -7.05
C SER D 92 13.54 27.86 -8.11
N GLY D 93 14.00 28.54 -9.16
CA GLY D 93 13.09 29.13 -10.15
C GLY D 93 12.37 28.04 -10.96
N LEU D 94 13.06 26.93 -11.26
CA LEU D 94 12.42 25.78 -11.95
C LEU D 94 11.46 25.07 -10.98
N GLN D 95 11.90 24.87 -9.74
CA GLN D 95 11.09 24.24 -8.70
C GLN D 95 9.76 24.99 -8.56
N ALA D 96 9.79 26.32 -8.58
CA ALA D 96 8.57 27.16 -8.42
C ALA D 96 7.63 26.83 -9.60
N ILE D 97 8.18 26.75 -10.79
CA ILE D 97 7.41 26.47 -12.03
C ILE D 97 6.76 25.07 -11.94
N ALA D 98 7.51 24.07 -11.49
CA ALA D 98 6.99 22.68 -11.38
C ALA D 98 5.85 22.68 -10.35
N ILE D 99 6.01 23.40 -9.24
CA ILE D 99 4.97 23.42 -8.19
C ILE D 99 3.71 24.10 -8.76
N ALA D 100 3.86 25.21 -9.47
CA ALA D 100 2.74 25.92 -10.13
C ALA D 100 2.02 24.93 -11.07
N ALA D 101 2.75 24.25 -11.94
CA ALA D 101 2.16 23.35 -12.96
C ALA D 101 1.44 22.17 -12.29
N ASN D 102 2.07 21.51 -11.31
CA ASN D 102 1.46 20.35 -10.58
C ASN D 102 0.22 20.81 -9.79
N GLN D 103 0.20 22.04 -9.26
CA GLN D 103 -0.99 22.58 -8.56
C GLN D 103 -2.12 22.85 -9.56
N ILE D 104 -1.83 23.45 -10.70
CA ILE D 104 -2.83 23.55 -11.82
C ILE D 104 -3.32 22.14 -12.24
N ALA D 105 -2.42 21.19 -12.49
CA ALA D 105 -2.74 19.81 -12.92
C ALA D 105 -3.74 19.14 -11.97
N SER D 106 -3.73 19.46 -10.67
CA SER D 106 -4.61 18.87 -9.61
C SER D 106 -6.07 19.31 -9.80
N GLY D 107 -6.31 20.38 -10.56
CA GLY D 107 -7.66 20.96 -10.75
C GLY D 107 -7.97 22.02 -9.73
N CYS D 108 -7.07 22.34 -8.80
CA CYS D 108 -7.43 23.23 -7.67
C CYS D 108 -7.01 24.68 -7.95
N SER D 109 -6.32 24.93 -9.07
CA SER D 109 -5.96 26.27 -9.58
C SER D 109 -6.04 26.26 -11.10
N GLU D 110 -6.23 27.45 -11.69
CA GLU D 110 -6.25 27.65 -13.18
C GLU D 110 -5.01 28.43 -13.65
N VAL D 111 -4.58 29.44 -12.89
CA VAL D 111 -3.56 30.45 -13.30
C VAL D 111 -2.63 30.74 -12.13
N ILE D 112 -1.35 30.61 -12.37
CA ILE D 112 -0.29 30.90 -11.35
C ILE D 112 0.88 31.60 -12.04
N VAL D 113 1.52 32.54 -11.33
CA VAL D 113 2.80 33.15 -11.78
C VAL D 113 3.86 32.55 -10.86
N ALA D 114 4.95 32.10 -11.46
CA ALA D 114 5.99 31.37 -10.71
C ALA D 114 7.33 31.66 -11.32
N GLY D 115 8.35 31.79 -10.48
CA GLY D 115 9.72 31.91 -10.98
C GLY D 115 10.63 32.16 -9.81
N GLY D 116 11.59 33.07 -10.00
CA GLY D 116 12.59 33.29 -8.95
C GLY D 116 13.25 34.64 -9.02
N VAL D 117 14.03 34.92 -7.98
CA VAL D 117 14.78 36.18 -7.95
C VAL D 117 16.02 35.94 -7.12
N GLU D 118 17.10 36.66 -7.45
CA GLU D 118 18.22 36.79 -6.50
C GLU D 118 18.84 38.17 -6.67
N SER D 119 18.88 38.89 -5.57
CA SER D 119 19.80 40.04 -5.42
C SER D 119 21.02 39.53 -4.71
N ILE D 120 21.99 39.09 -5.49
CA ILE D 120 23.29 38.66 -4.91
C ILE D 120 23.90 39.89 -4.19
N THR D 121 23.77 41.08 -4.79
CA THR D 121 24.24 42.35 -4.17
C THR D 121 23.74 42.46 -2.73
N LEU D 122 22.42 42.35 -2.48
CA LEU D 122 21.85 42.66 -1.14
C LEU D 122 21.83 41.45 -0.18
N THR D 123 22.12 40.22 -0.62
CA THR D 123 21.93 39.01 0.22
C THR D 123 23.22 38.22 0.41
N LEU D 124 24.18 38.26 -0.53
CA LEU D 124 25.34 37.33 -0.46
C LEU D 124 26.08 37.46 0.87
N LYS D 125 26.36 38.68 1.32
CA LYS D 125 27.16 38.94 2.55
C LYS D 125 26.24 39.35 3.70
N SER D 126 24.94 39.08 3.61
CA SER D 126 23.96 39.39 4.68
C SER D 126 23.35 38.06 5.13
N VAL D 127 24.07 37.36 6.02
CA VAL D 127 23.75 35.96 6.39
C VAL D 127 23.62 35.91 7.92
N ASN D 128 22.44 35.53 8.41
CA ASN D 128 22.19 35.21 9.83
C ASN D 128 23.00 33.96 10.18
N THR D 129 24.09 34.08 10.96
CA THR D 129 24.98 32.97 11.38
C THR D 129 24.59 32.34 12.73
N ASP D 130 23.54 32.77 13.42
CA ASP D 130 23.12 32.16 14.71
C ASP D 130 22.73 30.70 14.46
N HIS D 131 23.49 29.75 15.02
CA HIS D 131 23.16 28.30 15.01
C HIS D 131 23.09 27.82 13.56
N LEU D 132 23.85 28.42 12.67
CA LEU D 132 23.70 28.14 11.21
C LEU D 132 24.31 26.76 10.93
N VAL D 133 25.46 26.45 11.51
CA VAL D 133 26.13 25.14 11.30
C VAL D 133 25.57 24.09 12.28
N ASN D 134 25.21 22.91 11.78
CA ASN D 134 24.83 21.73 12.59
C ASN D 134 26.12 20.94 12.82
N PRO D 135 26.67 20.87 14.05
CA PRO D 135 27.99 20.26 14.26
C PRO D 135 27.99 18.77 13.84
N LEU D 136 26.85 18.10 13.98
CA LEU D 136 26.71 16.68 13.60
C LEU D 136 26.81 16.55 12.08
N LEU D 137 26.16 17.42 11.31
CA LEU D 137 26.31 17.44 9.83
C LEU D 137 27.75 17.72 9.44
N GLN D 138 28.36 18.75 10.02
CA GLN D 138 29.75 19.14 9.69
C GLN D 138 30.69 17.95 9.88
N ARG D 139 30.46 17.14 10.93
CA ARG D 139 31.24 15.90 11.21
C ARG D 139 30.88 14.80 10.21
N GLU D 140 29.61 14.55 9.96
CA GLU D 140 29.15 13.39 9.13
C GLU D 140 29.35 13.69 7.64
N VAL D 141 28.95 14.89 7.17
CA VAL D 141 28.98 15.25 5.73
C VAL D 141 29.52 16.67 5.60
N PRO D 142 30.84 16.88 5.81
CA PRO D 142 31.42 18.22 5.77
C PRO D 142 31.15 18.95 4.45
N GLY D 143 31.00 18.21 3.35
CA GLY D 143 30.70 18.73 2.01
C GLY D 143 29.47 19.65 2.01
N ILE D 144 28.56 19.48 2.96
CA ILE D 144 27.34 20.33 3.06
C ILE D 144 27.75 21.81 3.21
N TYR D 145 28.93 22.09 3.76
CA TYR D 145 29.37 23.46 4.07
C TYR D 145 30.50 23.91 3.14
N TYR D 146 30.95 23.09 2.19
CA TYR D 146 32.00 23.54 1.25
C TYR D 146 31.50 24.65 0.37
N PRO D 147 32.32 25.69 0.12
CA PRO D 147 32.03 26.66 -0.91
C PRO D 147 31.78 25.96 -2.26
N MET D 148 30.90 26.55 -3.06
CA MET D 148 30.53 25.99 -4.38
C MET D 148 31.76 25.88 -5.28
N GLY D 149 32.65 26.85 -5.24
CA GLY D 149 33.87 26.79 -6.07
C GLY D 149 34.76 25.63 -5.67
N GLN D 150 34.79 25.30 -4.38
CA GLN D 150 35.57 24.14 -3.91
C GLN D 150 35.00 22.87 -4.57
N THR D 151 33.68 22.76 -4.66
CA THR D 151 33.05 21.53 -5.23
C THR D 151 33.36 21.51 -6.72
N ALA D 152 33.44 22.68 -7.37
CA ALA D 152 33.78 22.80 -8.81
C ALA D 152 35.20 22.25 -9.05
N GLU D 153 36.15 22.52 -8.14
CA GLU D 153 37.53 22.01 -8.27
C GLU D 153 37.55 20.49 -8.01
N ILE D 154 36.78 20.02 -7.03
CA ILE D 154 36.71 18.58 -6.69
C ILE D 154 36.21 17.82 -7.90
N VAL D 155 35.19 18.33 -8.57
CA VAL D 155 34.65 17.69 -9.79
C VAL D 155 35.72 17.69 -10.88
N ALA D 156 36.41 18.82 -11.13
CA ALA D 156 37.43 18.84 -12.23
C ALA D 156 38.45 17.74 -12.01
N ARG D 157 38.92 17.61 -10.78
CA ARG D 157 40.04 16.70 -10.41
C ARG D 157 39.52 15.27 -10.43
N ARG D 158 38.39 15.02 -9.80
CA ARG D 158 37.85 13.64 -9.62
C ARG D 158 37.51 13.07 -10.99
N TYR D 159 37.01 13.86 -11.92
CA TYR D 159 36.51 13.34 -13.21
C TYR D 159 37.44 13.76 -14.35
N GLY D 160 38.61 14.32 -14.06
CA GLY D 160 39.60 14.66 -15.12
C GLY D 160 39.05 15.65 -16.14
N ILE D 161 38.37 16.71 -15.70
CA ILE D 161 37.89 17.78 -16.62
C ILE D 161 39.03 18.81 -16.70
N THR D 162 39.80 18.83 -17.79
CA THR D 162 41.04 19.65 -17.86
C THR D 162 40.72 21.15 -17.88
N ARG D 163 41.71 21.96 -17.48
CA ARG D 163 41.65 23.43 -17.66
C ARG D 163 41.32 23.77 -19.10
N GLU D 164 41.99 23.15 -20.07
CA GLU D 164 41.83 23.41 -21.50
C GLU D 164 40.38 23.14 -21.95
N ALA D 165 39.77 22.04 -21.49
CA ALA D 165 38.37 21.70 -21.84
C ALA D 165 37.42 22.75 -21.25
N GLN D 166 37.63 23.12 -19.98
CA GLN D 166 36.80 24.12 -19.25
C GLN D 166 36.84 25.43 -20.02
N ASP D 167 38.04 25.89 -20.40
CA ASP D 167 38.20 27.18 -21.13
C ASP D 167 37.57 27.09 -22.52
N ALA D 168 37.69 25.95 -23.22
CA ALA D 168 37.04 25.78 -24.54
C ALA D 168 35.52 25.90 -24.36
N TYR D 169 34.99 25.38 -23.24
CA TYR D 169 33.53 25.44 -22.94
C TYR D 169 33.16 26.91 -22.66
N ALA D 170 33.89 27.58 -21.78
CA ALA D 170 33.62 29.01 -21.43
C ALA D 170 33.60 29.87 -22.70
N LEU D 171 34.54 29.63 -23.60
CA LEU D 171 34.65 30.42 -24.86
C LEU D 171 33.40 30.17 -25.68
N GLN D 172 32.96 28.91 -25.78
CA GLN D 172 31.73 28.57 -26.54
C GLN D 172 30.54 29.36 -25.98
N SER D 173 30.40 29.36 -24.66
CA SER D 173 29.30 30.09 -23.99
C SER D 173 29.34 31.58 -24.37
N GLN D 174 30.51 32.23 -24.27
CA GLN D 174 30.66 33.67 -24.61
C GLN D 174 30.29 33.86 -26.09
N GLN D 175 30.82 33.03 -26.98
CA GLN D 175 30.56 33.23 -28.43
C GLN D 175 29.07 33.03 -28.75
N ARG D 176 28.46 31.95 -28.21
CA ARG D 176 27.04 31.62 -28.50
C ARG D 176 26.20 32.74 -27.95
N MET D 177 26.52 33.25 -26.75
CA MET D 177 25.69 34.31 -26.13
C MET D 177 25.84 35.60 -26.94
N ALA D 178 27.06 35.91 -27.39
CA ALA D 178 27.33 37.12 -28.22
C ALA D 178 26.47 37.11 -29.49
N ARG D 179 26.52 36.01 -30.24
CA ARG D 179 25.69 35.82 -31.47
C ARG D 179 24.21 35.98 -31.13
N ALA D 180 23.74 35.39 -30.03
CA ALA D 180 22.31 35.38 -29.71
C ALA D 180 21.92 36.83 -29.41
N GLN D 181 22.80 37.57 -28.75
CA GLN D 181 22.53 39.00 -28.44
C GLN D 181 22.47 39.77 -29.75
N ALA D 182 23.45 39.62 -30.65
CA ALA D 182 23.52 40.33 -31.96
C ALA D 182 22.27 40.00 -32.79
N ASP D 183 21.76 38.76 -32.67
CA ASP D 183 20.56 38.35 -33.42
C ASP D 183 19.25 38.76 -32.71
N GLY D 184 19.31 39.46 -31.57
CA GLY D 184 18.13 39.94 -30.84
C GLY D 184 17.29 38.81 -30.21
N LEU D 185 17.90 37.70 -29.82
CA LEU D 185 17.13 36.53 -29.33
C LEU D 185 16.65 36.77 -27.89
N PHE D 186 16.97 37.91 -27.26
CA PHE D 186 16.57 38.22 -25.86
C PHE D 186 15.59 39.38 -25.83
N ALA D 187 15.27 39.95 -26.98
CA ALA D 187 14.42 41.16 -27.09
C ALA D 187 13.06 40.94 -26.44
N ASP D 188 12.43 39.79 -26.65
CA ASP D 188 11.06 39.53 -26.15
C ASP D 188 11.10 38.98 -24.70
N GLU D 189 12.22 38.40 -24.26
CA GLU D 189 12.36 37.74 -22.92
C GLU D 189 12.71 38.80 -21.87
N ILE D 190 13.53 39.78 -22.22
CA ILE D 190 13.97 40.81 -21.26
C ILE D 190 13.03 42.00 -21.26
N VAL D 191 12.58 42.40 -20.07
CA VAL D 191 11.75 43.60 -19.85
C VAL D 191 12.64 44.63 -19.15
N PRO D 192 12.74 45.86 -19.71
CA PRO D 192 13.60 46.88 -19.12
C PRO D 192 13.07 47.31 -17.75
N MET D 193 13.98 47.70 -16.87
CA MET D 193 13.58 48.20 -15.55
C MET D 193 14.41 49.44 -15.25
N THR D 194 13.71 50.48 -14.82
CA THR D 194 14.32 51.76 -14.39
C THR D 194 14.80 51.60 -12.97
N THR D 195 16.02 52.03 -12.69
CA THR D 195 16.66 51.89 -11.37
C THR D 195 17.25 53.23 -10.89
N ARG D 196 17.52 53.28 -9.59
CA ARG D 196 18.58 54.13 -9.00
C ARG D 196 19.73 53.18 -8.63
N TYR D 197 20.97 53.54 -8.92
CA TYR D 197 22.13 52.68 -8.58
C TYR D 197 23.31 53.50 -8.07
N ALA D 198 24.17 52.85 -7.28
CA ALA D 198 25.27 53.53 -6.56
C ALA D 198 26.54 53.38 -7.39
N VAL D 199 27.31 54.46 -7.47
CA VAL D 199 28.68 54.45 -8.06
C VAL D 199 29.61 55.13 -7.05
N GLU D 200 30.86 54.72 -7.06
CA GLU D 200 31.98 55.41 -6.42
C GLU D 200 33.06 55.40 -7.49
N ASP D 201 33.63 56.57 -7.79
CA ASP D 201 34.94 56.62 -8.50
C ASP D 201 36.01 56.12 -7.51
N LYS D 202 36.88 55.20 -7.91
CA LYS D 202 37.95 54.69 -7.00
C LYS D 202 39.01 55.80 -6.87
N ALA D 203 39.26 56.56 -7.95
CA ALA D 203 40.34 57.56 -8.08
C ALA D 203 39.99 58.85 -7.32
N SER D 204 38.73 59.35 -7.45
CA SER D 204 38.24 60.63 -6.87
C SER D 204 37.67 60.42 -5.46
N GLY D 205 37.16 59.23 -5.16
CA GLY D 205 36.32 58.94 -3.98
C GLY D 205 34.87 59.45 -4.12
N GLU D 206 34.44 59.87 -5.32
CA GLU D 206 33.08 60.44 -5.50
C GLU D 206 32.07 59.28 -5.53
N LYS D 207 31.22 59.21 -4.50
CA LYS D 207 29.96 58.41 -4.46
C LYS D 207 28.83 59.25 -5.08
N GLN D 208 27.93 58.56 -5.72
CA GLN D 208 26.69 59.15 -6.25
C GLN D 208 25.67 58.00 -6.32
N VAL D 209 24.41 58.36 -6.24
CA VAL D 209 23.29 57.54 -6.76
C VAL D 209 22.88 58.16 -8.09
N LEU D 210 22.85 57.35 -9.15
CA LEU D 210 22.53 57.77 -10.53
C LEU D 210 21.20 57.13 -10.98
N ASP D 211 20.57 57.72 -12.00
CA ASP D 211 19.40 57.11 -12.68
C ASP D 211 19.93 56.13 -13.73
N GLY D 212 19.35 54.94 -13.84
CA GLY D 212 19.76 53.93 -14.84
C GLY D 212 18.59 53.13 -15.37
N VAL D 213 18.85 52.31 -16.38
CA VAL D 213 17.88 51.31 -16.90
C VAL D 213 18.67 50.02 -17.05
N VAL D 214 18.17 48.89 -16.56
CA VAL D 214 18.72 47.57 -16.94
C VAL D 214 17.85 47.12 -18.12
N ASP D 215 18.45 46.94 -19.30
CA ASP D 215 17.64 46.57 -20.50
C ASP D 215 18.34 45.49 -21.30
N ARG D 216 19.39 44.86 -20.78
CA ARG D 216 20.15 43.80 -21.47
C ARG D 216 20.96 43.10 -20.39
N ASP D 217 21.58 41.98 -20.73
CA ASP D 217 22.55 41.29 -19.87
C ASP D 217 23.92 41.96 -20.09
N ASP D 218 24.57 42.46 -19.05
CA ASP D 218 25.78 43.33 -19.19
C ASP D 218 27.04 42.57 -18.80
N CYS D 219 26.99 41.33 -18.29
CA CYS D 219 28.16 40.65 -17.71
C CYS D 219 28.95 39.93 -18.78
N ASN D 220 28.45 39.74 -19.98
CA ASN D 220 29.17 38.85 -20.95
C ASN D 220 30.29 39.62 -21.64
N ARG D 221 31.24 38.92 -22.23
CA ARG D 221 32.44 39.53 -22.88
C ARG D 221 32.59 38.91 -24.25
N PRO D 222 31.98 39.48 -25.31
CA PRO D 222 32.03 38.90 -26.65
C PRO D 222 33.45 38.73 -27.21
N ASP D 223 34.42 39.50 -26.69
CA ASP D 223 35.82 39.50 -27.20
C ASP D 223 36.65 38.42 -26.51
N THR D 224 36.06 37.61 -25.61
CA THR D 224 36.82 36.61 -24.84
C THR D 224 37.59 35.74 -25.84
N THR D 225 38.78 35.31 -25.48
CA THR D 225 39.58 34.43 -26.38
C THR D 225 40.05 33.23 -25.56
N LEU D 226 40.46 32.14 -26.20
CA LEU D 226 41.00 30.99 -25.46
C LEU D 226 42.27 31.42 -24.73
N GLU D 227 43.20 32.10 -25.40
CA GLU D 227 44.46 32.55 -24.74
C GLU D 227 44.16 33.43 -23.52
N GLY D 228 43.16 34.31 -23.60
CA GLY D 228 42.71 35.10 -22.44
C GLY D 228 42.28 34.20 -21.29
N LEU D 229 41.37 33.25 -21.56
CA LEU D 229 40.88 32.37 -20.47
C LEU D 229 42.05 31.57 -19.89
N ALA D 230 42.96 31.09 -20.73
CA ALA D 230 44.11 30.26 -20.32
C ALA D 230 45.10 31.06 -19.47
N SER D 231 45.03 32.39 -19.48
CA SER D 231 45.97 33.25 -18.71
C SER D 231 45.42 33.53 -17.30
N LEU D 232 44.13 33.25 -17.03
CA LEU D 232 43.48 33.68 -15.77
C LEU D 232 44.02 32.87 -14.59
N LYS D 233 44.01 33.47 -13.41
CA LYS D 233 44.48 32.77 -12.19
C LYS D 233 43.33 31.90 -11.68
N PRO D 234 43.68 30.75 -11.08
CA PRO D 234 42.70 29.86 -10.43
C PRO D 234 41.96 30.58 -9.30
N ALA D 235 40.65 30.39 -9.16
CA ALA D 235 39.80 31.17 -8.24
C ALA D 235 39.66 30.43 -6.89
N PHE D 236 39.80 29.10 -6.85
CA PHE D 236 39.37 28.32 -5.66
C PHE D 236 40.45 27.41 -5.11
N ALA D 237 41.57 27.24 -5.81
CA ALA D 237 42.69 26.38 -5.37
C ALA D 237 43.96 26.92 -5.97
N GLU D 238 45.08 26.93 -5.22
CA GLU D 238 46.39 27.49 -5.67
C GLU D 238 46.82 26.80 -6.98
N ASP D 239 46.64 25.49 -7.09
CA ASP D 239 47.06 24.73 -8.30
C ASP D 239 45.84 24.43 -9.16
N GLY D 240 44.85 25.33 -9.19
CA GLY D 240 43.47 24.98 -9.60
C GLY D 240 43.27 25.09 -11.10
N SER D 241 42.10 24.69 -11.57
CA SER D 241 41.69 24.81 -13.00
C SER D 241 40.48 25.73 -13.13
N VAL D 242 39.73 25.91 -12.04
CA VAL D 242 38.49 26.71 -12.08
C VAL D 242 38.92 28.17 -11.87
N THR D 243 38.38 29.06 -12.69
CA THR D 243 38.72 30.50 -12.73
C THR D 243 37.44 31.32 -12.83
N ALA D 244 37.56 32.63 -12.72
CA ALA D 244 36.40 33.53 -12.85
C ALA D 244 35.87 33.44 -14.29
N GLY D 245 36.75 33.08 -15.23
CA GLY D 245 36.39 33.03 -16.67
C GLY D 245 35.66 31.75 -17.05
N ASN D 246 35.84 30.66 -16.31
CA ASN D 246 35.14 29.38 -16.65
C ASN D 246 34.11 29.01 -15.57
N ALA D 247 33.71 29.99 -14.77
CA ALA D 247 32.71 29.88 -13.69
C ALA D 247 31.62 30.92 -13.96
N SER D 248 30.43 30.64 -13.46
CA SER D 248 29.31 31.59 -13.59
C SER D 248 29.71 32.91 -12.88
N GLN D 249 29.15 34.01 -13.32
CA GLN D 249 29.42 35.31 -12.68
C GLN D 249 28.36 35.56 -11.62
N LEU D 250 28.62 36.55 -10.77
CA LEU D 250 27.67 37.04 -9.77
C LEU D 250 26.86 38.13 -10.48
N SER D 251 25.58 37.86 -10.73
CA SER D 251 24.67 38.90 -11.27
C SER D 251 23.34 38.88 -10.50
N ASP D 252 22.60 39.97 -10.64
CA ASP D 252 21.31 40.20 -9.95
C ASP D 252 20.18 40.13 -10.98
N GLY D 253 19.04 39.54 -10.63
CA GLY D 253 17.92 39.55 -11.59
C GLY D 253 16.74 38.74 -11.13
N ALA D 254 15.64 38.81 -11.87
CA ALA D 254 14.35 38.14 -11.54
C ALA D 254 13.76 37.63 -12.84
N SER D 255 13.06 36.49 -12.76
CA SER D 255 12.30 35.90 -13.89
C SER D 255 10.98 35.40 -13.35
N MET D 256 9.88 35.64 -14.07
CA MET D 256 8.57 35.12 -13.65
C MET D 256 7.83 34.57 -14.86
N THR D 257 7.09 33.51 -14.59
CA THR D 257 6.49 32.64 -15.63
C THR D 257 4.97 32.61 -15.38
N LEU D 258 4.18 32.82 -16.44
CA LEU D 258 2.70 32.70 -16.44
C LEU D 258 2.34 31.30 -16.89
N LEU D 259 1.73 30.53 -15.98
CA LEU D 259 1.26 29.15 -16.28
C LEU D 259 -0.27 29.13 -16.17
N MET D 260 -0.91 28.33 -17.00
CA MET D 260 -2.36 28.08 -16.80
C MET D 260 -2.73 26.75 -17.45
N SER D 261 -3.87 26.18 -17.09
CA SER D 261 -4.37 24.99 -17.81
C SER D 261 -4.50 25.38 -19.30
N LEU D 262 -4.32 24.42 -20.19
CA LEU D 262 -4.62 24.57 -21.63
C LEU D 262 -6.06 25.09 -21.77
N GLU D 263 -6.99 24.50 -21.02
CA GLU D 263 -8.43 24.89 -21.05
C GLU D 263 -8.57 26.41 -20.81
N LYS D 264 -7.90 26.95 -19.79
CA LYS D 264 -8.05 28.39 -19.48
C LYS D 264 -7.39 29.26 -20.58
N ALA D 265 -6.20 28.88 -21.08
CA ALA D 265 -5.46 29.62 -22.13
C ALA D 265 -6.41 29.84 -23.32
N LEU D 266 -7.05 28.77 -23.78
CA LEU D 266 -8.14 28.77 -24.79
C LEU D 266 -9.22 29.77 -24.44
N ALA D 267 -9.81 29.67 -23.25
CA ALA D 267 -10.95 30.52 -22.90
C ALA D 267 -10.53 31.99 -22.94
N LEU D 268 -9.27 32.30 -22.66
CA LEU D 268 -8.81 33.71 -22.59
C LEU D 268 -8.28 34.15 -23.97
N GLY D 269 -8.15 33.24 -24.93
CA GLY D 269 -7.59 33.59 -26.25
C GLY D 269 -6.10 33.86 -26.17
N LEU D 270 -5.39 33.23 -25.23
CA LEU D 270 -3.91 33.36 -25.08
C LEU D 270 -3.25 32.18 -25.77
N GLU D 271 -2.12 32.41 -26.41
CA GLU D 271 -1.37 31.41 -27.18
C GLU D 271 -0.46 30.66 -26.20
N PRO D 272 -0.65 29.33 -26.03
CA PRO D 272 0.30 28.51 -25.29
C PRO D 272 1.63 28.40 -26.07
N LYS D 273 2.75 28.52 -25.36
CA LYS D 273 4.11 28.36 -25.92
C LYS D 273 4.60 26.93 -25.73
N ALA D 274 4.37 26.34 -24.57
CA ALA D 274 4.86 24.99 -24.23
C ALA D 274 4.00 24.34 -23.15
N PHE D 275 4.07 23.02 -23.11
CA PHE D 275 3.53 22.19 -22.02
C PHE D 275 4.64 21.94 -20.98
N PHE D 276 4.28 22.04 -19.71
CA PHE D 276 5.06 21.41 -18.62
C PHE D 276 4.84 19.92 -18.68
N ARG D 277 5.89 19.12 -18.76
CA ARG D 277 5.76 17.64 -18.90
C ARG D 277 6.46 16.88 -17.78
N GLY D 278 6.92 17.56 -16.73
CA GLY D 278 7.36 16.83 -15.54
C GLY D 278 8.65 17.41 -14.99
N PHE D 279 8.93 17.02 -13.76
CA PHE D 279 10.07 17.52 -12.95
C PHE D 279 10.59 16.41 -12.05
N THR D 280 11.92 16.27 -11.92
CA THR D 280 12.57 15.34 -10.97
C THR D 280 13.70 16.06 -10.23
N VAL D 281 14.02 15.54 -9.06
CA VAL D 281 15.23 15.91 -8.27
C VAL D 281 15.90 14.63 -7.84
N ALA D 282 17.19 14.69 -7.58
CA ALA D 282 18.00 13.55 -7.09
C ALA D 282 19.04 14.15 -6.15
N GLY D 283 19.55 13.30 -5.25
CA GLY D 283 20.58 13.68 -4.29
C GLY D 283 21.91 13.18 -4.79
N CYS D 284 23.00 13.83 -4.38
CA CYS D 284 24.33 13.33 -4.63
C CYS D 284 25.24 13.85 -3.54
N GLU D 285 26.51 13.48 -3.59
CA GLU D 285 27.50 13.93 -2.60
C GLU D 285 27.61 15.45 -2.71
N PRO D 286 27.46 16.20 -1.59
CA PRO D 286 27.58 17.66 -1.64
C PRO D 286 28.93 18.14 -2.21
N ASP D 287 30.01 17.38 -1.96
CA ASP D 287 31.36 17.82 -2.34
C ASP D 287 31.46 17.78 -3.86
N GLU D 288 30.53 17.08 -4.54
CA GLU D 288 30.54 17.04 -6.02
C GLU D 288 29.15 17.42 -6.54
N MET D 289 28.55 18.44 -5.95
CA MET D 289 27.15 18.82 -6.24
C MET D 289 26.98 19.11 -7.73
N GLY D 290 28.02 19.60 -8.43
CA GLY D 290 27.97 19.89 -9.87
C GLY D 290 27.47 18.73 -10.73
N ILE D 291 27.62 17.49 -10.27
CA ILE D 291 27.21 16.34 -11.12
C ILE D 291 25.73 16.01 -10.93
N GLY D 292 25.04 16.69 -10.02
CA GLY D 292 23.59 16.47 -9.78
C GLY D 292 22.77 16.02 -11.00
N PRO D 293 22.74 16.78 -12.12
CA PRO D 293 21.93 16.42 -13.28
C PRO D 293 22.12 14.99 -13.84
N VAL D 294 23.30 14.36 -13.61
CA VAL D 294 23.54 12.99 -14.13
C VAL D 294 22.64 11.99 -13.36
N PHE D 295 22.07 12.36 -12.22
CA PHE D 295 21.13 11.50 -11.43
C PHE D 295 19.68 11.93 -11.68
N SER D 296 19.42 13.22 -11.86
CA SER D 296 18.00 13.70 -12.01
C SER D 296 17.52 13.52 -13.44
N VAL D 297 18.40 13.67 -14.43
CA VAL D 297 17.95 13.64 -15.84
C VAL D 297 17.42 12.23 -16.18
N PRO D 298 18.15 11.13 -15.86
CA PRO D 298 17.70 9.78 -16.25
C PRO D 298 16.35 9.48 -15.57
N LYS D 299 16.16 9.90 -14.31
CA LYS D 299 14.85 9.72 -13.62
C LYS D 299 13.75 10.42 -14.40
N LEU D 300 13.98 11.63 -14.92
CA LEU D 300 12.94 12.39 -15.65
C LEU D 300 12.60 11.70 -16.98
N LEU D 301 13.63 11.29 -17.72
CA LEU D 301 13.42 10.70 -19.07
C LEU D 301 12.68 9.34 -18.93
N LYS D 302 13.03 8.55 -17.92
CA LYS D 302 12.42 7.23 -17.63
C LYS D 302 10.95 7.45 -17.23
N ALA D 303 10.68 8.33 -16.26
CA ALA D 303 9.30 8.70 -15.85
C ALA D 303 8.50 9.12 -17.06
N LYS D 304 9.11 9.72 -18.08
CA LYS D 304 8.31 10.28 -19.20
C LYS D 304 8.44 9.44 -20.49
N GLY D 305 9.19 8.33 -20.48
CA GLY D 305 9.33 7.45 -21.67
C GLY D 305 10.08 8.10 -22.81
N LEU D 306 11.17 8.84 -22.52
CA LEU D 306 12.04 9.45 -23.57
C LEU D 306 13.43 8.91 -23.36
N LYS D 307 14.27 9.01 -24.39
CA LYS D 307 15.72 8.76 -24.28
C LYS D 307 16.41 10.11 -24.51
N ILE D 308 17.70 10.18 -24.20
CA ILE D 308 18.58 11.38 -24.44
C ILE D 308 18.30 11.91 -25.85
N ALA D 309 18.32 11.04 -26.86
CA ALA D 309 18.20 11.39 -28.29
C ALA D 309 16.89 12.11 -28.59
N ASP D 310 15.83 11.90 -27.81
CA ASP D 310 14.51 12.52 -28.06
C ASP D 310 14.51 14.00 -27.69
N VAL D 311 15.46 14.44 -26.88
CA VAL D 311 15.46 15.87 -26.42
C VAL D 311 16.13 16.72 -27.50
N ASP D 312 15.44 17.73 -27.98
CA ASP D 312 15.93 18.60 -29.07
C ASP D 312 16.87 19.70 -28.52
N LEU D 313 16.59 20.27 -27.32
CA LEU D 313 17.43 21.34 -26.69
C LEU D 313 17.61 21.11 -25.18
N TRP D 314 18.80 21.42 -24.69
CA TRP D 314 19.12 21.33 -23.23
C TRP D 314 19.54 22.72 -22.73
N GLU D 315 18.94 23.17 -21.64
CA GLU D 315 19.51 24.29 -20.85
C GLU D 315 20.02 23.62 -19.58
N LEU D 316 21.32 23.31 -19.49
CA LEU D 316 21.92 22.76 -18.28
C LEU D 316 22.78 23.90 -17.70
N ASN D 317 22.41 24.39 -16.52
CA ASN D 317 23.02 25.63 -15.99
C ASN D 317 24.56 25.52 -16.00
N GLU D 318 25.19 26.56 -16.52
CA GLU D 318 26.67 26.65 -16.54
C GLU D 318 27.13 27.19 -15.21
N ALA D 319 26.92 26.49 -14.11
CA ALA D 319 27.44 26.93 -12.78
C ALA D 319 28.98 26.99 -12.85
N PHE D 320 29.63 25.96 -13.39
CA PHE D 320 31.10 25.89 -13.59
C PHE D 320 31.33 25.07 -14.84
N ALA D 321 32.25 25.46 -15.71
CA ALA D 321 32.56 24.66 -16.90
C ALA D 321 32.87 23.22 -16.47
N SER D 322 33.56 23.03 -15.35
CA SER D 322 33.98 21.69 -14.89
C SER D 322 32.74 20.78 -14.78
N GLN D 323 31.69 21.20 -14.08
CA GLN D 323 30.51 20.31 -13.91
C GLN D 323 29.65 20.31 -15.17
N CYS D 324 29.55 21.45 -15.84
CA CYS D 324 28.70 21.58 -17.03
C CYS D 324 29.20 20.61 -18.11
N LEU D 325 30.51 20.46 -18.22
CA LEU D 325 31.13 19.52 -19.20
C LEU D 325 30.94 18.06 -18.72
N TYR D 326 31.19 17.78 -17.46
CA TYR D 326 31.02 16.42 -16.88
C TYR D 326 29.60 15.95 -17.18
N CYS D 327 28.59 16.81 -16.96
CA CYS D 327 27.18 16.43 -17.15
C CYS D 327 26.95 16.15 -18.65
N ARG D 328 27.41 17.02 -19.53
CA ARG D 328 27.19 16.89 -20.99
C ARG D 328 27.72 15.53 -21.47
N ASP D 329 28.92 15.20 -21.04
CA ASP D 329 29.68 14.04 -21.59
C ASP D 329 29.22 12.76 -20.90
N ARG D 330 28.92 12.80 -19.60
CA ARG D 330 28.41 11.62 -18.85
C ARG D 330 27.04 11.22 -19.43
N LEU D 331 26.20 12.18 -19.79
CA LEU D 331 24.83 11.93 -20.30
C LEU D 331 24.91 11.73 -21.81
N GLU D 332 26.09 11.93 -22.41
CA GLU D 332 26.33 11.75 -23.86
C GLU D 332 25.35 12.59 -24.68
N ILE D 333 25.30 13.89 -24.41
CA ILE D 333 24.41 14.88 -25.07
C ILE D 333 25.22 15.54 -26.19
N ASP D 334 24.56 15.80 -27.31
CA ASP D 334 25.13 16.47 -28.49
C ASP D 334 25.41 17.93 -28.15
N ASN D 335 26.67 18.34 -28.16
CA ASN D 335 27.10 19.76 -27.93
C ASN D 335 26.30 20.73 -28.82
N GLU D 336 25.86 20.31 -30.01
CA GLU D 336 25.07 21.19 -30.93
C GLU D 336 23.67 21.45 -30.38
N LYS D 337 23.24 20.71 -29.37
CA LYS D 337 21.87 20.83 -28.81
C LYS D 337 21.91 21.31 -27.35
N TYR D 338 23.08 21.76 -26.88
CA TYR D 338 23.42 21.95 -25.46
C TYR D 338 23.73 23.42 -25.20
N ASN D 339 22.91 24.12 -24.43
CA ASN D 339 23.12 25.56 -24.14
C ASN D 339 23.51 26.27 -25.44
N VAL D 340 22.56 26.30 -26.38
CA VAL D 340 22.84 26.68 -27.79
C VAL D 340 23.08 28.18 -27.89
N ASN D 341 22.65 28.97 -26.89
CA ASN D 341 22.88 30.43 -26.84
C ASN D 341 23.77 30.75 -25.63
N GLY D 342 24.57 29.79 -25.16
CA GLY D 342 25.42 29.96 -23.98
C GLY D 342 24.57 30.13 -22.71
N GLY D 343 25.09 30.75 -21.66
CA GLY D 343 24.45 30.69 -20.33
C GLY D 343 25.23 31.43 -19.26
N SER D 344 25.12 30.95 -18.02
CA SER D 344 25.52 31.65 -16.76
C SER D 344 27.03 31.96 -16.73
N ILE D 345 27.89 31.24 -17.47
CA ILE D 345 29.33 31.63 -17.57
C ILE D 345 29.37 33.04 -18.19
N ALA D 346 28.54 33.31 -19.19
CA ALA D 346 28.53 34.61 -19.88
C ALA D 346 27.74 35.63 -19.06
N ILE D 347 26.56 35.31 -18.52
CA ILE D 347 25.61 36.34 -18.02
C ILE D 347 25.41 36.27 -16.51
N GLY D 348 25.90 35.23 -15.84
CA GLY D 348 25.84 35.12 -14.38
C GLY D 348 24.65 34.28 -13.89
N HIS D 349 24.71 33.90 -12.62
CA HIS D 349 23.78 32.92 -11.99
C HIS D 349 23.20 33.50 -10.71
N PRO D 350 22.15 34.35 -10.82
CA PRO D 350 21.43 34.81 -9.65
C PRO D 350 20.55 33.61 -9.23
N PHE D 351 20.96 32.90 -8.19
CA PHE D 351 20.56 31.49 -7.87
C PHE D 351 19.06 31.26 -8.15
N GLY D 352 18.21 32.03 -7.47
CA GLY D 352 16.76 31.86 -7.50
C GLY D 352 16.14 32.02 -8.86
N MET D 353 16.66 32.90 -9.71
CA MET D 353 15.94 33.27 -10.96
C MET D 353 16.35 32.31 -12.08
N THR D 354 17.54 31.73 -12.02
CA THR D 354 18.13 31.06 -13.20
C THR D 354 17.17 30.02 -13.81
N GLY D 355 16.59 29.15 -13.00
CA GLY D 355 15.72 28.08 -13.52
C GLY D 355 14.55 28.64 -14.30
N SER D 356 13.97 29.77 -13.88
CA SER D 356 12.84 30.39 -14.61
C SER D 356 13.38 31.09 -15.86
N ARG D 357 14.58 31.67 -15.80
CA ARG D 357 15.22 32.21 -17.01
C ARG D 357 15.39 31.09 -18.03
N GLN D 358 15.94 29.96 -17.61
CA GLN D 358 16.23 28.82 -18.51
C GLN D 358 14.93 28.33 -19.16
N VAL D 359 13.88 28.22 -18.38
CA VAL D 359 12.57 27.76 -18.93
C VAL D 359 12.09 28.76 -19.97
N GLY D 360 12.04 30.07 -19.63
CA GLY D 360 11.56 31.11 -20.57
C GLY D 360 12.32 31.07 -21.90
N HIS D 361 13.62 30.87 -21.82
CA HIS D 361 14.54 30.92 -22.98
C HIS D 361 14.37 29.61 -23.76
N LEU D 362 14.31 28.48 -23.05
CA LEU D 362 14.20 27.14 -23.70
C LEU D 362 12.94 27.13 -24.58
N VAL D 363 11.81 27.60 -24.07
CA VAL D 363 10.52 27.52 -24.80
C VAL D 363 10.58 28.43 -26.03
N ARG D 364 11.18 29.61 -25.93
CA ARG D 364 11.30 30.53 -27.08
C ARG D 364 12.22 29.90 -28.14
N GLU D 365 13.29 29.22 -27.71
CA GLU D 365 14.25 28.60 -28.66
C GLU D 365 13.63 27.35 -29.34
N LEU D 366 12.90 26.50 -28.60
CA LEU D 366 12.17 25.35 -29.20
C LEU D 366 11.27 25.88 -30.32
N HIS D 367 10.52 26.94 -30.03
CA HIS D 367 9.57 27.58 -30.98
C HIS D 367 10.38 28.14 -32.16
N ARG D 368 11.38 28.97 -31.90
CA ARG D 368 12.18 29.58 -32.99
C ARG D 368 12.73 28.48 -33.91
N ARG D 369 13.16 27.32 -33.41
CA ARG D 369 13.78 26.23 -34.23
C ARG D 369 12.76 25.17 -34.68
N ASN D 370 11.47 25.43 -34.47
CA ASN D 370 10.38 24.44 -34.69
C ASN D 370 10.76 23.07 -34.11
N LEU D 371 11.16 22.98 -32.84
CA LEU D 371 11.50 21.69 -32.19
C LEU D 371 10.44 21.34 -31.13
N ARG D 372 10.59 20.20 -30.48
CA ARG D 372 9.53 19.59 -29.64
C ARG D 372 9.95 19.59 -28.16
N TYR D 373 10.88 18.72 -27.79
CA TYR D 373 11.22 18.49 -26.37
C TYR D 373 12.50 19.26 -25.97
N GLY D 374 12.42 19.93 -24.82
CA GLY D 374 13.61 20.49 -24.14
C GLY D 374 13.63 20.16 -22.66
N VAL D 375 14.84 20.12 -22.10
CA VAL D 375 15.06 19.86 -20.66
C VAL D 375 15.76 21.10 -20.08
N VAL D 376 15.25 21.63 -18.97
CA VAL D 376 16.02 22.58 -18.11
C VAL D 376 16.56 21.73 -16.97
N THR D 377 17.87 21.72 -16.73
CA THR D 377 18.43 20.99 -15.58
C THR D 377 19.62 21.75 -14.99
N MET D 378 19.93 21.51 -13.73
CA MET D 378 20.99 22.23 -13.01
C MET D 378 21.44 21.42 -11.82
N CYS D 379 22.72 21.55 -11.52
CA CYS D 379 23.27 21.17 -10.22
C CYS D 379 22.73 22.16 -9.19
N VAL D 380 22.75 21.74 -7.94
CA VAL D 380 22.22 22.53 -6.80
C VAL D 380 23.18 22.39 -5.64
N GLY D 381 23.59 23.52 -5.09
CA GLY D 381 24.45 23.54 -3.89
C GLY D 381 23.79 22.72 -2.78
N GLY D 382 24.57 21.86 -2.15
CA GLY D 382 24.04 20.90 -1.15
C GLY D 382 23.97 19.49 -1.71
N GLY D 383 24.20 19.33 -3.01
CA GLY D 383 24.31 18.01 -3.66
C GLY D 383 22.95 17.55 -4.18
N MET D 384 22.40 18.25 -5.16
CA MET D 384 21.20 17.76 -5.89
C MET D 384 21.32 18.11 -7.38
N GLY D 385 20.51 17.43 -8.16
CA GLY D 385 20.16 17.79 -9.54
C GLY D 385 18.65 17.93 -9.58
N ALA D 386 18.20 18.88 -10.39
CA ALA D 386 16.78 19.13 -10.71
C ALA D 386 16.69 19.12 -12.23
N SER D 387 15.60 18.58 -12.78
CA SER D 387 15.41 18.42 -14.23
C SER D 387 13.93 18.61 -14.52
N GLY D 388 13.62 19.40 -15.53
CA GLY D 388 12.25 19.68 -15.97
C GLY D 388 12.13 19.45 -17.46
N LEU D 389 11.01 18.85 -17.87
CA LEU D 389 10.77 18.53 -19.30
C LEU D 389 9.64 19.43 -19.79
N PHE D 390 9.83 20.04 -20.94
CA PHE D 390 8.90 21.00 -21.55
C PHE D 390 8.72 20.55 -22.99
N GLU D 391 7.53 20.79 -23.52
CA GLU D 391 7.19 20.38 -24.90
C GLU D 391 6.60 21.58 -25.61
N ALA D 392 7.26 22.04 -26.68
CA ALA D 392 6.77 23.19 -27.48
C ALA D 392 5.39 22.82 -28.06
N VAL D 393 4.44 23.76 -28.03
CA VAL D 393 3.12 23.59 -28.71
C VAL D 393 3.37 23.87 -30.20
N ARG D 394 3.47 22.84 -31.05
CA ARG D 394 3.80 23.01 -32.50
C ARG D 394 2.50 23.30 -33.25
N LEU D 395 1.91 24.49 -33.03
CA LEU D 395 0.63 24.98 -33.63
C LEU D 395 0.86 25.22 -35.14
N ARG E 2 31.35 -15.83 26.11
CA ARG E 2 30.47 -15.41 24.99
C ARG E 2 29.49 -14.36 25.51
N GLU E 3 29.78 -13.09 25.25
CA GLU E 3 29.09 -11.95 25.86
C GLU E 3 27.72 -11.80 25.19
N VAL E 4 26.71 -11.59 26.02
CA VAL E 4 25.31 -11.48 25.53
C VAL E 4 24.74 -10.16 25.99
N VAL E 5 24.05 -9.47 25.08
CA VAL E 5 23.58 -8.10 25.41
C VAL E 5 22.06 -8.02 25.25
N ILE E 6 21.46 -7.21 26.10
CA ILE E 6 20.11 -6.61 25.91
C ILE E 6 20.28 -5.49 24.88
N VAL E 7 19.65 -5.61 23.72
CA VAL E 7 19.63 -4.56 22.68
C VAL E 7 18.38 -3.69 22.87
N ASP E 8 17.22 -4.26 23.22
CA ASP E 8 15.97 -3.47 23.35
C ASP E 8 15.02 -4.26 24.25
N SER E 9 14.09 -3.56 24.86
CA SER E 9 13.03 -4.21 25.67
C SER E 9 11.84 -3.26 25.64
N VAL E 10 10.68 -3.75 25.23
CA VAL E 10 9.44 -2.93 25.17
C VAL E 10 8.28 -3.69 25.80
N ARG E 11 7.23 -2.95 26.08
CA ARG E 11 6.12 -3.50 26.87
C ARG E 11 4.85 -2.75 26.49
N THR E 12 3.73 -3.36 26.84
CA THR E 12 2.47 -2.61 26.90
C THR E 12 2.51 -1.71 28.11
N GLY E 13 1.66 -0.70 28.11
CA GLY E 13 1.19 -0.13 29.38
C GLY E 13 0.54 -1.21 30.23
N LEU E 14 0.49 -0.97 31.54
CA LEU E 14 -0.27 -1.83 32.49
C LEU E 14 -1.65 -1.23 32.71
N ALA E 15 -2.65 -1.94 32.25
CA ALA E 15 -4.07 -1.55 32.39
C ALA E 15 -4.70 -2.35 33.55
N LYS E 16 -5.51 -1.66 34.34
CA LYS E 16 -6.31 -2.27 35.44
C LYS E 16 -7.05 -3.50 34.92
N SER E 17 -6.87 -4.64 35.58
CA SER E 17 -7.58 -5.88 35.21
C SER E 17 -9.10 -5.70 35.42
N PHE E 18 -9.88 -6.41 34.62
CA PHE E 18 -11.35 -6.54 34.68
C PHE E 18 -12.02 -5.26 34.15
N ARG E 19 -11.62 -4.09 34.63
CA ARG E 19 -12.35 -2.86 34.22
C ARG E 19 -11.54 -2.02 33.23
N GLY E 20 -10.25 -2.29 33.05
CA GLY E 20 -9.35 -1.46 32.21
C GLY E 20 -9.42 -1.84 30.73
N LYS E 21 -8.59 -1.16 29.93
CA LYS E 21 -8.73 -1.15 28.47
C LYS E 21 -8.07 -2.38 27.85
N PHE E 22 -7.52 -3.30 28.64
CA PHE E 22 -7.10 -4.63 28.13
C PHE E 22 -8.11 -5.71 28.51
N ASN E 23 -9.31 -5.38 28.98
CA ASN E 23 -10.20 -6.42 29.55
C ASN E 23 -10.79 -7.36 28.48
N LEU E 24 -10.62 -7.10 27.19
CA LEU E 24 -11.00 -8.06 26.12
C LEU E 24 -9.76 -8.46 25.30
N THR E 25 -8.56 -8.04 25.68
CA THR E 25 -7.38 -8.23 24.81
C THR E 25 -6.67 -9.53 25.20
N ARG E 26 -6.37 -10.38 24.21
CA ARG E 26 -5.71 -11.68 24.43
C ARG E 26 -4.24 -11.47 24.78
N PRO E 27 -3.68 -12.29 25.71
CA PRO E 27 -2.27 -12.15 26.10
C PRO E 27 -1.33 -12.54 24.95
N ASP E 28 -1.69 -13.50 24.12
CA ASP E 28 -0.81 -13.83 22.96
C ASP E 28 -0.67 -12.61 22.05
N ASP E 29 -1.76 -11.92 21.76
CA ASP E 29 -1.79 -10.70 20.92
C ASP E 29 -0.96 -9.60 21.59
N MET E 30 -1.07 -9.42 22.91
CA MET E 30 -0.27 -8.39 23.62
C MET E 30 1.23 -8.72 23.50
N ALA E 31 1.66 -9.96 23.67
CA ALA E 31 3.10 -10.30 23.58
C ALA E 31 3.57 -10.16 22.13
N ALA E 32 2.73 -10.58 21.18
CA ALA E 32 3.06 -10.47 19.74
C ALA E 32 3.25 -8.99 19.37
N HIS E 33 2.42 -8.11 19.92
CA HIS E 33 2.52 -6.64 19.75
C HIS E 33 3.92 -6.17 20.18
N CYS E 34 4.42 -6.67 21.32
CA CYS E 34 5.76 -6.30 21.83
C CYS E 34 6.82 -6.85 20.85
N VAL E 35 6.69 -8.08 20.38
CA VAL E 35 7.68 -8.66 19.41
C VAL E 35 7.71 -7.79 18.15
N ASP E 36 6.54 -7.41 17.62
CA ASP E 36 6.48 -6.60 16.38
C ASP E 36 7.18 -5.27 16.59
N ALA E 37 7.04 -4.67 17.77
CA ALA E 37 7.71 -3.39 18.09
C ALA E 37 9.22 -3.61 18.10
N LEU E 38 9.68 -4.70 18.70
CA LEU E 38 11.14 -5.03 18.68
C LEU E 38 11.63 -5.14 17.24
N LEU E 39 10.87 -5.76 16.36
CA LEU E 39 11.33 -5.90 14.96
C LEU E 39 11.37 -4.51 14.30
N ALA E 40 10.34 -3.69 14.47
CA ALA E 40 10.22 -2.34 13.85
C ALA E 40 11.31 -1.41 14.39
N ARG E 41 11.56 -1.41 15.71
CA ARG E 41 12.51 -0.48 16.35
C ARG E 41 13.96 -0.83 16.03
N ASN E 42 14.27 -2.06 15.65
CA ASN E 42 15.67 -2.53 15.51
C ASN E 42 15.95 -2.88 14.05
N ASP E 43 15.02 -2.59 13.15
CA ASP E 43 15.14 -2.84 11.70
C ASP E 43 15.54 -4.32 11.49
N LEU E 44 14.90 -5.23 12.23
CA LEU E 44 15.42 -6.60 12.43
C LEU E 44 14.73 -7.54 11.45
N ASP E 45 15.52 -8.20 10.63
CA ASP E 45 15.00 -9.28 9.77
C ASP E 45 14.40 -10.37 10.68
N PRO E 46 13.09 -10.69 10.62
CA PRO E 46 12.53 -11.72 11.53
C PRO E 46 13.23 -13.08 11.39
N LEU E 47 13.81 -13.38 10.23
CA LEU E 47 14.47 -14.69 9.98
C LEU E 47 15.75 -14.80 10.79
N LEU E 48 16.26 -13.70 11.36
CA LEU E 48 17.48 -13.82 12.22
C LEU E 48 17.10 -14.25 13.63
N VAL E 49 15.82 -14.23 13.97
CA VAL E 49 15.38 -14.52 15.36
C VAL E 49 15.34 -16.06 15.52
N ASP E 50 16.08 -16.58 16.51
CA ASP E 50 16.30 -18.04 16.74
C ASP E 50 15.17 -18.64 17.61
N ASP E 51 14.53 -17.85 18.46
CA ASP E 51 13.60 -18.41 19.47
C ASP E 51 12.77 -17.27 20.05
N CYS E 52 11.62 -17.64 20.59
CA CYS E 52 10.67 -16.74 21.24
C CYS E 52 10.23 -17.39 22.54
N ILE E 53 10.62 -16.86 23.68
CA ILE E 53 10.42 -17.47 25.02
C ILE E 53 9.46 -16.59 25.80
N VAL E 54 8.33 -17.16 26.17
CA VAL E 54 7.32 -16.39 26.91
C VAL E 54 7.04 -17.03 28.26
N GLY E 55 7.27 -16.26 29.31
CA GLY E 55 6.89 -16.58 30.69
C GLY E 55 5.45 -16.16 30.98
N ALA E 56 4.76 -16.96 31.77
CA ALA E 56 3.37 -16.70 32.19
C ALA E 56 3.07 -17.54 33.42
N GLY E 57 2.38 -16.94 34.40
CA GLY E 57 1.89 -17.66 35.60
C GLY E 57 0.85 -18.70 35.24
N SER E 58 -0.29 -18.28 34.68
CA SER E 58 -1.26 -19.22 34.08
C SER E 58 -0.69 -19.74 32.75
N ASN E 59 -0.73 -21.06 32.55
CA ASN E 59 -0.33 -21.69 31.27
C ASN E 59 -1.52 -22.44 30.69
N GLU E 60 -2.73 -21.87 30.77
CA GLU E 60 -3.96 -22.58 30.34
C GLU E 60 -4.97 -21.56 29.82
N GLY E 61 -5.96 -22.06 29.11
CA GLY E 61 -7.03 -21.26 28.55
C GLY E 61 -6.45 -20.19 27.63
N ALA E 62 -6.67 -18.92 27.98
CA ALA E 62 -6.12 -17.76 27.25
C ALA E 62 -4.59 -17.83 27.19
N GLN E 63 -3.93 -18.56 28.09
CA GLN E 63 -2.46 -18.70 28.11
C GLN E 63 -2.05 -20.15 27.90
N GLY E 64 -2.91 -20.96 27.28
CA GLY E 64 -2.60 -22.37 26.96
C GLY E 64 -2.04 -22.55 25.56
N HIS E 65 -1.84 -23.80 25.19
CA HIS E 65 -1.50 -24.26 23.82
C HIS E 65 -0.08 -23.82 23.39
N ASN E 66 0.85 -23.67 24.34
CA ASN E 66 2.25 -23.15 24.15
C ASN E 66 2.21 -21.72 23.63
N ILE E 67 1.78 -20.79 24.49
CA ILE E 67 1.66 -19.34 24.15
C ILE E 67 2.96 -18.82 23.50
N GLY E 68 4.14 -19.27 23.93
CA GLY E 68 5.40 -18.73 23.36
C GLY E 68 5.49 -19.01 21.86
N ARG E 69 5.14 -20.23 21.42
CA ARG E 69 5.15 -20.58 19.97
C ARG E 69 4.09 -19.74 19.26
N ASN E 70 2.93 -19.60 19.85
CA ASN E 70 1.79 -18.92 19.19
C ASN E 70 2.08 -17.41 19.06
N VAL E 71 2.80 -16.82 20.02
CA VAL E 71 3.24 -15.41 19.97
C VAL E 71 4.15 -15.23 18.76
N ALA E 72 5.14 -16.09 18.61
CA ALA E 72 6.04 -16.06 17.44
C ALA E 72 5.22 -16.09 16.13
N VAL E 73 4.29 -17.04 15.99
CA VAL E 73 3.50 -17.24 14.72
C VAL E 73 2.61 -16.03 14.44
N LEU E 74 1.99 -15.48 15.47
CA LEU E 74 1.13 -14.27 15.39
C LEU E 74 1.95 -13.06 14.96
N SER E 75 3.10 -12.84 15.57
CA SER E 75 4.03 -11.74 15.24
C SER E 75 4.56 -11.86 13.80
N GLY E 76 5.36 -10.87 13.36
CA GLY E 76 6.09 -10.91 12.08
C GLY E 76 7.15 -12.01 12.05
N LEU E 77 7.49 -12.64 13.18
CA LEU E 77 8.36 -13.86 13.18
C LEU E 77 7.76 -14.96 12.30
N GLY E 78 6.47 -15.28 12.46
CA GLY E 78 5.82 -16.34 11.66
C GLY E 78 6.31 -17.74 12.02
N ILE E 79 5.95 -18.74 11.22
CA ILE E 79 6.12 -20.18 11.53
C ILE E 79 7.61 -20.51 11.60
N GLN E 80 8.49 -19.74 10.96
CA GLN E 80 9.91 -20.11 10.91
C GLN E 80 10.55 -20.00 12.30
N VAL E 81 9.97 -19.24 13.21
CA VAL E 81 10.63 -19.04 14.54
C VAL E 81 9.90 -19.88 15.59
N PRO E 82 10.62 -20.80 16.25
CA PRO E 82 10.07 -21.60 17.36
C PRO E 82 9.77 -20.71 18.59
N GLY E 83 8.96 -21.27 19.49
CA GLY E 83 8.63 -20.64 20.77
C GLY E 83 8.36 -21.66 21.84
N MET E 84 8.51 -21.21 23.08
CA MET E 84 8.26 -22.06 24.28
C MET E 84 7.64 -21.17 25.34
N THR E 85 7.01 -21.84 26.29
CA THR E 85 6.36 -21.25 27.46
C THR E 85 7.07 -21.73 28.70
N LEU E 86 7.11 -20.91 29.73
CA LEU E 86 7.61 -21.39 31.04
C LEU E 86 6.83 -20.72 32.16
N ASN E 87 6.94 -21.32 33.34
CA ASN E 87 6.31 -20.81 34.58
C ASN E 87 7.29 -20.99 35.73
N ARG E 88 7.81 -19.86 36.23
CA ARG E 88 8.35 -19.72 37.59
C ARG E 88 7.60 -18.52 38.19
N TYR E 89 6.26 -18.54 38.02
N TYR E 89 6.25 -18.53 38.06
CA TYR E 89 5.25 -17.52 38.43
CA TYR E 89 5.23 -17.50 38.40
C TYR E 89 5.79 -16.09 38.25
C TYR E 89 5.81 -16.07 38.24
N CYS E 90 5.96 -15.34 39.34
CA CYS E 90 6.39 -13.91 39.39
C CYS E 90 7.74 -13.67 38.70
N SER E 91 8.62 -14.66 38.59
CA SER E 91 9.98 -14.47 38.03
C SER E 91 10.00 -14.81 36.55
N SER E 92 8.88 -15.26 35.99
CA SER E 92 8.88 -15.92 34.67
C SER E 92 9.53 -15.02 33.60
N GLY E 93 9.21 -13.73 33.59
CA GLY E 93 9.71 -12.79 32.57
C GLY E 93 11.21 -12.66 32.65
N LEU E 94 11.75 -12.65 33.86
CA LEU E 94 13.22 -12.62 34.06
C LEU E 94 13.81 -13.99 33.68
N GLN E 95 13.16 -15.08 34.09
CA GLN E 95 13.62 -16.46 33.86
C GLN E 95 13.73 -16.68 32.35
N ALA E 96 12.77 -16.14 31.59
CA ALA E 96 12.82 -16.25 30.11
C ALA E 96 14.09 -15.59 29.55
N ILE E 97 14.41 -14.41 30.05
CA ILE E 97 15.58 -13.60 29.61
C ILE E 97 16.85 -14.38 29.94
N ALA E 98 16.95 -14.93 31.16
CA ALA E 98 18.11 -15.75 31.57
C ALA E 98 18.32 -16.94 30.62
N ILE E 99 17.24 -17.64 30.29
CA ILE E 99 17.33 -18.82 29.41
C ILE E 99 17.85 -18.34 28.05
N ALA E 100 17.28 -17.25 27.53
CA ALA E 100 17.70 -16.71 26.21
C ALA E 100 19.21 -16.38 26.26
N ALA E 101 19.66 -15.65 27.26
CA ALA E 101 21.07 -15.20 27.36
C ALA E 101 21.99 -16.42 27.44
N ASN E 102 21.64 -17.41 28.25
CA ASN E 102 22.47 -18.62 28.48
C ASN E 102 22.48 -19.46 27.20
N GLN E 103 21.38 -19.48 26.44
CA GLN E 103 21.29 -20.20 25.15
C GLN E 103 22.24 -19.53 24.15
N ILE E 104 22.19 -18.20 24.03
CA ILE E 104 23.06 -17.48 23.06
C ILE E 104 24.51 -17.68 23.50
N ALA E 105 24.76 -17.61 24.80
CA ALA E 105 26.12 -17.73 25.38
C ALA E 105 26.72 -19.08 24.99
N SER E 106 25.88 -20.09 24.80
CA SER E 106 26.34 -21.46 24.46
C SER E 106 26.90 -21.51 23.05
N GLY E 107 26.59 -20.52 22.20
CA GLY E 107 27.02 -20.53 20.79
C GLY E 107 25.99 -21.15 19.88
N CYS E 108 24.85 -21.64 20.37
CA CYS E 108 23.88 -22.36 19.49
C CYS E 108 22.73 -21.49 19.03
N SER E 109 22.71 -20.24 19.45
CA SER E 109 21.79 -19.19 18.96
C SER E 109 22.52 -17.85 18.95
N GLU E 110 22.02 -16.90 18.17
CA GLU E 110 22.55 -15.53 18.05
C GLU E 110 21.52 -14.49 18.55
N VAL E 111 20.24 -14.67 18.27
CA VAL E 111 19.20 -13.64 18.52
C VAL E 111 17.98 -14.31 19.14
N ILE E 112 17.51 -13.84 20.30
CA ILE E 112 16.25 -14.42 20.90
C ILE E 112 15.39 -13.28 21.42
N VAL E 113 14.09 -13.42 21.29
CA VAL E 113 13.13 -12.53 21.98
C VAL E 113 12.58 -13.29 23.20
N ALA E 114 12.58 -12.66 24.36
CA ALA E 114 12.18 -13.35 25.60
C ALA E 114 11.53 -12.33 26.51
N GLY E 115 10.51 -12.78 27.23
CA GLY E 115 9.87 -11.98 28.26
C GLY E 115 8.66 -12.73 28.75
N GLY E 116 7.60 -11.99 28.96
CA GLY E 116 6.41 -12.63 29.50
C GLY E 116 5.17 -11.81 29.31
N VAL E 117 4.09 -12.42 29.77
CA VAL E 117 2.76 -11.78 29.68
C VAL E 117 1.87 -12.32 30.81
N GLU E 118 0.90 -11.52 31.20
CA GLU E 118 -0.21 -11.99 32.04
C GLU E 118 -1.44 -11.15 31.70
N SER E 119 -2.48 -11.84 31.28
CA SER E 119 -3.85 -11.31 31.32
C SER E 119 -4.52 -11.85 32.60
N ILE E 120 -4.38 -11.09 33.67
CA ILE E 120 -5.06 -11.43 34.93
C ILE E 120 -6.57 -11.47 34.62
N THR E 121 -7.07 -10.53 33.81
CA THR E 121 -8.52 -10.44 33.46
C THR E 121 -8.99 -11.78 32.90
N LEU E 122 -8.24 -12.33 31.95
CA LEU E 122 -8.71 -13.54 31.25
C LEU E 122 -8.27 -14.83 31.94
N THR E 123 -7.34 -14.83 32.91
CA THR E 123 -6.80 -16.09 33.50
C THR E 123 -7.08 -16.21 35.00
N LEU E 124 -7.26 -15.12 35.74
CA LEU E 124 -7.25 -15.23 37.23
C LEU E 124 -8.31 -16.24 37.66
N LYS E 125 -9.54 -16.13 37.15
CA LYS E 125 -10.69 -16.95 37.56
C LYS E 125 -10.94 -18.08 36.57
N SER E 126 -9.96 -18.42 35.76
CA SER E 126 -10.10 -19.49 34.74
C SER E 126 -9.03 -20.54 35.06
N VAL E 127 -9.31 -21.40 36.04
CA VAL E 127 -8.32 -22.39 36.55
C VAL E 127 -8.91 -23.79 36.47
N ASN E 128 -8.22 -24.69 35.78
CA ASN E 128 -8.53 -26.14 35.77
C ASN E 128 -8.17 -26.68 37.17
N THR E 129 -9.20 -26.99 37.97
CA THR E 129 -9.05 -27.49 39.36
C THR E 129 -8.97 -29.02 39.35
N ASP E 130 -9.13 -29.69 38.22
CA ASP E 130 -9.03 -31.17 38.14
C ASP E 130 -7.69 -31.68 38.68
N HIS E 131 -7.69 -32.42 39.80
CA HIS E 131 -6.45 -32.98 40.42
C HIS E 131 -5.42 -31.86 40.69
N LEU E 132 -5.86 -30.64 40.91
CA LEU E 132 -4.93 -29.49 41.05
C LEU E 132 -4.13 -29.67 42.33
N VAL E 133 -4.78 -30.06 43.44
CA VAL E 133 -4.11 -30.11 44.76
C VAL E 133 -3.52 -31.49 44.96
N ASN E 134 -2.25 -31.60 45.31
CA ASN E 134 -1.61 -32.87 45.75
C ASN E 134 -1.89 -33.00 47.26
N PRO E 135 -2.75 -33.96 47.69
CA PRO E 135 -3.13 -34.03 49.11
C PRO E 135 -1.92 -34.25 50.02
N LEU E 136 -0.93 -35.03 49.57
CA LEU E 136 0.31 -35.24 50.36
C LEU E 136 1.01 -33.87 50.55
N LEU E 137 1.10 -33.06 49.49
CA LEU E 137 1.84 -31.77 49.57
C LEU E 137 1.10 -30.80 50.49
N GLN E 138 -0.21 -30.75 50.35
CA GLN E 138 -1.11 -29.94 51.21
C GLN E 138 -0.83 -30.30 52.68
N ARG E 139 -0.63 -31.58 52.97
CA ARG E 139 -0.43 -32.09 54.36
C ARG E 139 0.98 -31.67 54.80
N GLU E 140 2.00 -31.92 53.98
CA GLU E 140 3.42 -31.76 54.37
C GLU E 140 3.79 -30.28 54.37
N VAL E 141 3.34 -29.52 53.36
CA VAL E 141 3.77 -28.10 53.15
C VAL E 141 2.54 -27.32 52.72
N PRO E 142 1.60 -27.08 53.66
CA PRO E 142 0.35 -26.41 53.35
C PRO E 142 0.55 -25.02 52.74
N GLY E 143 1.64 -24.35 53.07
CA GLY E 143 2.01 -23.03 52.49
C GLY E 143 2.02 -23.00 50.97
N ILE E 144 2.31 -24.12 50.32
CA ILE E 144 2.30 -24.27 48.84
C ILE E 144 0.95 -23.75 48.31
N TYR E 145 -0.11 -23.80 49.10
CA TYR E 145 -1.47 -23.47 48.60
C TYR E 145 -2.00 -22.22 49.28
N TYR E 146 -1.23 -21.52 50.10
CA TYR E 146 -1.75 -20.27 50.71
C TYR E 146 -1.94 -19.20 49.64
N PRO E 147 -3.02 -18.38 49.65
CA PRO E 147 -3.05 -17.19 48.82
C PRO E 147 -1.79 -16.34 49.09
N MET E 148 -1.31 -15.68 48.05
CA MET E 148 -0.13 -14.80 48.10
C MET E 148 -0.30 -13.74 49.19
N GLY E 149 -1.50 -13.13 49.30
CA GLY E 149 -1.79 -12.08 50.29
C GLY E 149 -1.64 -12.61 51.72
N GLN E 150 -1.94 -13.89 51.93
CA GLN E 150 -1.78 -14.54 53.25
C GLN E 150 -0.27 -14.60 53.57
N THR E 151 0.56 -14.97 52.59
CA THR E 151 2.03 -14.99 52.77
C THR E 151 2.52 -13.58 53.04
N ALA E 152 1.96 -12.53 52.44
CA ALA E 152 2.38 -11.14 52.72
C ALA E 152 2.07 -10.76 54.18
N GLU E 153 0.90 -11.15 54.68
CA GLU E 153 0.51 -10.93 56.09
C GLU E 153 1.48 -11.72 57.01
N ILE E 154 1.83 -12.97 56.69
CA ILE E 154 2.78 -13.77 57.51
C ILE E 154 4.12 -13.06 57.58
N VAL E 155 4.59 -12.51 56.45
CA VAL E 155 5.88 -11.77 56.44
C VAL E 155 5.79 -10.52 57.33
N ALA E 156 4.74 -9.72 57.22
CA ALA E 156 4.59 -8.53 58.07
C ALA E 156 4.69 -8.96 59.55
N ARG E 157 3.96 -10.00 59.92
CA ARG E 157 3.81 -10.44 61.34
C ARG E 157 5.13 -11.01 61.85
N ARG E 158 5.74 -11.90 61.07
CA ARG E 158 6.92 -12.67 61.49
C ARG E 158 8.13 -11.75 61.56
N TYR E 159 8.22 -10.70 60.72
CA TYR E 159 9.43 -9.85 60.67
C TYR E 159 9.11 -8.43 61.15
N GLY E 160 7.93 -8.21 61.72
CA GLY E 160 7.59 -6.93 62.36
C GLY E 160 7.63 -5.77 61.39
N ILE E 161 7.12 -5.95 60.16
CA ILE E 161 6.98 -4.84 59.18
C ILE E 161 5.66 -4.17 59.49
N THR E 162 5.70 -2.97 60.07
CA THR E 162 4.46 -2.32 60.57
C THR E 162 3.57 -1.83 59.40
N ARG E 163 2.29 -1.71 59.68
CA ARG E 163 1.32 -1.02 58.79
C ARG E 163 1.88 0.33 58.35
N GLU E 164 2.42 1.08 59.32
CA GLU E 164 2.87 2.48 59.09
C GLU E 164 4.06 2.43 58.11
N ALA E 165 4.94 1.47 58.26
CA ALA E 165 6.14 1.34 57.40
C ALA E 165 5.65 0.91 56.00
N GLN E 166 4.69 0.00 55.95
CA GLN E 166 4.13 -0.53 54.67
C GLN E 166 3.56 0.66 53.87
N ASP E 167 2.76 1.49 54.54
CA ASP E 167 2.07 2.63 53.91
C ASP E 167 3.11 3.64 53.45
N ALA E 168 4.14 3.90 54.26
CA ALA E 168 5.15 4.89 53.87
C ALA E 168 5.86 4.38 52.60
N TYR E 169 6.13 3.07 52.52
CA TYR E 169 6.80 2.53 51.31
C TYR E 169 5.87 2.72 50.10
N ALA E 170 4.61 2.34 50.26
CA ALA E 170 3.58 2.43 49.21
C ALA E 170 3.47 3.87 48.69
N LEU E 171 3.51 4.86 49.59
CA LEU E 171 3.47 6.29 49.21
C LEU E 171 4.72 6.61 48.40
N GLN E 172 5.89 6.13 48.81
CA GLN E 172 7.14 6.36 48.06
C GLN E 172 7.00 5.81 46.64
N SER E 173 6.46 4.60 46.50
CA SER E 173 6.29 3.97 45.17
C SER E 173 5.40 4.88 44.30
N GLN E 174 4.25 5.31 44.83
CA GLN E 174 3.33 6.22 44.11
C GLN E 174 4.06 7.52 43.74
N GLN E 175 4.84 8.11 44.66
CA GLN E 175 5.49 9.42 44.37
C GLN E 175 6.58 9.24 43.31
N ARG E 176 7.44 8.24 43.47
CA ARG E 176 8.54 7.99 42.51
C ARG E 176 7.94 7.63 41.15
N MET E 177 6.88 6.82 41.12
CA MET E 177 6.17 6.45 39.85
C MET E 177 5.64 7.72 39.19
N ALA E 178 4.91 8.56 39.94
CA ALA E 178 4.28 9.78 39.41
C ALA E 178 5.35 10.68 38.79
N ARG E 179 6.48 10.87 39.47
CA ARG E 179 7.56 11.77 38.99
C ARG E 179 8.16 11.20 37.70
N ALA E 180 8.51 9.92 37.67
CA ALA E 180 9.11 9.27 36.47
C ALA E 180 8.10 9.36 35.30
N GLN E 181 6.83 9.12 35.58
CA GLN E 181 5.79 9.09 34.55
C GLN E 181 5.67 10.51 33.96
N ALA E 182 5.58 11.55 34.80
CA ALA E 182 5.45 12.95 34.35
C ALA E 182 6.66 13.32 33.50
N ASP E 183 7.83 12.78 33.79
CA ASP E 183 9.10 13.13 33.11
C ASP E 183 9.36 12.22 31.91
N GLY E 184 8.38 11.44 31.46
CA GLY E 184 8.52 10.70 30.19
C GLY E 184 9.43 9.50 30.31
N LEU E 185 9.68 9.01 31.54
CA LEU E 185 10.72 7.99 31.71
C LEU E 185 10.21 6.59 31.33
N PHE E 186 8.89 6.41 31.07
CA PHE E 186 8.33 5.15 30.52
C PHE E 186 7.99 5.30 29.05
N ALA E 187 8.22 6.47 28.45
CA ALA E 187 7.72 6.72 27.07
C ALA E 187 8.43 5.79 26.06
N ASP E 188 9.72 5.57 26.20
CA ASP E 188 10.44 4.75 25.19
C ASP E 188 10.09 3.25 25.28
N GLU E 189 9.93 2.72 26.49
CA GLU E 189 9.67 1.27 26.74
C GLU E 189 8.22 0.92 26.40
N ILE E 190 7.28 1.86 26.55
CA ILE E 190 5.84 1.53 26.37
C ILE E 190 5.46 1.69 24.91
N VAL E 191 4.90 0.63 24.33
CA VAL E 191 4.40 0.63 22.94
C VAL E 191 2.89 0.74 23.03
N PRO E 192 2.29 1.87 22.61
CA PRO E 192 0.84 2.02 22.67
C PRO E 192 0.16 0.90 21.89
N MET E 193 -1.01 0.50 22.37
CA MET E 193 -1.78 -0.57 21.74
C MET E 193 -3.23 -0.14 21.67
N THR E 194 -3.78 -0.27 20.48
CA THR E 194 -5.21 -0.06 20.21
C THR E 194 -5.99 -1.27 20.69
N THR E 195 -7.11 -1.03 21.35
CA THR E 195 -7.92 -2.14 21.90
C THR E 195 -9.40 -1.89 21.66
N ARG E 196 -10.16 -2.97 21.79
CA ARG E 196 -11.63 -2.97 22.05
C ARG E 196 -11.80 -3.41 23.52
N TYR E 197 -12.55 -2.66 24.33
CA TYR E 197 -12.71 -3.01 25.76
C TYR E 197 -14.18 -2.82 26.20
N ALA E 198 -14.52 -3.48 27.30
CA ALA E 198 -15.91 -3.58 27.79
C ALA E 198 -16.09 -2.58 28.92
N VAL E 199 -17.23 -1.86 28.90
CA VAL E 199 -17.64 -0.96 30.00
C VAL E 199 -19.05 -1.34 30.47
N GLU E 200 -19.36 -1.04 31.73
CA GLU E 200 -20.69 -1.37 32.35
C GLU E 200 -21.18 -0.15 33.13
N LYS E 207 -23.60 -3.24 29.51
CA LYS E 207 -22.35 -3.82 28.93
C LYS E 207 -22.21 -3.40 27.46
N GLN E 208 -21.22 -2.56 27.11
CA GLN E 208 -20.93 -2.12 25.72
C GLN E 208 -19.41 -2.10 25.46
N VAL E 209 -19.03 -2.18 24.18
CA VAL E 209 -17.61 -2.28 23.71
C VAL E 209 -17.18 -0.97 23.07
N LEU E 210 -16.07 -0.41 23.56
CA LEU E 210 -15.49 0.91 23.17
C LEU E 210 -14.13 0.67 22.52
N ASP E 211 -13.64 1.65 21.77
CA ASP E 211 -12.27 1.67 21.21
C ASP E 211 -11.41 2.37 22.24
N GLY E 212 -10.22 1.82 22.51
CA GLY E 212 -9.32 2.44 23.49
C GLY E 212 -7.91 2.43 22.97
N VAL E 213 -7.06 3.13 23.71
CA VAL E 213 -5.59 3.11 23.49
C VAL E 213 -4.98 2.86 24.85
N VAL E 214 -4.21 1.78 24.99
CA VAL E 214 -3.30 1.67 26.16
C VAL E 214 -1.96 2.29 25.79
N ASP E 215 -1.65 3.45 26.36
CA ASP E 215 -0.43 4.23 25.99
C ASP E 215 0.40 4.53 27.23
N ARG E 216 -0.04 4.02 28.37
CA ARG E 216 0.60 4.32 29.65
C ARG E 216 0.08 3.34 30.71
N ASP E 217 0.70 3.38 31.87
CA ASP E 217 0.23 2.65 33.05
C ASP E 217 -0.87 3.50 33.67
N ASP E 218 -2.06 2.92 33.90
CA ASP E 218 -3.25 3.66 34.36
C ASP E 218 -3.63 3.31 35.81
N CYS E 219 -2.89 2.44 36.50
CA CYS E 219 -3.29 1.97 37.85
C CYS E 219 -2.78 2.92 38.94
N ASN E 220 -1.76 3.73 38.67
CA ASN E 220 -1.08 4.57 39.68
C ASN E 220 -1.99 5.75 40.05
N ARG E 221 -1.83 6.25 41.27
CA ARG E 221 -2.61 7.34 41.91
C ARG E 221 -1.64 8.33 42.51
N PRO E 222 -1.18 9.32 41.73
CA PRO E 222 -0.25 10.32 42.25
C PRO E 222 -0.79 11.12 43.45
N ASP E 223 -2.10 11.12 43.65
CA ASP E 223 -2.75 11.91 44.73
C ASP E 223 -2.77 11.08 46.03
N THR E 224 -2.15 9.92 46.04
CA THR E 224 -2.11 9.04 47.22
C THR E 224 -1.59 9.87 48.41
N THR E 225 -2.17 9.69 49.61
CA THR E 225 -1.59 10.25 50.86
C THR E 225 -1.42 9.15 51.93
N LEU E 226 -0.50 9.36 52.86
CA LEU E 226 -0.33 8.52 54.08
C LEU E 226 -1.68 8.40 54.79
N GLU E 227 -2.42 9.50 54.88
CA GLU E 227 -3.70 9.56 55.61
C GLU E 227 -4.71 8.66 54.88
N GLY E 228 -4.72 8.71 53.54
CA GLY E 228 -5.59 7.85 52.71
C GLY E 228 -5.23 6.39 52.86
N LEU E 229 -3.93 6.05 52.76
CA LEU E 229 -3.43 4.65 52.90
C LEU E 229 -3.79 4.11 54.29
N ALA E 230 -3.65 4.93 55.34
CA ALA E 230 -3.94 4.53 56.75
C ALA E 230 -5.44 4.21 56.92
N SER E 231 -6.32 4.77 56.11
CA SER E 231 -7.80 4.61 56.27
C SER E 231 -8.27 3.32 55.61
N LEU E 232 -7.43 2.65 54.81
CA LEU E 232 -7.88 1.44 54.07
C LEU E 232 -8.09 0.24 55.03
N LYS E 233 -8.98 -0.65 54.64
CA LYS E 233 -9.28 -1.93 55.34
C LYS E 233 -8.26 -2.99 54.94
N PRO E 234 -7.84 -3.88 55.86
CA PRO E 234 -6.92 -4.94 55.47
C PRO E 234 -7.54 -5.89 54.45
N ALA E 235 -6.75 -6.34 53.48
CA ALA E 235 -7.21 -7.16 52.35
C ALA E 235 -7.24 -8.67 52.66
N PHE E 236 -6.37 -9.20 53.52
CA PHE E 236 -6.15 -10.66 53.58
C PHE E 236 -6.41 -11.25 54.97
N ALA E 237 -6.64 -10.41 55.97
CA ALA E 237 -6.90 -10.83 57.37
C ALA E 237 -7.70 -9.74 58.08
N GLU E 238 -8.72 -10.09 58.86
CA GLU E 238 -9.57 -9.08 59.56
C GLU E 238 -8.68 -8.17 60.44
N ASP E 239 -7.62 -8.71 61.03
CA ASP E 239 -6.73 -7.91 61.93
C ASP E 239 -5.43 -7.52 61.19
N GLY E 240 -5.46 -7.33 59.86
CA GLY E 240 -4.25 -7.33 59.00
C GLY E 240 -3.59 -5.96 58.85
N SER E 241 -2.43 -5.93 58.23
CA SER E 241 -1.71 -4.68 57.88
C SER E 241 -1.62 -4.53 56.36
N VAL E 242 -1.72 -5.63 55.61
CA VAL E 242 -1.59 -5.63 54.13
C VAL E 242 -2.94 -5.22 53.57
N THR E 243 -2.95 -4.20 52.74
CA THR E 243 -4.17 -3.59 52.14
C THR E 243 -4.01 -3.55 50.62
N ALA E 244 -5.08 -3.28 49.89
CA ALA E 244 -5.07 -2.99 48.45
C ALA E 244 -4.08 -1.84 48.16
N GLY E 245 -3.89 -0.90 49.10
CA GLY E 245 -3.01 0.26 48.87
C GLY E 245 -1.54 -0.02 49.09
N ASN E 246 -1.15 -1.08 49.81
CA ASN E 246 0.29 -1.37 50.04
C ASN E 246 0.64 -2.73 49.44
N ALA E 247 -0.22 -3.24 48.58
CA ALA E 247 0.00 -4.48 47.80
C ALA E 247 0.00 -4.13 46.31
N SER E 248 0.60 -5.00 45.50
CA SER E 248 0.60 -4.72 44.05
C SER E 248 -0.84 -4.75 43.57
N GLN E 249 -1.13 -4.00 42.53
CA GLN E 249 -2.45 -4.06 41.88
C GLN E 249 -2.51 -5.19 40.86
N LEU E 250 -3.73 -5.51 40.49
CA LEU E 250 -4.08 -6.45 39.41
C LEU E 250 -4.10 -5.60 38.14
N SER E 251 -3.10 -5.82 37.29
CA SER E 251 -3.06 -5.20 35.93
C SER E 251 -2.71 -6.27 34.90
N ASP E 252 -3.01 -5.97 33.64
CA ASP E 252 -2.72 -6.83 32.50
C ASP E 252 -1.61 -6.19 31.67
N GLY E 253 -0.73 -6.98 31.08
CA GLY E 253 0.38 -6.42 30.31
C GLY E 253 1.32 -7.48 29.79
N ALA E 254 2.18 -7.06 28.87
CA ALA E 254 3.20 -7.93 28.23
C ALA E 254 4.49 -7.12 28.08
N SER E 255 5.63 -7.79 28.22
CA SER E 255 6.97 -7.21 27.94
C SER E 255 7.81 -8.25 27.18
N MET E 256 8.49 -7.83 26.11
CA MET E 256 9.47 -8.71 25.46
C MET E 256 10.81 -7.94 25.30
N THR E 257 11.90 -8.69 25.45
CA THR E 257 13.29 -8.21 25.45
C THR E 257 14.00 -8.85 24.26
N LEU E 258 14.80 -8.05 23.57
CA LEU E 258 15.63 -8.50 22.43
C LEU E 258 17.05 -8.74 22.94
N LEU E 259 17.51 -9.99 22.86
CA LEU E 259 18.88 -10.40 23.25
C LEU E 259 19.64 -10.85 21.98
N MET E 260 20.93 -10.50 21.96
CA MET E 260 21.83 -10.97 20.88
C MET E 260 23.21 -11.19 21.48
N SER E 261 24.03 -11.97 20.80
CA SER E 261 25.47 -11.96 21.12
C SER E 261 25.96 -10.52 20.89
N LEU E 262 26.98 -10.09 21.62
CA LEU E 262 27.60 -8.76 21.35
C LEU E 262 28.07 -8.74 19.89
N GLU E 263 28.69 -9.82 19.42
CA GLU E 263 29.15 -9.92 18.01
C GLU E 263 27.98 -9.58 17.09
N LYS E 264 26.81 -10.19 17.26
CA LYS E 264 25.70 -10.02 16.31
C LYS E 264 25.18 -8.57 16.35
N ALA E 265 25.00 -7.99 17.55
CA ALA E 265 24.58 -6.58 17.69
C ALA E 265 25.54 -5.68 16.88
N LEU E 266 26.84 -5.90 17.01
CA LEU E 266 27.84 -5.08 16.26
C LEU E 266 27.72 -5.35 14.76
N ALA E 267 27.53 -6.60 14.31
CA ALA E 267 27.37 -6.89 12.87
C ALA E 267 26.11 -6.20 12.31
N LEU E 268 25.06 -6.01 13.13
CA LEU E 268 23.78 -5.38 12.69
C LEU E 268 23.83 -3.87 12.90
N GLY E 269 24.91 -3.34 13.48
CA GLY E 269 25.01 -1.90 13.79
C GLY E 269 24.00 -1.50 14.84
N LEU E 270 23.64 -2.38 15.76
CA LEU E 270 22.73 -2.03 16.89
C LEU E 270 23.54 -1.66 18.14
N GLU E 271 23.05 -0.72 18.92
CA GLU E 271 23.73 -0.29 20.17
C GLU E 271 23.33 -1.23 21.30
N PRO E 272 24.29 -1.97 21.89
CA PRO E 272 23.97 -2.79 23.04
C PRO E 272 23.63 -1.88 24.21
N LYS E 273 22.61 -2.21 25.01
CA LYS E 273 22.28 -1.39 26.20
C LYS E 273 22.95 -1.99 27.43
N ALA E 274 22.96 -3.31 27.59
CA ALA E 274 23.50 -3.91 28.82
C ALA E 274 23.98 -5.32 28.53
N PHE E 275 24.91 -5.79 29.32
CA PHE E 275 25.30 -7.20 29.34
C PHE E 275 24.38 -7.91 30.34
N PHE E 276 24.05 -9.14 29.98
CA PHE E 276 23.50 -10.13 30.93
C PHE E 276 24.71 -10.72 31.66
N ARG E 277 24.69 -10.66 32.98
CA ARG E 277 25.85 -11.10 33.79
C ARG E 277 25.49 -12.24 34.75
N GLY E 278 24.29 -12.80 34.71
CA GLY E 278 24.02 -14.01 35.51
C GLY E 278 22.68 -13.98 36.20
N PHE E 279 22.24 -15.17 36.60
CA PHE E 279 20.88 -15.41 37.12
C PHE E 279 20.94 -16.53 38.16
N THR E 280 20.32 -16.32 39.31
CA THR E 280 20.21 -17.36 40.33
C THR E 280 18.75 -17.48 40.79
N VAL E 281 18.41 -18.62 41.30
CA VAL E 281 17.16 -18.83 42.08
C VAL E 281 17.53 -19.45 43.41
N ALA E 282 16.61 -19.37 44.37
CA ALA E 282 16.75 -20.00 45.69
C ALA E 282 15.37 -20.37 46.17
N GLY E 283 15.30 -21.44 46.95
CA GLY E 283 14.04 -21.87 47.58
C GLY E 283 13.93 -21.31 48.96
N CYS E 284 12.72 -21.17 49.45
CA CYS E 284 12.43 -20.76 50.84
C CYS E 284 11.05 -21.29 51.24
N GLU E 285 10.64 -21.05 52.49
CA GLU E 285 9.30 -21.47 52.97
C GLU E 285 8.22 -20.77 52.14
N PRO E 286 7.30 -21.55 51.52
CA PRO E 286 6.19 -20.99 50.76
C PRO E 286 5.37 -19.99 51.55
N ASP E 287 5.20 -20.21 52.87
CA ASP E 287 4.31 -19.35 53.69
C ASP E 287 4.92 -17.96 53.85
N GLU E 288 6.18 -17.79 53.51
CA GLU E 288 6.89 -16.49 53.60
C GLU E 288 7.65 -16.24 52.29
N MET E 289 7.03 -16.63 51.16
CA MET E 289 7.64 -16.55 49.82
C MET E 289 8.20 -15.15 49.54
N GLY E 290 7.62 -14.11 50.13
CA GLY E 290 8.02 -12.70 49.99
C GLY E 290 9.50 -12.49 50.28
N ILE E 291 10.12 -13.36 51.07
CA ILE E 291 11.52 -13.08 51.47
C ILE E 291 12.49 -13.72 50.46
N GLY E 292 12.01 -14.49 49.47
CA GLY E 292 12.91 -15.23 48.54
C GLY E 292 14.17 -14.48 48.10
N PRO E 293 14.12 -13.19 47.68
CA PRO E 293 15.33 -12.48 47.26
C PRO E 293 16.47 -12.46 48.29
N VAL E 294 16.19 -12.52 49.58
CA VAL E 294 17.28 -12.52 50.61
C VAL E 294 18.11 -13.80 50.47
N PHE E 295 17.60 -14.85 49.82
CA PHE E 295 18.35 -16.10 49.52
C PHE E 295 18.98 -16.04 48.12
N SER E 296 18.29 -15.53 47.09
CA SER E 296 18.83 -15.62 45.72
C SER E 296 19.90 -14.53 45.47
N VAL E 297 19.72 -13.36 46.07
CA VAL E 297 20.60 -12.19 45.79
C VAL E 297 22.04 -12.51 46.22
N PRO E 298 22.29 -13.02 47.45
CA PRO E 298 23.65 -13.40 47.88
C PRO E 298 24.29 -14.43 46.96
N LYS E 299 23.52 -15.41 46.48
CA LYS E 299 24.07 -16.45 45.57
C LYS E 299 24.53 -15.77 44.28
N LEU E 300 23.78 -14.81 43.75
CA LEU E 300 24.17 -14.14 42.49
C LEU E 300 25.43 -13.28 42.71
N LEU E 301 25.46 -12.46 43.76
CA LEU E 301 26.61 -11.55 44.00
C LEU E 301 27.89 -12.38 44.29
N LYS E 302 27.80 -13.50 45.00
CA LYS E 302 28.97 -14.36 45.32
C LYS E 302 29.45 -15.03 44.04
N ALA E 303 28.54 -15.51 43.19
CA ALA E 303 28.90 -16.15 41.91
C ALA E 303 29.61 -15.14 41.00
N LYS E 304 29.29 -13.87 41.09
CA LYS E 304 29.81 -12.86 40.14
C LYS E 304 30.90 -11.99 40.79
N GLY E 305 31.30 -12.24 42.05
CA GLY E 305 32.43 -11.53 42.69
C GLY E 305 32.07 -10.11 43.12
N LEU E 306 30.80 -9.87 43.48
CA LEU E 306 30.29 -8.52 43.83
C LEU E 306 29.79 -8.60 45.27
N LYS E 307 29.63 -7.42 45.87
CA LYS E 307 28.97 -7.22 47.18
C LYS E 307 27.76 -6.33 46.94
N ILE E 308 26.88 -6.26 47.92
CA ILE E 308 25.70 -5.37 47.87
C ILE E 308 26.11 -3.98 47.39
N ALA E 309 27.22 -3.44 47.91
CA ALA E 309 27.62 -2.04 47.61
C ALA E 309 27.99 -1.85 46.13
N ASP E 310 28.41 -2.89 45.41
CA ASP E 310 28.79 -2.78 43.98
C ASP E 310 27.56 -2.50 43.12
N VAL E 311 26.35 -2.78 43.64
CA VAL E 311 25.11 -2.64 42.82
C VAL E 311 24.64 -1.18 42.89
N ASP E 312 24.53 -0.54 41.72
CA ASP E 312 24.10 0.87 41.58
C ASP E 312 22.58 0.97 41.65
N LEU E 313 21.83 0.01 41.09
CA LEU E 313 20.35 0.13 41.04
C LEU E 313 19.73 -1.25 41.27
N TRP E 314 18.64 -1.26 42.03
CA TRP E 314 17.81 -2.47 42.29
C TRP E 314 16.41 -2.24 41.75
N GLU E 315 15.91 -3.24 41.02
CA GLU E 315 14.47 -3.45 40.76
C GLU E 315 14.08 -4.70 41.53
N LEU E 316 13.53 -4.51 42.72
CA LEU E 316 13.05 -5.63 43.54
C LEU E 316 11.53 -5.53 43.56
N ASN E 317 10.85 -6.52 42.97
CA ASN E 317 9.40 -6.40 42.70
C ASN E 317 8.65 -6.03 43.97
N GLU E 318 7.77 -5.02 43.85
CA GLU E 318 6.89 -4.56 44.93
C GLU E 318 5.64 -5.44 44.96
N ALA E 319 5.77 -6.74 45.20
CA ALA E 319 4.60 -7.64 45.31
C ALA E 319 3.73 -7.15 46.48
N PHE E 320 4.37 -6.83 47.60
CA PHE E 320 3.70 -6.28 48.82
C PHE E 320 4.74 -5.43 49.54
N ALA E 321 4.34 -4.27 50.08
CA ALA E 321 5.24 -3.43 50.89
C ALA E 321 5.88 -4.29 51.99
N SER E 322 5.15 -5.18 52.62
CA SER E 322 5.66 -6.00 53.75
C SER E 322 6.92 -6.73 53.31
N GLN E 323 6.87 -7.48 52.22
CA GLN E 323 8.06 -8.27 51.80
C GLN E 323 9.11 -7.36 51.13
N CYS E 324 8.66 -6.33 50.39
CA CYS E 324 9.58 -5.43 49.66
C CYS E 324 10.48 -4.67 50.68
N LEU E 325 9.89 -4.23 51.79
CA LEU E 325 10.64 -3.57 52.91
C LEU E 325 11.57 -4.59 53.59
N TYR E 326 11.08 -5.82 53.85
CA TYR E 326 11.89 -6.85 54.54
C TYR E 326 13.17 -7.09 53.73
N CYS E 327 13.02 -7.33 52.42
CA CYS E 327 14.18 -7.65 51.54
C CYS E 327 15.14 -6.45 51.52
N ARG E 328 14.65 -5.22 51.37
CA ARG E 328 15.53 -4.03 51.28
C ARG E 328 16.44 -3.99 52.52
N ASP E 329 15.85 -4.16 53.69
CA ASP E 329 16.49 -3.90 55.01
C ASP E 329 17.31 -5.11 55.41
N ARG E 330 16.89 -6.34 55.08
CA ARG E 330 17.67 -7.56 55.37
C ARG E 330 18.93 -7.54 54.49
N LEU E 331 18.83 -7.09 53.24
CA LEU E 331 19.98 -7.10 52.33
C LEU E 331 20.82 -5.83 52.54
N GLU E 332 20.33 -4.88 53.36
CA GLU E 332 20.99 -3.59 53.71
C GLU E 332 21.18 -2.75 52.44
N ILE E 333 20.15 -2.64 51.60
CA ILE E 333 20.25 -1.89 50.32
C ILE E 333 19.85 -0.44 50.63
N ASP E 334 20.58 0.52 50.09
CA ASP E 334 20.25 1.97 50.21
C ASP E 334 18.92 2.23 49.49
N ASN E 335 17.91 2.71 50.21
CA ASN E 335 16.58 3.10 49.66
C ASN E 335 16.75 4.01 48.44
N GLU E 336 17.82 4.82 48.35
CA GLU E 336 17.96 5.80 47.24
C GLU E 336 18.34 5.04 45.96
N LYS E 337 18.79 3.79 46.05
CA LYS E 337 19.19 2.95 44.90
C LYS E 337 18.13 1.87 44.61
N TYR E 338 16.97 1.96 45.25
CA TYR E 338 16.00 0.84 45.35
C TYR E 338 14.67 1.28 44.73
N ASN E 339 14.21 0.61 43.68
CA ASN E 339 12.91 0.95 43.04
C ASN E 339 12.81 2.48 42.89
N VAL E 340 13.74 3.07 42.16
CA VAL E 340 13.94 4.55 42.08
C VAL E 340 12.79 5.19 41.31
N ASN E 341 12.04 4.42 40.51
CA ASN E 341 10.89 4.96 39.73
C ASN E 341 9.61 4.27 40.23
N GLY E 342 9.66 3.69 41.44
CA GLY E 342 8.52 2.97 42.01
C GLY E 342 8.30 1.64 41.31
N GLY E 343 7.10 1.12 41.36
CA GLY E 343 6.89 -0.25 40.91
C GLY E 343 5.47 -0.73 41.11
N SER E 344 5.34 -2.04 41.26
CA SER E 344 4.08 -2.83 41.12
C SER E 344 2.99 -2.36 42.12
N ILE E 345 3.34 -1.78 43.27
CA ILE E 345 2.32 -1.23 44.20
C ILE E 345 1.55 -0.14 43.44
N ALA E 346 2.26 0.65 42.60
CA ALA E 346 1.66 1.76 41.82
C ALA E 346 1.02 1.23 40.54
N ILE E 347 1.68 0.31 39.82
CA ILE E 347 1.25 -0.01 38.42
C ILE E 347 0.76 -1.44 38.30
N GLY E 348 0.90 -2.31 39.32
CA GLY E 348 0.44 -3.71 39.21
C GLY E 348 1.52 -4.70 38.81
N HIS E 349 1.20 -6.00 38.95
CA HIS E 349 2.11 -7.15 38.82
C HIS E 349 1.42 -8.22 37.98
N PRO E 350 1.41 -8.06 36.63
CA PRO E 350 0.93 -9.10 35.73
C PRO E 350 2.06 -10.13 35.74
N PHE E 351 1.89 -11.19 36.54
CA PHE E 351 2.99 -12.10 37.01
C PHE E 351 4.03 -12.32 35.92
N GLY E 352 3.65 -12.87 34.77
CA GLY E 352 4.62 -13.31 33.75
C GLY E 352 5.46 -12.18 33.15
N MET E 353 4.95 -10.95 33.10
CA MET E 353 5.60 -9.87 32.33
C MET E 353 6.52 -9.09 33.25
N THR E 354 6.26 -9.07 34.55
CA THR E 354 6.99 -8.19 35.48
C THR E 354 8.52 -8.28 35.31
N GLY E 355 9.12 -9.47 35.35
CA GLY E 355 10.59 -9.60 35.26
C GLY E 355 11.13 -8.89 34.03
N SER E 356 10.43 -8.96 32.89
CA SER E 356 10.91 -8.37 31.61
C SER E 356 10.71 -6.86 31.68
N ARG E 357 9.60 -6.41 32.29
CA ARG E 357 9.41 -4.95 32.46
C ARG E 357 10.58 -4.40 33.29
N GLN E 358 10.92 -5.09 34.36
CA GLN E 358 11.97 -4.63 35.30
C GLN E 358 13.29 -4.56 34.55
N VAL E 359 13.60 -5.58 33.77
CA VAL E 359 14.87 -5.59 32.99
C VAL E 359 14.87 -4.37 32.05
N GLY E 360 13.79 -4.15 31.29
CA GLY E 360 13.75 -3.10 30.26
C GLY E 360 13.85 -1.72 30.88
N HIS E 361 13.35 -1.56 32.09
CA HIS E 361 13.39 -0.25 32.78
C HIS E 361 14.76 -0.06 33.43
N LEU E 362 15.23 -1.06 34.13
CA LEU E 362 16.57 -1.03 34.76
C LEU E 362 17.65 -0.63 33.73
N VAL E 363 17.66 -1.24 32.56
CA VAL E 363 18.82 -1.04 31.63
C VAL E 363 18.76 0.42 31.17
N ARG E 364 17.55 0.97 30.99
CA ARG E 364 17.34 2.39 30.60
C ARG E 364 17.82 3.31 31.74
N GLU E 365 17.46 3.01 32.99
CA GLU E 365 17.84 3.83 34.17
C GLU E 365 19.38 3.78 34.41
N LEU E 366 20.02 2.62 34.29
CA LEU E 366 21.51 2.53 34.39
C LEU E 366 22.13 3.49 33.35
N HIS E 367 21.67 3.45 32.11
CA HIS E 367 22.15 4.34 31.02
C HIS E 367 21.89 5.82 31.40
N ARG E 368 20.68 6.18 31.85
CA ARG E 368 20.28 7.58 32.12
C ARG E 368 21.12 8.18 33.23
N ARG E 369 21.40 7.42 34.29
CA ARG E 369 22.17 7.83 35.49
C ARG E 369 23.67 7.58 35.33
N ASN E 370 24.07 7.10 34.16
CA ASN E 370 25.47 6.68 33.86
C ASN E 370 25.99 5.75 34.96
N LEU E 371 25.24 4.69 35.28
CA LEU E 371 25.63 3.70 36.30
C LEU E 371 26.04 2.40 35.61
N ARG E 372 26.58 1.48 36.40
CA ARG E 372 27.23 0.27 35.88
C ARG E 372 26.35 -0.97 36.11
N TYR E 373 26.16 -1.38 37.37
CA TYR E 373 25.56 -2.69 37.74
C TYR E 373 24.14 -2.48 38.25
N GLY E 374 23.23 -3.33 37.78
CA GLY E 374 21.86 -3.33 38.29
C GLY E 374 21.38 -4.75 38.49
N VAL E 375 20.49 -4.93 39.42
CA VAL E 375 19.91 -6.27 39.72
C VAL E 375 18.40 -6.18 39.57
N VAL E 376 17.81 -7.16 38.88
CA VAL E 376 16.35 -7.42 38.88
C VAL E 376 16.13 -8.64 39.76
N THR E 377 15.28 -8.50 40.76
CA THR E 377 15.07 -9.63 41.70
C THR E 377 13.63 -9.56 42.17
N MET E 378 13.05 -10.70 42.51
CA MET E 378 11.66 -10.76 42.99
C MET E 378 11.45 -11.99 43.84
N CYS E 379 10.52 -11.89 44.77
CA CYS E 379 9.88 -13.06 45.40
C CYS E 379 9.00 -13.79 44.35
N VAL E 380 8.72 -15.05 44.62
CA VAL E 380 7.97 -15.97 43.72
C VAL E 380 7.03 -16.81 44.57
N GLY E 381 5.75 -16.78 44.22
CA GLY E 381 4.74 -17.69 44.78
C GLY E 381 5.24 -19.12 44.76
N GLY E 382 5.09 -19.82 45.89
CA GLY E 382 5.58 -21.19 46.06
C GLY E 382 6.82 -21.25 46.91
N GLY E 383 7.47 -20.11 47.17
CA GLY E 383 8.66 -20.02 48.04
C GLY E 383 9.95 -19.96 47.26
N MET E 384 10.14 -18.91 46.46
CA MET E 384 11.43 -18.76 45.73
C MET E 384 11.82 -17.30 45.64
N GLY E 385 13.11 -17.07 45.45
CA GLY E 385 13.65 -15.83 44.92
C GLY E 385 14.38 -16.09 43.62
N ALA E 386 14.30 -15.12 42.73
CA ALA E 386 15.05 -15.06 41.45
C ALA E 386 15.79 -13.73 41.42
N SER E 387 17.00 -13.72 40.87
CA SER E 387 17.89 -12.55 40.84
C SER E 387 18.68 -12.60 39.54
N GLY E 388 18.73 -11.47 38.85
CA GLY E 388 19.53 -11.31 37.62
C GLY E 388 20.42 -10.08 37.70
N LEU E 389 21.64 -10.19 37.18
CA LEU E 389 22.64 -9.10 37.14
C LEU E 389 22.80 -8.61 35.71
N PHE E 390 22.72 -7.29 35.54
CA PHE E 390 22.86 -6.52 34.28
C PHE E 390 23.96 -5.49 34.45
N GLU E 391 24.75 -5.29 33.40
CA GLU E 391 25.84 -4.29 33.40
C GLU E 391 25.69 -3.41 32.17
N ALA E 392 25.49 -2.10 32.38
CA ALA E 392 25.40 -1.12 31.28
C ALA E 392 26.67 -1.21 30.41
N VAL E 393 26.54 -1.11 29.10
CA VAL E 393 27.70 -1.12 28.16
C VAL E 393 28.25 0.32 28.10
N ARG E 394 29.56 0.50 28.32
CA ARG E 394 30.30 1.78 28.09
C ARG E 394 30.61 1.91 26.59
N LEU E 395 30.15 3.02 25.99
CA LEU E 395 30.33 3.39 24.56
C LEU E 395 30.81 4.84 24.51
N ARG F 2 32.65 -23.46 29.99
CA ARG F 2 32.64 -24.31 31.25
C ARG F 2 31.91 -25.62 30.95
N GLU F 3 32.53 -26.77 31.25
CA GLU F 3 32.07 -28.11 30.82
C GLU F 3 30.95 -28.58 31.79
N VAL F 4 29.90 -29.15 31.20
CA VAL F 4 28.71 -29.60 31.97
C VAL F 4 28.42 -31.05 31.61
N VAL F 5 28.22 -31.87 32.61
CA VAL F 5 28.07 -33.32 32.43
C VAL F 5 26.75 -33.82 33.00
N ILE F 6 26.25 -34.85 32.33
CA ILE F 6 25.19 -35.76 32.84
C ILE F 6 25.90 -36.75 33.75
N VAL F 7 25.49 -36.82 34.99
CA VAL F 7 26.01 -37.80 35.97
C VAL F 7 25.08 -39.01 36.02
N ASP F 8 23.78 -38.79 35.92
CA ASP F 8 22.80 -39.90 35.98
C ASP F 8 21.50 -39.43 35.33
N SER F 9 20.64 -40.38 35.00
CA SER F 9 19.33 -40.16 34.37
C SER F 9 18.48 -41.40 34.67
N VAL F 10 17.36 -41.22 35.36
CA VAL F 10 16.47 -42.38 35.69
C VAL F 10 15.04 -42.01 35.36
N ARG F 11 14.24 -43.02 35.08
CA ARG F 11 12.86 -42.79 34.66
C ARG F 11 11.99 -43.86 35.30
N THR F 12 10.68 -43.65 35.23
CA THR F 12 9.69 -44.72 35.44
C THR F 12 9.70 -45.59 34.21
N GLY F 13 9.16 -46.80 34.36
CA GLY F 13 8.58 -47.50 33.21
C GLY F 13 7.54 -46.63 32.54
N LEU F 14 7.21 -46.94 31.30
CA LEU F 14 6.09 -46.31 30.58
C LEU F 14 4.92 -47.29 30.63
N ALA F 15 3.85 -46.88 31.28
CA ALA F 15 2.61 -47.66 31.53
C ALA F 15 1.52 -47.12 30.63
N LYS F 16 0.86 -48.03 29.92
CA LYS F 16 -0.27 -47.69 29.04
C LYS F 16 -1.21 -46.71 29.75
N SER F 17 -1.59 -45.65 29.04
CA SER F 17 -2.47 -44.60 29.56
C SER F 17 -3.89 -45.17 29.78
N PHE F 18 -4.58 -44.69 30.81
CA PHE F 18 -6.03 -44.97 31.09
C PHE F 18 -6.22 -46.36 31.71
N ARG F 19 -5.69 -47.41 31.12
CA ARG F 19 -5.88 -48.80 31.61
C ARG F 19 -4.66 -49.28 32.40
N GLY F 20 -3.48 -48.67 32.26
CA GLY F 20 -2.26 -49.18 32.92
C GLY F 20 -2.09 -48.78 34.37
N LYS F 21 -0.96 -49.15 34.94
CA LYS F 21 -0.74 -49.12 36.40
C LYS F 21 -0.33 -47.74 36.88
N PHE F 22 -0.22 -46.75 36.01
CA PHE F 22 -0.09 -45.33 36.46
C PHE F 22 -1.42 -44.59 36.34
N ASN F 23 -2.56 -45.27 36.10
CA ASN F 23 -3.81 -44.54 35.78
C ASN F 23 -4.37 -43.75 36.97
N LEU F 24 -3.84 -43.90 38.21
CA LEU F 24 -4.21 -43.04 39.35
C LEU F 24 -2.97 -42.33 39.91
N THR F 25 -1.82 -42.46 39.29
CA THR F 25 -0.57 -41.92 39.90
C THR F 25 -0.35 -40.48 39.40
N ARG F 26 -0.16 -39.54 40.32
CA ARG F 26 0.05 -38.12 39.98
C ARG F 26 1.40 -37.94 39.30
N PRO F 27 1.49 -37.09 38.26
CA PRO F 27 2.76 -36.86 37.57
C PRO F 27 3.78 -36.17 38.49
N ASP F 28 3.34 -35.29 39.39
CA ASP F 28 4.29 -34.63 40.33
C ASP F 28 4.95 -35.74 41.16
N ASP F 29 4.15 -36.68 41.69
CA ASP F 29 4.70 -37.77 42.52
C ASP F 29 5.64 -38.62 41.66
N MET F 30 5.34 -38.87 40.39
CA MET F 30 6.19 -39.69 39.51
C MET F 30 7.55 -39.01 39.33
N ALA F 31 7.54 -37.71 39.12
CA ALA F 31 8.80 -36.98 38.83
C ALA F 31 9.64 -36.90 40.12
N ALA F 32 9.00 -36.68 41.26
CA ALA F 32 9.66 -36.64 42.58
C ALA F 32 10.27 -38.02 42.91
N HIS F 33 9.62 -39.10 42.49
CA HIS F 33 10.17 -40.46 42.68
C HIS F 33 11.50 -40.59 41.93
N CYS F 34 11.59 -40.12 40.70
CA CYS F 34 12.84 -40.11 39.88
C CYS F 34 13.89 -39.24 40.57
N VAL F 35 13.51 -38.08 41.09
CA VAL F 35 14.49 -37.20 41.78
C VAL F 35 15.03 -37.96 42.99
N ASP F 36 14.16 -38.62 43.75
CA ASP F 36 14.59 -39.41 44.94
C ASP F 36 15.56 -40.52 44.53
N ALA F 37 15.35 -41.16 43.39
CA ALA F 37 16.26 -42.20 42.87
C ALA F 37 17.63 -41.60 42.55
N LEU F 38 17.68 -40.44 41.86
CA LEU F 38 18.95 -39.73 41.56
C LEU F 38 19.71 -39.48 42.88
N LEU F 39 19.02 -39.01 43.93
CA LEU F 39 19.64 -38.65 45.23
C LEU F 39 20.22 -39.93 45.88
N ALA F 40 19.45 -41.02 45.96
CA ALA F 40 19.89 -42.29 46.58
C ALA F 40 21.03 -42.90 45.77
N ARG F 41 20.90 -43.02 44.46
CA ARG F 41 21.89 -43.67 43.56
C ARG F 41 23.22 -42.93 43.59
N ASN F 42 23.22 -41.62 43.84
CA ASN F 42 24.45 -40.82 43.68
C ASN F 42 24.91 -40.36 45.06
N ASP F 43 24.24 -40.85 46.10
CA ASP F 43 24.58 -40.50 47.51
C ASP F 43 24.70 -38.98 47.61
N LEU F 44 23.73 -38.26 47.04
CA LEU F 44 23.87 -36.80 46.77
C LEU F 44 23.19 -36.03 47.88
N ASP F 45 23.93 -35.14 48.52
CA ASP F 45 23.38 -34.20 49.52
C ASP F 45 22.35 -33.31 48.80
N PRO F 46 21.05 -33.44 49.11
CA PRO F 46 20.02 -32.62 48.46
C PRO F 46 20.26 -31.10 48.49
N LEU F 47 20.97 -30.59 49.50
CA LEU F 47 21.22 -29.13 49.64
C LEU F 47 22.19 -28.70 48.55
N LEU F 48 22.88 -29.61 47.86
CA LEU F 48 23.79 -29.22 46.76
C LEU F 48 22.98 -28.89 45.49
N VAL F 49 21.73 -29.33 45.42
CA VAL F 49 20.93 -29.18 44.17
C VAL F 49 20.43 -27.73 44.11
N ASP F 50 20.73 -27.04 43.02
CA ASP F 50 20.45 -25.58 42.87
C ASP F 50 19.05 -25.33 42.28
N ASP F 51 18.46 -26.31 41.61
CA ASP F 51 17.19 -26.09 40.85
C ASP F 51 16.64 -27.44 40.37
N CYS F 52 15.36 -27.42 40.02
CA CYS F 52 14.57 -28.59 39.58
C CYS F 52 13.68 -28.12 38.44
N ILE F 53 13.97 -28.58 37.23
CA ILE F 53 13.35 -28.07 35.99
C ILE F 53 12.57 -29.22 35.41
N VAL F 54 11.25 -29.05 35.30
CA VAL F 54 10.35 -30.12 34.80
C VAL F 54 9.58 -29.62 33.56
N GLY F 55 9.77 -30.31 32.45
CA GLY F 55 9.03 -30.09 31.21
C GLY F 55 7.76 -30.95 31.24
N ALA F 56 6.68 -30.42 30.66
CA ALA F 56 5.38 -31.10 30.52
C ALA F 56 4.59 -30.38 29.44
N GLY F 57 3.81 -31.15 28.69
CA GLY F 57 2.95 -30.67 27.60
C GLY F 57 1.76 -29.96 28.21
N SER F 58 0.97 -30.70 29.02
CA SER F 58 -0.11 -30.05 29.77
C SER F 58 0.52 -29.31 30.96
N ASN F 59 0.09 -28.08 31.22
CA ASN F 59 0.59 -27.31 32.38
C ASN F 59 -0.58 -26.85 33.25
N GLU F 60 -1.55 -27.74 33.43
CA GLU F 60 -2.80 -27.43 34.17
C GLU F 60 -3.35 -28.70 34.83
N GLY F 61 -4.28 -28.49 35.76
CA GLY F 61 -4.90 -29.62 36.47
C GLY F 61 -3.87 -30.43 37.24
N ALA F 62 -3.74 -31.70 36.90
CA ALA F 62 -2.75 -32.60 37.51
C ALA F 62 -1.31 -32.11 37.22
N GLN F 63 -1.10 -31.26 36.20
CA GLN F 63 0.23 -30.71 35.86
C GLN F 63 0.23 -29.19 36.03
N GLY F 64 -0.66 -28.63 36.86
CA GLY F 64 -0.73 -27.20 37.14
C GLY F 64 0.11 -26.78 38.35
N HIS F 65 -0.03 -25.51 38.73
CA HIS F 65 0.48 -24.95 40.01
C HIS F 65 2.03 -24.97 40.09
N ASN F 66 2.71 -24.88 38.94
CA ASN F 66 4.21 -24.98 38.85
C ASN F 66 4.67 -26.37 39.35
N ILE F 67 4.39 -27.39 38.56
CA ILE F 67 4.79 -28.80 38.84
C ILE F 67 6.29 -28.90 39.18
N GLY F 68 7.17 -28.17 38.49
CA GLY F 68 8.61 -28.28 38.78
C GLY F 68 8.99 -27.93 40.21
N ARG F 69 8.46 -26.83 40.74
CA ARG F 69 8.65 -26.47 42.16
C ARG F 69 8.04 -27.57 43.07
N ASN F 70 6.82 -27.99 42.80
CA ASN F 70 6.12 -28.97 43.67
C ASN F 70 6.86 -30.32 43.66
N VAL F 71 7.49 -30.67 42.55
CA VAL F 71 8.33 -31.88 42.44
C VAL F 71 9.51 -31.75 43.42
N ALA F 72 10.17 -30.60 43.44
CA ALA F 72 11.30 -30.38 44.36
C ALA F 72 10.81 -30.61 45.79
N VAL F 73 9.73 -29.94 46.16
CA VAL F 73 9.21 -29.95 47.55
C VAL F 73 8.77 -31.38 47.93
N LEU F 74 8.13 -32.13 47.04
CA LEU F 74 7.71 -33.53 47.33
C LEU F 74 8.92 -34.43 47.53
N SER F 75 9.99 -34.21 46.78
CA SER F 75 11.22 -35.04 46.81
C SER F 75 12.01 -34.74 48.09
N GLY F 76 13.12 -35.44 48.27
CA GLY F 76 14.09 -35.17 49.35
C GLY F 76 14.75 -33.80 49.21
N LEU F 77 14.59 -33.11 48.07
CA LEU F 77 15.13 -31.73 47.92
C LEU F 77 14.42 -30.75 48.88
N GLY F 78 13.10 -30.84 49.02
CA GLY F 78 12.38 -30.00 49.99
C GLY F 78 12.28 -28.54 49.57
N ILE F 79 11.73 -27.72 50.44
CA ILE F 79 11.49 -26.27 50.18
C ILE F 79 12.79 -25.53 49.84
N GLN F 80 13.98 -26.05 50.18
CA GLN F 80 15.24 -25.30 49.95
C GLN F 80 15.52 -25.19 48.45
N VAL F 81 14.98 -26.10 47.66
CA VAL F 81 15.39 -26.22 46.23
C VAL F 81 14.26 -25.63 45.40
N PRO F 82 14.54 -24.56 44.63
CA PRO F 82 13.51 -23.96 43.76
C PRO F 82 13.16 -24.92 42.61
N GLY F 83 12.07 -24.62 41.93
CA GLY F 83 11.76 -25.35 40.69
C GLY F 83 10.92 -24.55 39.73
N MET F 84 10.85 -25.00 38.49
CA MET F 84 10.11 -24.30 37.42
C MET F 84 9.54 -25.33 36.48
N THR F 85 8.60 -24.86 35.65
CA THR F 85 7.92 -25.70 34.64
C THR F 85 8.18 -25.07 33.27
N LEU F 86 8.24 -25.88 32.22
CA LEU F 86 8.27 -25.31 30.86
C LEU F 86 7.48 -26.25 29.95
N ASN F 87 7.06 -25.70 28.83
CA ASN F 87 6.36 -26.40 27.73
C ASN F 87 7.00 -26.00 26.40
N ARG F 88 7.66 -26.94 25.74
CA ARG F 88 7.82 -26.95 24.28
C ARG F 88 7.35 -28.35 23.82
N TYR F 89 6.10 -28.68 24.17
N TYR F 89 6.12 -28.71 24.20
CA TYR F 89 5.37 -29.98 24.00
CA TYR F 89 5.41 -30.04 24.13
C TYR F 89 6.35 -31.18 24.00
C TYR F 89 6.41 -31.21 24.02
N CYS F 90 6.52 -31.86 22.87
CA CYS F 90 7.29 -33.12 22.70
C CYS F 90 8.78 -32.95 23.04
N SER F 91 9.33 -31.73 23.00
CA SER F 91 10.78 -31.51 23.27
C SER F 91 11.01 -31.18 24.74
N SER F 92 9.95 -31.01 25.54
CA SER F 92 10.04 -30.39 26.88
C SER F 92 11.12 -31.02 27.76
N GLY F 93 11.26 -32.34 27.77
CA GLY F 93 12.24 -33.02 28.65
C GLY F 93 13.67 -32.69 28.22
N LEU F 94 13.90 -32.58 26.92
CA LEU F 94 15.24 -32.18 26.41
C LEU F 94 15.48 -30.69 26.68
N GLN F 95 14.49 -29.86 26.41
CA GLN F 95 14.56 -28.41 26.64
C GLN F 95 14.97 -28.17 28.09
N ALA F 96 14.41 -28.92 29.04
CA ALA F 96 14.69 -28.76 30.48
C ALA F 96 16.18 -29.02 30.72
N ILE F 97 16.69 -30.07 30.12
CA ILE F 97 18.11 -30.49 30.28
C ILE F 97 19.03 -29.41 29.69
N ALA F 98 18.67 -28.84 28.53
CA ALA F 98 19.47 -27.79 27.85
C ALA F 98 19.53 -26.57 28.76
N ILE F 99 18.40 -26.19 29.35
CA ILE F 99 18.32 -25.03 30.27
C ILE F 99 19.19 -25.28 31.51
N ALA F 100 19.13 -26.48 32.09
CA ALA F 100 19.96 -26.85 33.26
C ALA F 100 21.44 -26.67 32.89
N ALA F 101 21.84 -27.23 31.75
CA ALA F 101 23.24 -27.28 31.31
C ALA F 101 23.76 -25.86 31.09
N ASN F 102 23.01 -25.03 30.37
CA ASN F 102 23.39 -23.64 30.01
C ASN F 102 23.41 -22.78 31.29
N GLN F 103 22.54 -23.06 32.26
CA GLN F 103 22.59 -22.34 33.54
C GLN F 103 23.85 -22.72 34.32
N ILE F 104 24.18 -24.00 34.40
CA ILE F 104 25.48 -24.44 35.02
C ILE F 104 26.65 -23.79 34.26
N ALA F 105 26.64 -23.82 32.95
CA ALA F 105 27.71 -23.30 32.09
C ALA F 105 27.97 -21.81 32.39
N SER F 106 26.95 -21.06 32.82
CA SER F 106 27.06 -19.60 33.11
C SER F 106 27.92 -19.35 34.36
N GLY F 107 28.13 -20.35 35.20
CA GLY F 107 28.84 -20.22 36.50
C GLY F 107 27.89 -19.91 37.65
N CYS F 108 26.60 -19.81 37.42
CA CYS F 108 25.65 -19.32 38.46
C CYS F 108 24.99 -20.50 39.17
N SER F 109 25.23 -21.73 38.74
CA SER F 109 24.75 -22.97 39.38
C SER F 109 25.81 -24.03 39.18
N GLU F 110 25.81 -25.02 40.07
CA GLU F 110 26.74 -26.19 40.00
C GLU F 110 25.94 -27.48 39.72
N VAL F 111 24.77 -27.66 40.34
CA VAL F 111 24.00 -28.95 40.34
C VAL F 111 22.52 -28.67 40.09
N ILE F 112 21.97 -29.30 39.08
CA ILE F 112 20.51 -29.16 38.75
C ILE F 112 19.96 -30.53 38.36
N VAL F 113 18.70 -30.78 38.73
CA VAL F 113 17.98 -31.98 38.20
C VAL F 113 16.97 -31.43 37.20
N ALA F 114 16.84 -32.08 36.06
CA ALA F 114 15.99 -31.59 34.97
C ALA F 114 15.45 -32.78 34.20
N GLY F 115 14.24 -32.65 33.69
CA GLY F 115 13.67 -33.65 32.80
C GLY F 115 12.23 -33.33 32.55
N GLY F 116 11.37 -34.35 32.57
CA GLY F 116 9.96 -34.11 32.25
C GLY F 116 9.06 -35.20 32.73
N VAL F 117 7.77 -34.94 32.59
CA VAL F 117 6.76 -35.91 33.03
C VAL F 117 5.55 -35.69 32.14
N GLU F 118 4.78 -36.75 31.91
CA GLU F 118 3.41 -36.61 31.38
C GLU F 118 2.58 -37.75 31.94
N SER F 119 1.51 -37.36 32.61
CA SER F 119 0.35 -38.26 32.83
C SER F 119 -0.66 -37.96 31.72
N ILE F 120 -0.59 -38.71 30.65
CA ILE F 120 -1.60 -38.59 29.58
C ILE F 120 -2.97 -38.99 30.17
N THR F 121 -2.97 -40.03 31.03
CA THR F 121 -4.19 -40.45 31.75
C THR F 121 -4.89 -39.25 32.39
N LEU F 122 -4.20 -38.47 33.25
CA LEU F 122 -4.85 -37.41 34.05
C LEU F 122 -4.97 -36.05 33.33
N THR F 123 -4.33 -35.84 32.16
CA THR F 123 -4.28 -34.50 31.53
C THR F 123 -4.88 -34.49 30.12
N LEU F 124 -4.83 -35.59 29.36
CA LEU F 124 -5.18 -35.52 27.90
C LEU F 124 -6.57 -34.94 27.70
N LYS F 125 -7.59 -35.38 28.45
CA LYS F 125 -9.00 -34.94 28.33
C LYS F 125 -9.38 -33.96 29.44
N SER F 126 -8.41 -33.36 30.12
CA SER F 126 -8.65 -32.31 31.15
C SER F 126 -8.03 -31.00 30.66
N VAL F 127 -8.76 -30.27 29.80
CA VAL F 127 -8.22 -29.08 29.07
C VAL F 127 -9.14 -27.90 29.35
N ASN F 128 -8.61 -26.83 29.93
CA ASN F 128 -9.26 -25.50 30.04
C ASN F 128 -9.42 -24.93 28.61
N THR F 129 -10.65 -24.88 28.10
CA THR F 129 -10.98 -24.40 26.73
C THR F 129 -11.38 -22.91 26.72
N ASP F 130 -11.45 -22.22 27.86
CA ASP F 130 -11.79 -20.80 27.90
C ASP F 130 -10.79 -20.00 27.08
N HIS F 131 -11.25 -19.33 26.03
CA HIS F 131 -10.41 -18.44 25.20
C HIS F 131 -9.21 -19.22 24.65
N LEU F 132 -9.33 -20.52 24.44
CA LEU F 132 -8.13 -21.34 24.10
C LEU F 132 -7.73 -21.07 22.64
N VAL F 133 -8.69 -20.92 21.72
CA VAL F 133 -8.39 -20.67 20.28
C VAL F 133 -8.26 -19.16 20.04
N ASN F 134 -7.17 -18.76 19.37
CA ASN F 134 -6.97 -17.38 18.84
C ASN F 134 -7.58 -17.35 17.44
N PRO F 135 -8.71 -16.65 17.22
CA PRO F 135 -9.42 -16.72 15.94
C PRO F 135 -8.54 -16.18 14.81
N LEU F 136 -7.64 -15.25 15.12
CA LEU F 136 -6.68 -14.71 14.14
C LEU F 136 -5.67 -15.79 13.74
N LEU F 137 -5.12 -16.56 14.69
CA LEU F 137 -4.26 -17.71 14.35
C LEU F 137 -5.02 -18.72 13.51
N GLN F 138 -6.23 -19.06 13.94
CA GLN F 138 -7.05 -20.10 13.30
C GLN F 138 -7.22 -19.72 11.82
N ARG F 139 -7.45 -18.43 11.55
CA ARG F 139 -7.58 -17.88 10.17
C ARG F 139 -6.23 -17.96 9.45
N GLU F 140 -5.16 -17.49 10.07
CA GLU F 140 -3.84 -17.26 9.42
C GLU F 140 -3.07 -18.59 9.27
N VAL F 141 -3.02 -19.41 10.32
CA VAL F 141 -2.25 -20.67 10.36
C VAL F 141 -3.12 -21.74 11.02
N PRO F 142 -4.15 -22.26 10.31
CA PRO F 142 -5.06 -23.25 10.89
C PRO F 142 -4.32 -24.49 11.42
N GLY F 143 -3.20 -24.81 10.80
CA GLY F 143 -2.33 -25.94 11.17
C GLY F 143 -1.95 -25.93 12.65
N ILE F 144 -1.94 -24.76 13.29
CA ILE F 144 -1.60 -24.62 14.74
C ILE F 144 -2.57 -25.50 15.54
N TYR F 145 -3.77 -25.74 15.03
CA TYR F 145 -4.83 -26.43 15.80
C TYR F 145 -5.08 -27.83 15.24
N TYR F 146 -4.35 -28.27 14.21
CA TYR F 146 -4.59 -29.63 13.70
C TYR F 146 -4.18 -30.64 14.73
N PRO F 147 -4.94 -31.75 14.87
CA PRO F 147 -4.48 -32.89 15.63
C PRO F 147 -3.15 -33.40 15.06
N MET F 148 -2.32 -33.93 15.95
CA MET F 148 -0.99 -34.49 15.63
C MET F 148 -1.10 -35.58 14.58
N GLY F 149 -2.07 -36.47 14.69
CA GLY F 149 -2.21 -37.56 13.68
C GLY F 149 -2.56 -36.99 12.31
N GLN F 150 -3.30 -35.90 12.26
CA GLN F 150 -3.61 -35.26 10.96
C GLN F 150 -2.28 -34.81 10.31
N THR F 151 -1.36 -34.25 11.08
CA THR F 151 -0.08 -33.75 10.54
C THR F 151 0.74 -34.95 10.08
N ALA F 152 0.64 -36.09 10.78
CA ALA F 152 1.35 -37.33 10.41
C ALA F 152 0.86 -37.80 9.03
N GLU F 153 -0.45 -37.71 8.76
CA GLU F 153 -0.99 -38.08 7.41
C GLU F 153 -0.52 -37.07 6.35
N ILE F 154 -0.52 -35.78 6.67
CA ILE F 154 -0.10 -34.73 5.71
C ILE F 154 1.34 -35.01 5.31
N VAL F 155 2.20 -35.32 6.26
CA VAL F 155 3.61 -35.67 6.00
C VAL F 155 3.71 -36.93 5.13
N ALA F 156 3.00 -38.00 5.44
CA ALA F 156 3.08 -39.24 4.60
C ALA F 156 2.68 -38.92 3.16
N ARG F 157 1.62 -38.14 2.96
CA ARG F 157 1.11 -37.87 1.59
C ARG F 157 2.07 -36.90 0.90
N ARG F 158 2.45 -35.82 1.57
CA ARG F 158 3.26 -34.72 0.95
C ARG F 158 4.62 -35.25 0.56
N TYR F 159 5.22 -36.16 1.32
CA TYR F 159 6.60 -36.62 1.07
C TYR F 159 6.62 -38.06 0.57
N GLY F 160 5.46 -38.64 0.24
CA GLY F 160 5.46 -40.00 -0.35
C GLY F 160 6.03 -41.05 0.58
N ILE F 161 5.68 -41.01 1.86
CA ILE F 161 6.13 -42.05 2.83
C ILE F 161 5.05 -43.15 2.84
N THR F 162 5.31 -44.29 2.19
CA THR F 162 4.27 -45.31 1.95
C THR F 162 3.86 -46.00 3.27
N ARG F 163 2.67 -46.58 3.24
CA ARG F 163 2.14 -47.44 4.33
C ARG F 163 3.16 -48.52 4.61
N GLU F 164 3.65 -49.15 3.55
CA GLU F 164 4.57 -50.29 3.63
C GLU F 164 5.87 -49.86 4.32
N ALA F 165 6.43 -48.69 3.98
CA ALA F 165 7.68 -48.14 4.59
C ALA F 165 7.41 -47.90 6.08
N GLN F 166 6.27 -47.26 6.39
CA GLN F 166 5.89 -46.93 7.78
C GLN F 166 5.80 -48.21 8.60
N ASP F 167 5.14 -49.25 8.09
CA ASP F 167 4.98 -50.54 8.83
C ASP F 167 6.33 -51.25 8.98
N ALA F 168 7.20 -51.21 7.97
CA ALA F 168 8.56 -51.78 8.06
C ALA F 168 9.31 -51.05 9.18
N TYR F 169 9.16 -49.72 9.30
CA TYR F 169 9.81 -48.93 10.38
C TYR F 169 9.22 -49.37 11.73
N ALA F 170 7.88 -49.38 11.88
CA ALA F 170 7.23 -49.78 13.14
C ALA F 170 7.70 -51.17 13.58
N LEU F 171 7.80 -52.10 12.64
CA LEU F 171 8.24 -53.49 12.98
C LEU F 171 9.67 -53.41 13.54
N GLN F 172 10.55 -52.65 12.86
CA GLN F 172 11.95 -52.48 13.31
C GLN F 172 11.96 -51.99 14.75
N SER F 173 11.12 -50.99 15.09
CA SER F 173 11.08 -50.40 16.46
C SER F 173 10.70 -51.51 17.45
N GLN F 174 9.66 -52.31 17.12
CA GLN F 174 9.20 -53.37 18.04
C GLN F 174 10.31 -54.40 18.21
N GLN F 175 10.94 -54.83 17.12
CA GLN F 175 12.00 -55.88 17.22
C GLN F 175 13.18 -55.39 18.04
N ARG F 176 13.66 -54.17 17.76
CA ARG F 176 14.86 -53.61 18.43
C ARG F 176 14.52 -53.42 19.91
N MET F 177 13.32 -52.95 20.21
CA MET F 177 12.93 -52.73 21.62
C MET F 177 12.86 -54.10 22.34
N ALA F 178 12.28 -55.12 21.71
CA ALA F 178 12.14 -56.47 22.32
C ALA F 178 13.53 -57.03 22.65
N ARG F 179 14.43 -56.99 21.67
CA ARG F 179 15.83 -57.44 21.86
C ARG F 179 16.48 -56.64 23.00
N ALA F 180 16.32 -55.32 23.04
CA ALA F 180 16.99 -54.52 24.08
C ALA F 180 16.40 -54.90 25.43
N GLN F 181 15.10 -55.21 25.47
CA GLN F 181 14.47 -55.61 26.75
C GLN F 181 15.06 -56.94 27.20
N ALA F 182 15.09 -57.94 26.32
CA ALA F 182 15.61 -59.30 26.63
C ALA F 182 17.09 -59.21 27.02
N ASP F 183 17.84 -58.22 26.51
CA ASP F 183 19.26 -58.06 26.88
C ASP F 183 19.42 -57.22 28.16
N GLY F 184 18.33 -56.85 28.82
CA GLY F 184 18.35 -56.06 30.07
C GLY F 184 18.91 -54.63 29.87
N LEU F 185 18.75 -54.02 28.70
CA LEU F 185 19.41 -52.72 28.45
C LEU F 185 18.68 -51.59 29.19
N PHE F 186 17.57 -51.84 29.90
CA PHE F 186 16.79 -50.79 30.58
C PHE F 186 16.86 -50.97 32.08
N ALA F 187 17.56 -51.99 32.57
CA ALA F 187 17.59 -52.37 34.00
C ALA F 187 18.14 -51.23 34.85
N ASP F 188 19.11 -50.48 34.36
CA ASP F 188 19.75 -49.39 35.13
C ASP F 188 18.99 -48.06 34.92
N GLU F 189 18.25 -47.87 33.83
CA GLU F 189 17.58 -46.58 33.56
C GLU F 189 16.19 -46.56 34.21
N ILE F 190 15.50 -47.69 34.30
CA ILE F 190 14.15 -47.74 34.92
C ILE F 190 14.25 -47.98 36.40
N VAL F 191 13.54 -47.14 37.18
CA VAL F 191 13.42 -47.29 38.64
C VAL F 191 11.98 -47.70 38.90
N PRO F 192 11.78 -48.82 39.63
CA PRO F 192 10.43 -49.31 39.89
C PRO F 192 9.69 -48.30 40.76
N MET F 193 8.38 -48.22 40.58
CA MET F 193 7.52 -47.38 41.41
C MET F 193 6.29 -48.18 41.83
N THR F 194 5.96 -48.08 43.10
CA THR F 194 4.76 -48.74 43.69
C THR F 194 3.56 -47.84 43.46
N THR F 195 2.44 -48.42 43.04
CA THR F 195 1.22 -47.65 42.72
C THR F 195 -0.03 -48.26 43.36
N ARG F 196 -1.07 -47.43 43.45
CA ARG F 196 -2.48 -47.86 43.44
C ARG F 196 -3.02 -47.61 42.03
N TYR F 197 -3.78 -48.52 41.46
CA TYR F 197 -4.32 -48.32 40.08
C TYR F 197 -5.70 -48.91 39.91
N ALA F 198 -6.45 -48.38 38.96
CA ALA F 198 -7.89 -48.65 38.80
C ALA F 198 -8.04 -49.74 37.75
N VAL F 199 -8.96 -50.68 38.01
CA VAL F 199 -9.41 -51.69 37.01
C VAL F 199 -10.93 -51.69 37.03
N GLU F 200 -11.54 -52.05 35.91
CA GLU F 200 -12.96 -52.39 35.79
C GLU F 200 -12.95 -53.62 34.91
N ASP F 201 -13.61 -54.71 35.32
CA ASP F 201 -13.88 -55.82 34.38
C ASP F 201 -14.98 -55.32 33.41
N LYS F 202 -14.78 -55.44 32.10
CA LYS F 202 -15.79 -55.05 31.09
C LYS F 202 -17.04 -55.92 31.29
N ALA F 203 -16.85 -57.22 31.57
CA ALA F 203 -17.91 -58.27 31.58
C ALA F 203 -18.71 -58.24 32.91
N SER F 204 -18.03 -58.11 34.07
CA SER F 204 -18.62 -58.17 35.44
C SER F 204 -19.12 -56.79 35.88
N GLY F 205 -18.55 -55.71 35.34
CA GLY F 205 -18.74 -54.33 35.84
C GLY F 205 -17.94 -54.07 37.12
N GLU F 206 -17.06 -54.99 37.54
CA GLU F 206 -16.33 -54.86 38.83
C GLU F 206 -15.20 -53.83 38.64
N LYS F 207 -15.32 -52.70 39.34
CA LYS F 207 -14.24 -51.70 39.62
C LYS F 207 -13.53 -52.08 40.92
N GLN F 208 -12.22 -51.90 40.92
CA GLN F 208 -11.37 -52.07 42.10
C GLN F 208 -10.22 -51.07 41.93
N VAL F 209 -9.67 -50.61 43.05
CA VAL F 209 -8.29 -50.08 43.12
C VAL F 209 -7.40 -51.22 43.63
N LEU F 210 -6.33 -51.53 42.91
CA LEU F 210 -5.40 -52.64 43.24
C LEU F 210 -4.02 -52.09 43.58
N ASP F 211 -3.20 -52.89 44.27
CA ASP F 211 -1.77 -52.57 44.48
C ASP F 211 -0.99 -53.04 43.25
N GLY F 212 -0.03 -52.26 42.78
CA GLY F 212 0.81 -52.60 41.62
C GLY F 212 2.21 -52.04 41.73
N VAL F 213 3.05 -52.44 40.80
CA VAL F 213 4.40 -51.86 40.65
C VAL F 213 4.58 -51.61 39.17
N VAL F 214 5.02 -50.40 38.76
CA VAL F 214 5.50 -50.22 37.37
C VAL F 214 7.00 -50.49 37.41
N ASP F 215 7.51 -51.48 36.68
CA ASP F 215 8.96 -51.82 36.76
C ASP F 215 9.55 -52.14 35.39
N ARG F 216 8.81 -51.89 34.30
CA ARG F 216 9.23 -52.12 32.91
C ARG F 216 8.27 -51.29 32.04
N ASP F 217 8.62 -51.14 30.78
CA ASP F 217 7.77 -50.59 29.70
C ASP F 217 6.85 -51.72 29.30
N ASP F 218 5.53 -51.51 29.34
CA ASP F 218 4.51 -52.58 29.17
C ASP F 218 3.80 -52.42 27.81
N CYS F 219 4.00 -51.33 27.05
CA CYS F 219 3.18 -51.04 25.86
C CYS F 219 3.72 -51.76 24.64
N ASN F 220 4.91 -52.34 24.65
CA ASN F 220 5.47 -52.88 23.38
C ASN F 220 4.93 -54.28 23.06
N ARG F 221 5.08 -54.74 21.82
CA ARG F 221 4.52 -56.04 21.35
C ARG F 221 5.62 -56.77 20.58
N PRO F 222 6.41 -57.62 21.27
CA PRO F 222 7.53 -58.31 20.66
C PRO F 222 7.12 -59.23 19.49
N ASP F 223 5.86 -59.69 19.45
CA ASP F 223 5.45 -60.64 18.39
C ASP F 223 4.76 -59.88 17.26
N THR F 224 4.88 -58.55 17.20
CA THR F 224 4.39 -57.75 16.06
C THR F 224 4.96 -58.35 14.77
N THR F 225 4.16 -58.39 13.73
CA THR F 225 4.62 -58.83 12.39
C THR F 225 4.24 -57.79 11.36
N LEU F 226 4.90 -57.83 10.20
CA LEU F 226 4.55 -56.91 9.11
C LEU F 226 3.10 -57.17 8.66
N GLU F 227 2.68 -58.43 8.55
CA GLU F 227 1.30 -58.71 8.07
C GLU F 227 0.28 -58.17 9.06
N GLY F 228 0.58 -58.26 10.36
CA GLY F 228 -0.27 -57.66 11.40
C GLY F 228 -0.38 -56.16 11.15
N LEU F 229 0.76 -55.48 11.05
CA LEU F 229 0.72 -54.01 10.89
C LEU F 229 -0.03 -53.63 9.62
N ALA F 230 0.17 -54.38 8.53
CA ALA F 230 -0.48 -54.13 7.22
C ALA F 230 -2.01 -54.31 7.29
N SER F 231 -2.54 -55.00 8.29
CA SER F 231 -3.99 -55.30 8.42
C SER F 231 -4.72 -54.23 9.23
N LEU F 232 -3.99 -53.35 9.94
CA LEU F 232 -4.60 -52.36 10.87
C LEU F 232 -5.35 -51.29 10.10
N LYS F 233 -6.38 -50.72 10.73
CA LYS F 233 -7.20 -49.67 10.07
C LYS F 233 -6.46 -48.35 10.27
N PRO F 234 -6.57 -47.43 9.29
CA PRO F 234 -6.00 -46.08 9.40
C PRO F 234 -6.63 -45.33 10.59
N ALA F 235 -5.82 -44.60 11.35
CA ALA F 235 -6.28 -43.95 12.59
C ALA F 235 -6.75 -42.52 12.31
N PHE F 236 -6.27 -41.84 11.25
CA PHE F 236 -6.48 -40.37 11.17
C PHE F 236 -7.14 -39.95 9.87
N ALA F 237 -7.29 -40.83 8.91
CA ALA F 237 -7.95 -40.52 7.62
C ALA F 237 -8.54 -41.81 7.07
N GLU F 238 -9.71 -41.73 6.40
CA GLU F 238 -10.46 -42.92 5.88
C GLU F 238 -9.56 -43.68 4.89
N ASP F 239 -8.84 -42.98 4.03
CA ASP F 239 -7.96 -43.64 3.03
C ASP F 239 -6.51 -43.59 3.53
N GLY F 240 -6.26 -43.62 4.84
CA GLY F 240 -4.97 -43.17 5.41
C GLY F 240 -3.93 -44.26 5.46
N SER F 241 -2.70 -43.91 5.84
CA SER F 241 -1.55 -44.84 5.98
C SER F 241 -1.13 -44.93 7.45
N VAL F 242 -1.48 -43.90 8.23
CA VAL F 242 -1.04 -43.83 9.65
C VAL F 242 -2.08 -44.61 10.45
N THR F 243 -1.58 -45.48 11.33
CA THR F 243 -2.36 -46.44 12.15
C THR F 243 -1.83 -46.40 13.58
N ALA F 244 -2.53 -47.04 14.50
CA ALA F 244 -2.10 -47.18 15.90
C ALA F 244 -0.78 -47.95 15.95
N GLY F 245 -0.55 -48.82 14.96
CA GLY F 245 0.63 -49.70 14.87
C GLY F 245 1.91 -48.98 14.46
N ASN F 246 1.79 -47.92 13.67
CA ASN F 246 3.01 -47.17 13.18
C ASN F 246 3.00 -45.75 13.73
N ALA F 247 2.30 -45.54 14.85
CA ALA F 247 2.27 -44.27 15.60
C ALA F 247 2.64 -44.56 17.05
N SER F 248 3.12 -43.53 17.73
CA SER F 248 3.53 -43.71 19.12
C SER F 248 2.25 -44.04 19.93
N GLN F 249 2.42 -44.74 21.02
CA GLN F 249 1.27 -45.08 21.89
C GLN F 249 1.15 -43.99 22.96
N LEU F 250 -0.01 -43.98 23.60
CA LEU F 250 -0.30 -43.14 24.79
C LEU F 250 0.20 -43.90 26.02
N SER F 251 1.25 -43.40 26.64
CA SER F 251 1.78 -43.98 27.91
C SER F 251 2.08 -42.83 28.89
N ASP F 252 2.13 -43.18 30.16
CA ASP F 252 2.39 -42.27 31.31
C ASP F 252 3.80 -42.53 31.82
N GLY F 253 4.53 -41.48 32.20
CA GLY F 253 5.84 -41.70 32.84
C GLY F 253 6.60 -40.41 33.12
N ALA F 254 7.75 -40.52 33.78
CA ALA F 254 8.59 -39.38 34.20
C ALA F 254 10.05 -39.79 34.02
N SER F 255 10.92 -38.84 33.67
CA SER F 255 12.37 -39.03 33.57
C SER F 255 13.03 -37.79 34.15
N MET F 256 14.05 -37.97 35.00
CA MET F 256 14.81 -36.84 35.54
C MET F 256 16.31 -37.13 35.41
N THR F 257 17.04 -36.05 35.18
CA THR F 257 18.46 -36.07 34.79
C THR F 257 19.24 -35.23 35.82
N LEU F 258 20.35 -35.78 36.33
CA LEU F 258 21.28 -35.11 37.26
C LEU F 258 22.41 -34.49 36.43
N LEU F 259 22.49 -33.15 36.41
CA LEU F 259 23.56 -32.43 35.68
C LEU F 259 24.43 -31.69 36.70
N MET F 260 25.72 -31.62 36.43
CA MET F 260 26.59 -30.74 37.24
C MET F 260 27.80 -30.33 36.40
N SER F 261 28.52 -29.28 36.81
CA SER F 261 29.82 -28.96 36.18
C SER F 261 30.74 -30.18 36.31
N LEU F 262 31.65 -30.36 35.36
CA LEU F 262 32.70 -31.40 35.44
C LEU F 262 33.46 -31.17 36.74
N GLU F 263 33.79 -29.91 37.03
CA GLU F 263 34.51 -29.56 38.27
C GLU F 263 33.78 -30.16 39.49
N LYS F 264 32.46 -29.99 39.59
CA LYS F 264 31.74 -30.44 40.79
C LYS F 264 31.69 -31.98 40.87
N ALA F 265 31.45 -32.65 39.73
CA ALA F 265 31.40 -34.14 39.63
C ALA F 265 32.66 -34.72 40.26
N LEU F 266 33.78 -34.14 39.85
CA LEU F 266 35.16 -34.46 40.32
C LEU F 266 35.24 -34.29 41.82
N ALA F 267 34.83 -33.13 42.34
CA ALA F 267 34.90 -32.83 43.77
C ALA F 267 34.05 -33.82 44.55
N LEU F 268 32.97 -34.32 43.97
CA LEU F 268 32.05 -35.25 44.69
C LEU F 268 32.48 -36.71 44.48
N GLY F 269 33.44 -36.98 43.60
CA GLY F 269 33.81 -38.37 43.23
C GLY F 269 32.69 -39.09 42.50
N LEU F 270 31.87 -38.37 41.73
CA LEU F 270 30.81 -38.95 40.87
C LEU F 270 31.37 -39.11 39.48
N GLU F 271 31.01 -40.19 38.80
CA GLU F 271 31.49 -40.52 37.45
C GLU F 271 30.60 -39.81 36.44
N PRO F 272 31.16 -38.89 35.62
CA PRO F 272 30.42 -38.28 34.53
C PRO F 272 30.16 -39.32 33.43
N LYS F 273 28.96 -39.32 32.85
CA LYS F 273 28.58 -40.23 31.75
C LYS F 273 28.77 -39.55 30.41
N ALA F 274 28.39 -38.27 30.31
CA ALA F 274 28.40 -37.51 29.05
C ALA F 274 28.45 -36.00 29.32
N PHE F 275 28.98 -35.31 28.33
CA PHE F 275 28.97 -33.85 28.19
C PHE F 275 27.71 -33.46 27.42
N PHE F 276 27.01 -32.44 27.91
CA PHE F 276 26.08 -31.62 27.12
C PHE F 276 26.88 -30.75 26.18
N ARG F 277 26.63 -30.82 24.88
CA ARG F 277 27.42 -30.08 23.86
C ARG F 277 26.55 -29.14 23.02
N GLY F 278 25.27 -28.94 23.37
CA GLY F 278 24.53 -27.85 22.73
C GLY F 278 23.14 -28.29 22.38
N PHE F 279 22.30 -27.31 22.09
CA PHE F 279 20.87 -27.49 21.81
C PHE F 279 20.42 -26.44 20.80
N THR F 280 19.59 -26.83 19.83
CA THR F 280 18.94 -25.91 18.88
C THR F 280 17.45 -26.24 18.72
N VAL F 281 16.68 -25.23 18.33
CA VAL F 281 15.26 -25.38 17.91
C VAL F 281 15.11 -24.67 16.57
N ALA F 282 14.07 -25.02 15.82
CA ALA F 282 13.76 -24.43 14.52
C ALA F 282 12.25 -24.51 14.37
N GLY F 283 11.70 -23.61 13.58
CA GLY F 283 10.28 -23.53 13.31
C GLY F 283 9.99 -24.17 11.97
N CYS F 284 8.79 -24.72 11.78
CA CYS F 284 8.35 -25.19 10.47
C CYS F 284 6.85 -25.03 10.42
N GLU F 285 6.23 -25.40 9.28
CA GLU F 285 4.76 -25.36 9.14
C GLU F 285 4.15 -26.31 10.18
N PRO F 286 3.18 -25.86 10.98
CA PRO F 286 2.52 -26.76 11.94
C PRO F 286 1.88 -27.98 11.29
N ASP F 287 1.34 -27.82 10.07
CA ASP F 287 0.59 -28.92 9.42
C ASP F 287 1.58 -30.02 9.08
N GLU F 288 2.89 -29.74 9.10
CA GLU F 288 3.89 -30.80 8.85
C GLU F 288 4.93 -30.82 9.97
N MET F 289 4.46 -30.69 11.20
CA MET F 289 5.36 -30.52 12.38
C MET F 289 6.33 -31.69 12.47
N GLY F 290 5.97 -32.89 12.00
CA GLY F 290 6.83 -34.07 12.04
C GLY F 290 8.22 -33.87 11.40
N ILE F 291 8.37 -32.93 10.47
CA ILE F 291 9.66 -32.77 9.75
C ILE F 291 10.58 -31.85 10.53
N GLY F 292 10.11 -31.24 11.62
CA GLY F 292 10.92 -30.33 12.48
C GLY F 292 12.42 -30.63 12.53
N PRO F 293 12.86 -31.83 12.95
CA PRO F 293 14.30 -32.13 13.04
C PRO F 293 15.10 -31.85 11.75
N VAL F 294 14.50 -31.87 10.56
CA VAL F 294 15.32 -31.63 9.32
C VAL F 294 15.78 -30.15 9.32
N PHE F 295 15.19 -29.25 10.13
CA PHE F 295 15.61 -27.83 10.27
C PHE F 295 16.50 -27.62 11.50
N SER F 296 16.20 -28.30 12.61
CA SER F 296 16.96 -28.07 13.88
C SER F 296 18.28 -28.84 13.86
N VAL F 297 18.34 -30.00 13.20
CA VAL F 297 19.56 -30.84 13.28
C VAL F 297 20.72 -30.11 12.54
N PRO F 298 20.51 -29.58 11.32
CA PRO F 298 21.62 -28.93 10.59
C PRO F 298 22.12 -27.70 11.35
N LYS F 299 21.23 -26.91 11.97
CA LYS F 299 21.62 -25.78 12.85
C LYS F 299 22.54 -26.29 13.95
N LEU F 300 22.28 -27.44 14.58
CA LEU F 300 23.08 -27.89 15.74
C LEU F 300 24.47 -28.34 15.27
N LEU F 301 24.51 -29.11 14.20
CA LEU F 301 25.78 -29.68 13.68
C LEU F 301 26.71 -28.55 13.20
N LYS F 302 26.15 -27.52 12.56
CA LYS F 302 26.89 -26.33 12.07
C LYS F 302 27.44 -25.57 13.29
N ALA F 303 26.61 -25.23 14.27
CA ALA F 303 27.02 -24.54 15.51
C ALA F 303 28.16 -25.30 16.16
N LYS F 304 28.19 -26.62 16.07
CA LYS F 304 29.20 -27.42 16.83
C LYS F 304 30.30 -27.97 15.90
N GLY F 305 30.26 -27.68 14.60
CA GLY F 305 31.34 -28.08 13.67
C GLY F 305 31.39 -29.58 13.44
N LEU F 306 30.23 -30.25 13.32
CA LEU F 306 30.15 -31.69 13.00
C LEU F 306 29.37 -31.83 11.70
N LYS F 307 29.55 -32.98 11.07
CA LYS F 307 28.75 -33.46 9.92
C LYS F 307 27.84 -34.59 10.45
N ILE F 308 26.79 -34.92 9.70
CA ILE F 308 25.93 -36.12 9.96
C ILE F 308 26.81 -37.33 10.33
N ALA F 309 27.82 -37.60 9.50
CA ALA F 309 28.68 -38.80 9.62
C ALA F 309 29.38 -38.87 10.97
N ASP F 310 29.62 -37.74 11.64
CA ASP F 310 30.33 -37.71 12.94
C ASP F 310 29.46 -38.25 14.07
N VAL F 311 28.14 -38.28 13.86
CA VAL F 311 27.20 -38.68 14.93
C VAL F 311 27.14 -40.22 14.96
N ASP F 312 27.52 -40.81 16.08
CA ASP F 312 27.55 -42.28 16.25
C ASP F 312 26.14 -42.84 16.50
N LEU F 313 25.27 -42.17 17.27
CA LEU F 313 23.88 -42.65 17.55
C LEU F 313 22.88 -41.50 17.52
N TRP F 314 21.69 -41.79 17.03
CA TRP F 314 20.54 -40.86 16.97
C TRP F 314 19.39 -41.43 17.80
N GLU F 315 18.81 -40.63 18.68
CA GLU F 315 17.46 -40.88 19.24
C GLU F 315 16.58 -39.82 18.63
N LEU F 316 15.86 -40.12 17.54
CA LEU F 316 14.92 -39.20 16.91
C LEU F 316 13.53 -39.75 17.25
N ASN F 317 12.74 -38.99 17.99
CA ASN F 317 11.49 -39.53 18.58
C ASN F 317 10.63 -40.15 17.48
N GLU F 318 10.11 -41.34 17.76
CA GLU F 318 9.23 -42.04 16.80
C GLU F 318 7.82 -41.57 17.07
N ALA F 319 7.52 -40.28 16.91
CA ALA F 319 6.12 -39.77 17.08
C ALA F 319 5.19 -40.54 16.10
N PHE F 320 5.57 -40.60 14.83
CA PHE F 320 4.85 -41.37 13.77
C PHE F 320 5.91 -41.93 12.84
N ALA F 321 5.78 -43.17 12.41
CA ALA F 321 6.70 -43.74 11.40
C ALA F 321 6.79 -42.77 10.21
N SER F 322 5.71 -42.16 9.75
CA SER F 322 5.71 -41.25 8.58
C SER F 322 6.80 -40.18 8.76
N GLN F 323 6.80 -39.45 9.87
CA GLN F 323 7.78 -38.34 10.04
C GLN F 323 9.15 -38.90 10.41
N CYS F 324 9.20 -39.94 11.24
CA CYS F 324 10.44 -40.54 11.73
C CYS F 324 11.27 -41.01 10.53
N LEU F 325 10.60 -41.58 9.52
CA LEU F 325 11.28 -42.05 8.27
C LEU F 325 11.69 -40.85 7.39
N TYR F 326 10.82 -39.87 7.19
CA TYR F 326 11.14 -38.64 6.40
C TYR F 326 12.40 -37.97 6.99
N CYS F 327 12.49 -37.81 8.31
CA CYS F 327 13.65 -37.17 8.96
C CYS F 327 14.91 -38.01 8.68
N ARG F 328 14.86 -39.32 8.90
CA ARG F 328 16.01 -40.23 8.73
C ARG F 328 16.57 -40.07 7.31
N ASP F 329 15.71 -40.09 6.31
CA ASP F 329 16.12 -40.19 4.89
C ASP F 329 16.46 -38.79 4.35
N ARG F 330 15.74 -37.74 4.79
CA ARG F 330 16.07 -36.34 4.38
C ARG F 330 17.45 -36.00 4.91
N LEU F 331 17.78 -36.39 6.15
CA LEU F 331 19.07 -36.07 6.78
C LEU F 331 20.11 -37.11 6.34
N GLU F 332 19.70 -38.14 5.62
CA GLU F 332 20.61 -39.18 5.09
C GLU F 332 21.36 -39.85 6.25
N ILE F 333 20.64 -40.26 7.30
CA ILE F 333 21.22 -40.93 8.48
C ILE F 333 21.20 -42.45 8.25
N ASP F 334 22.25 -43.11 8.72
CA ASP F 334 22.42 -44.58 8.65
C ASP F 334 21.43 -45.24 9.60
N ASN F 335 20.50 -46.03 9.04
CA ASN F 335 19.49 -46.82 9.80
C ASN F 335 20.14 -47.65 10.92
N GLU F 336 21.39 -48.14 10.76
CA GLU F 336 22.05 -48.93 11.83
C GLU F 336 22.46 -48.04 13.00
N LYS F 337 22.40 -46.72 12.87
CA LYS F 337 22.82 -45.78 13.94
C LYS F 337 21.59 -45.05 14.50
N TYR F 338 20.39 -45.44 14.06
CA TYR F 338 19.15 -44.65 14.23
C TYR F 338 18.18 -45.39 15.17
N ASN F 339 17.88 -44.85 16.35
CA ASN F 339 16.91 -45.48 17.28
C ASN F 339 17.25 -46.97 17.34
N VAL F 340 18.47 -47.26 17.83
CA VAL F 340 19.06 -48.62 17.72
C VAL F 340 18.35 -49.61 18.64
N ASN F 341 17.61 -49.14 19.65
CA ASN F 341 16.82 -50.00 20.55
C ASN F 341 15.33 -49.67 20.37
N GLY F 342 14.93 -49.12 19.23
CA GLY F 342 13.54 -48.72 18.96
C GLY F 342 13.13 -47.54 19.86
N GLY F 343 11.85 -47.34 20.12
CA GLY F 343 11.40 -46.06 20.71
C GLY F 343 9.91 -45.98 20.86
N SER F 344 9.36 -44.76 20.78
CA SER F 344 7.96 -44.42 21.19
C SER F 344 6.88 -45.21 20.43
N ILE F 345 7.13 -45.76 19.23
CA ILE F 345 6.14 -46.64 18.54
C ILE F 345 5.92 -47.87 19.43
N ALA F 346 6.98 -48.37 20.03
CA ALA F 346 6.94 -49.56 20.90
C ALA F 346 6.44 -49.17 22.29
N ILE F 347 6.95 -48.10 22.92
CA ILE F 347 6.77 -47.91 24.39
C ILE F 347 5.91 -46.70 24.72
N GLY F 348 5.62 -45.86 23.75
CA GLY F 348 4.72 -44.69 23.92
C GLY F 348 5.48 -43.38 24.12
N HIS F 349 4.78 -42.27 23.98
CA HIS F 349 5.32 -40.88 23.99
C HIS F 349 4.57 -40.04 25.00
N PRO F 350 4.95 -40.11 26.29
CA PRO F 350 4.42 -39.21 27.30
C PRO F 350 5.16 -37.89 27.07
N PHE F 351 4.53 -36.94 26.40
CA PHE F 351 5.14 -35.76 25.72
C PHE F 351 6.33 -35.19 26.52
N GLY F 352 6.08 -34.75 27.75
CA GLY F 352 7.07 -34.02 28.57
C GLY F 352 8.28 -34.86 28.92
N MET F 353 8.13 -36.16 29.11
CA MET F 353 9.25 -36.99 29.64
C MET F 353 10.17 -37.47 28.51
N THR F 354 9.66 -37.62 27.31
CA THR F 354 10.36 -38.36 26.22
C THR F 354 11.78 -37.82 26.03
N GLY F 355 11.97 -36.51 25.90
CA GLY F 355 13.30 -35.94 25.61
C GLY F 355 14.32 -36.34 26.67
N SER F 356 13.94 -36.40 27.95
CA SER F 356 14.82 -36.80 29.08
C SER F 356 15.02 -38.32 29.01
N ARG F 357 13.99 -39.10 28.70
CA ARG F 357 14.18 -40.54 28.49
C ARG F 357 15.25 -40.74 27.41
N GLN F 358 15.10 -40.07 26.26
CA GLN F 358 16.03 -40.23 25.10
C GLN F 358 17.45 -39.88 25.54
N VAL F 359 17.64 -38.80 26.27
CA VAL F 359 19.00 -38.39 26.72
C VAL F 359 19.57 -39.49 27.60
N GLY F 360 18.80 -39.99 28.59
CA GLY F 360 19.31 -41.00 29.54
C GLY F 360 19.70 -42.30 28.84
N HIS F 361 18.95 -42.66 27.81
CA HIS F 361 19.15 -43.91 27.03
C HIS F 361 20.34 -43.69 26.10
N LEU F 362 20.39 -42.55 25.41
CA LEU F 362 21.45 -42.27 24.41
C LEU F 362 22.80 -42.35 25.12
N VAL F 363 22.94 -41.78 26.30
CA VAL F 363 24.25 -41.72 27.01
C VAL F 363 24.66 -43.13 27.47
N ARG F 364 23.72 -43.95 27.91
CA ARG F 364 24.02 -45.35 28.31
C ARG F 364 24.44 -46.15 27.07
N GLU F 365 23.78 -45.96 25.93
CA GLU F 365 24.10 -46.71 24.68
C GLU F 365 25.45 -46.25 24.10
N LEU F 366 25.79 -44.96 24.16
CA LEU F 366 27.12 -44.46 23.70
C LEU F 366 28.19 -45.17 24.52
N HIS F 367 28.02 -45.20 25.84
CA HIS F 367 28.96 -45.84 26.80
C HIS F 367 29.02 -47.33 26.47
N ARG F 368 27.87 -48.01 26.43
CA ARG F 368 27.84 -49.46 26.17
C ARG F 368 28.61 -49.77 24.88
N ARG F 369 28.44 -49.00 23.80
CA ARG F 369 29.07 -49.28 22.47
C ARG F 369 30.44 -48.61 22.32
N ASN F 370 30.98 -48.03 23.38
CA ASN F 370 32.25 -47.26 23.35
C ASN F 370 32.23 -46.24 22.20
N LEU F 371 31.15 -45.45 22.06
CA LEU F 371 31.07 -44.41 21.01
C LEU F 371 31.16 -43.00 21.66
N ARG F 372 31.12 -41.97 20.82
CA ARG F 372 31.45 -40.57 21.18
C ARG F 372 30.21 -39.67 21.13
N TYR F 373 29.75 -39.31 19.94
CA TYR F 373 28.68 -38.30 19.75
C TYR F 373 27.32 -38.98 19.49
N GLY F 374 26.31 -38.48 20.20
CA GLY F 374 24.89 -38.78 19.95
C GLY F 374 24.03 -37.53 19.93
N VAL F 375 22.96 -37.58 19.17
CA VAL F 375 21.97 -36.49 19.05
C VAL F 375 20.63 -37.04 19.58
N VAL F 376 19.95 -36.27 20.43
CA VAL F 376 18.51 -36.47 20.74
C VAL F 376 17.76 -35.41 19.96
N THR F 377 16.82 -35.79 19.10
CA THR F 377 16.01 -34.79 18.35
C THR F 377 14.57 -35.29 18.21
N MET F 378 13.65 -34.38 17.98
CA MET F 378 12.21 -34.67 17.92
C MET F 378 11.47 -33.54 17.25
N CYS F 379 10.44 -33.92 16.51
CA CYS F 379 9.39 -33.01 16.08
C CYS F 379 8.63 -32.56 17.32
N VAL F 380 7.94 -31.44 17.17
CA VAL F 380 7.17 -30.81 18.27
C VAL F 380 5.86 -30.31 17.69
N GLY F 381 4.77 -30.67 18.35
CA GLY F 381 3.45 -30.19 17.95
C GLY F 381 3.44 -28.67 17.98
N GLY F 382 2.90 -28.05 16.94
CA GLY F 382 2.98 -26.58 16.74
C GLY F 382 4.01 -26.21 15.66
N GLY F 383 4.81 -27.17 15.20
CA GLY F 383 5.74 -27.02 14.06
C GLY F 383 7.11 -26.55 14.54
N MET F 384 7.81 -27.42 15.26
CA MET F 384 9.23 -27.21 15.59
C MET F 384 10.00 -28.53 15.52
N GLY F 385 11.33 -28.39 15.45
CA GLY F 385 12.31 -29.42 15.74
C GLY F 385 13.17 -28.90 16.88
N ALA F 386 13.57 -29.80 17.76
CA ALA F 386 14.54 -29.56 18.86
C ALA F 386 15.64 -30.61 18.70
N SER F 387 16.91 -30.23 18.94
CA SER F 387 18.07 -31.14 18.74
C SER F 387 19.08 -30.84 19.84
N GLY F 388 19.60 -31.88 20.43
CA GLY F 388 20.62 -31.80 21.49
C GLY F 388 21.80 -32.68 21.16
N LEU F 389 23.00 -32.19 21.43
CA LEU F 389 24.25 -32.94 21.14
C LEU F 389 24.85 -33.34 22.46
N PHE F 390 25.23 -34.61 22.58
CA PHE F 390 25.82 -35.16 23.80
C PHE F 390 27.11 -35.87 23.39
N GLU F 391 28.10 -35.87 24.26
CA GLU F 391 29.41 -36.51 23.99
C GLU F 391 29.74 -37.45 25.14
N ALA F 392 29.87 -38.74 24.88
CA ALA F 392 30.24 -39.72 25.92
C ALA F 392 31.60 -39.33 26.50
N VAL F 393 31.76 -39.39 27.82
CA VAL F 393 33.10 -39.26 28.47
C VAL F 393 33.79 -40.60 28.27
N ARG F 394 34.80 -40.69 27.39
CA ARG F 394 35.49 -41.96 27.09
C ARG F 394 36.69 -42.09 28.03
N LEU F 395 36.41 -42.42 29.31
CA LEU F 395 37.39 -42.65 30.43
C LEU F 395 38.10 -43.99 30.21
#